data_2VA8
#
_entry.id   2VA8
#
_cell.length_a   61.657
_cell.length_b   138.083
_cell.length_c   107.551
_cell.angle_alpha   90.00
_cell.angle_beta   94.65
_cell.angle_gamma   90.00
#
_symmetry.space_group_name_H-M   'P 1 21 1'
#
loop_
_entity.id
_entity.type
_entity.pdbx_description
1 polymer 'SKI2-TYPE HELICASE'
2 non-polymer 'SULFATE ION'
3 water water
#
_entity_poly.entity_id   1
_entity_poly.type   'polypeptide(L)'
_entity_poly.pdbx_seq_one_letter_code
;MGLELEWMPIEDLKLPSNVIEIIKKRGIKKLNPPQTEAVKKGLLEGNRLLLTSPTGSGKTLIAEMGIISFLLKNGGKAIY
VTPLRALTNEKYLTFKDWELIGFKVAMTSGDYDTDDAWLKNYDIIITTYEKLDSLWRHRPEWLNEVNYFVLDELHYLNDP
ERGPVVESVTIRAKRRNLLALSATISNYKQIAKWLGAEPVATNWRPVPLIEGVIYPERKKKEYNVIFKDNTTKKVHGDDA
IIAYTLDSLSKNGQVLVFRNSRKMAESTALKIANYMNFVSLDENALSEILKQLDDIEEGGSDEKELLKSLISKGVAYHHA
GLSKALRDLIEEGFRQRKIKVIVATPTLAAGVNLPARTVIIGDIYRFNKKIAGYYDEIPIMEYKQMSGRAGRPGFDQIGE
SIVVVRDKEDVDRVFKKYVLSDVEPIESKLGSERAFYTFLLGILSAEGNLSEKQLENFAYESLLAKQLVDVYFDRAIRWL
LEHSFIKEEGNTFALTNFGKRVADLYINPFTADIIRKGLEGHKASCELAYLHLLAFTPDGPLVSVGRNEEEELIELLEDL
DCELLIEEPYEEDEYSLYINALKVALIMKDWMDEVDEDTILSKYNIGSGDLRNMVETMDWLTYSAYHLSRELKLNEHADK
LRILNLRVRDGIKEELLELVQISGVGRKRARLLYNNGIKELGDVVMNPDKVKNLLGQKLGEKVVQEAARLLNRFH
;
_entity_poly.pdbx_strand_id   A,B
#
loop_
_chem_comp.id
_chem_comp.type
_chem_comp.name
_chem_comp.formula
SO4 non-polymer 'SULFATE ION' 'O4 S -2'
#
# COMPACT_ATOMS: atom_id res chain seq x y z
N GLU A 6 -12.48 -31.63 -41.99
CA GLU A 6 -11.76 -32.47 -42.99
C GLU A 6 -10.25 -32.28 -42.91
N TRP A 7 -9.51 -33.19 -43.55
CA TRP A 7 -8.06 -33.16 -43.54
C TRP A 7 -7.52 -33.24 -44.96
N MET A 8 -7.29 -32.09 -45.56
CA MET A 8 -6.79 -32.02 -46.93
C MET A 8 -5.34 -32.52 -47.05
N PRO A 9 -5.08 -33.42 -48.02
CA PRO A 9 -3.71 -33.76 -48.40
C PRO A 9 -3.01 -32.53 -48.99
N ILE A 10 -1.76 -32.31 -48.62
CA ILE A 10 -1.05 -31.08 -49.05
C ILE A 10 -0.60 -31.15 -50.52
N GLU A 11 -0.61 -32.34 -51.10
CA GLU A 11 -0.36 -32.51 -52.53
C GLU A 11 -1.54 -32.02 -53.37
N ASP A 12 -2.71 -31.85 -52.74
CA ASP A 12 -3.89 -31.28 -53.38
C ASP A 12 -3.88 -29.76 -53.39
N LEU A 13 -2.87 -29.17 -52.75
CA LEU A 13 -2.75 -27.71 -52.66
C LEU A 13 -2.37 -27.08 -53.99
N LYS A 14 -3.13 -26.06 -54.38
CA LYS A 14 -2.93 -25.38 -55.66
C LYS A 14 -1.72 -24.44 -55.59
N LEU A 15 -0.54 -25.01 -55.39
CA LEU A 15 0.71 -24.27 -55.28
C LEU A 15 1.80 -25.00 -56.08
N PRO A 16 2.91 -24.30 -56.42
CA PRO A 16 4.05 -24.95 -57.11
C PRO A 16 4.63 -26.13 -56.31
N SER A 17 5.25 -27.08 -56.98
CA SER A 17 5.67 -28.33 -56.34
C SER A 17 6.71 -28.22 -55.23
N ASN A 18 7.75 -27.42 -55.45
CA ASN A 18 8.80 -27.26 -54.43
C ASN A 18 8.28 -26.49 -53.21
N VAL A 19 7.15 -25.79 -53.37
CA VAL A 19 6.50 -25.14 -52.24
C VAL A 19 5.85 -26.22 -51.35
N ILE A 20 5.02 -27.06 -51.97
CA ILE A 20 4.39 -28.19 -51.31
C ILE A 20 5.43 -29.06 -50.61
N GLU A 21 6.57 -29.28 -51.29
CA GLU A 21 7.70 -30.02 -50.71
C GLU A 21 8.23 -29.39 -49.43
N ILE A 22 8.46 -28.07 -49.43
CA ILE A 22 8.96 -27.35 -48.25
C ILE A 22 8.04 -27.48 -47.02
N ILE A 23 6.72 -27.53 -47.27
CA ILE A 23 5.73 -27.82 -46.24
C ILE A 23 5.87 -29.27 -45.73
N LYS A 24 6.07 -30.20 -46.68
CA LYS A 24 6.10 -31.63 -46.39
C LYS A 24 7.38 -32.08 -45.67
N LYS A 25 8.45 -31.30 -45.81
CA LYS A 25 9.74 -31.60 -45.16
C LYS A 25 9.63 -31.51 -43.64
N ARG A 26 8.57 -30.83 -43.20
CA ARG A 26 8.32 -30.63 -41.77
C ARG A 26 7.55 -31.77 -41.12
N GLY A 27 7.34 -32.85 -41.88
CA GLY A 27 6.66 -34.04 -41.40
C GLY A 27 5.16 -33.87 -41.36
N ILE A 28 4.64 -33.09 -42.31
CA ILE A 28 3.20 -32.92 -42.48
C ILE A 28 2.74 -33.62 -43.75
N LYS A 29 1.79 -34.55 -43.60
CA LYS A 29 1.16 -35.21 -44.73
C LYS A 29 -0.11 -34.46 -45.17
N LYS A 30 -0.85 -33.92 -44.19
CA LYS A 30 -2.18 -33.35 -44.41
C LYS A 30 -2.37 -32.06 -43.62
N LEU A 31 -3.33 -31.24 -44.06
CA LEU A 31 -3.76 -30.08 -43.32
C LEU A 31 -4.74 -30.45 -42.22
N ASN A 32 -4.63 -29.72 -41.09
CA ASN A 32 -5.61 -29.66 -40.02
C ASN A 32 -7.00 -29.33 -40.55
N PRO A 33 -8.05 -29.59 -39.76
CA PRO A 33 -9.36 -29.03 -40.09
C PRO A 33 -9.45 -27.48 -40.24
N PRO A 34 -8.83 -26.69 -39.34
CA PRO A 34 -9.00 -25.24 -39.58
C PRO A 34 -8.15 -24.71 -40.73
N GLN A 35 -7.01 -25.35 -40.96
CA GLN A 35 -6.15 -25.04 -42.09
C GLN A 35 -6.86 -25.40 -43.38
N THR A 36 -7.50 -26.57 -43.37
CA THR A 36 -8.32 -27.01 -44.50
C THR A 36 -9.47 -26.03 -44.72
N GLU A 37 -10.18 -25.72 -43.63
CA GLU A 37 -11.23 -24.72 -43.65
C GLU A 37 -10.80 -23.37 -44.25
N ALA A 38 -9.65 -22.85 -43.79
CA ALA A 38 -9.07 -21.63 -44.35
C ALA A 38 -8.85 -21.70 -45.88
N VAL A 39 -8.24 -22.79 -46.34
CA VAL A 39 -8.02 -22.99 -47.78
C VAL A 39 -9.34 -22.99 -48.54
N LYS A 40 -10.34 -23.68 -48.00
CA LYS A 40 -11.66 -23.75 -48.62
C LYS A 40 -12.30 -22.36 -48.73
N LYS A 41 -12.04 -21.50 -47.76
CA LYS A 41 -12.57 -20.13 -47.77
C LYS A 41 -11.70 -19.16 -48.58
N GLY A 42 -10.74 -19.69 -49.34
CA GLY A 42 -9.95 -18.89 -50.27
C GLY A 42 -8.78 -18.15 -49.68
N LEU A 43 -8.17 -18.75 -48.65
CA LEU A 43 -6.90 -18.28 -48.12
C LEU A 43 -5.86 -18.03 -49.22
N LEU A 44 -5.73 -18.99 -50.13
CA LEU A 44 -4.74 -18.98 -51.19
C LEU A 44 -5.08 -17.98 -52.28
N GLU A 45 -6.37 -17.67 -52.43
CA GLU A 45 -6.82 -16.67 -53.41
C GLU A 45 -6.66 -15.28 -52.81
N GLY A 46 -6.40 -15.23 -51.52
CA GLY A 46 -6.22 -13.95 -50.84
C GLY A 46 -7.49 -13.27 -50.34
N ASN A 47 -8.57 -14.03 -50.13
CA ASN A 47 -9.76 -13.49 -49.46
C ASN A 47 -9.39 -13.04 -48.05
N ARG A 48 -10.01 -11.96 -47.60
CA ARG A 48 -9.80 -11.44 -46.27
C ARG A 48 -10.55 -12.29 -45.26
N LEU A 49 -9.80 -12.93 -44.37
CA LEU A 49 -10.39 -13.86 -43.43
C LEU A 49 -10.04 -13.49 -41.99
N LEU A 50 -11.01 -13.67 -41.09
CA LEU A 50 -10.74 -13.66 -39.66
C LEU A 50 -10.84 -15.08 -39.13
N LEU A 51 -9.69 -15.65 -38.80
CA LEU A 51 -9.60 -17.02 -38.34
C LEU A 51 -9.32 -17.04 -36.84
N THR A 52 -10.24 -17.62 -36.08
CA THR A 52 -10.07 -17.78 -34.65
C THR A 52 -10.00 -19.26 -34.27
N SER A 53 -9.11 -19.60 -33.36
CA SER A 53 -8.90 -20.98 -32.91
C SER A 53 -7.96 -21.04 -31.69
N PRO A 54 -7.92 -22.19 -30.98
CA PRO A 54 -6.98 -22.43 -29.87
C PRO A 54 -5.47 -22.38 -30.22
N THR A 55 -4.63 -22.60 -29.22
CA THR A 55 -3.20 -22.29 -29.27
C THR A 55 -2.36 -23.09 -30.27
N GLY A 56 -2.38 -24.41 -30.16
CA GLY A 56 -1.57 -25.27 -31.04
C GLY A 56 -2.33 -25.81 -32.23
N SER A 57 -3.05 -24.93 -32.93
CA SER A 57 -3.90 -25.33 -34.06
C SER A 57 -3.20 -25.17 -35.42
N GLY A 58 -1.91 -24.83 -35.40
CA GLY A 58 -1.11 -24.70 -36.63
C GLY A 58 -1.48 -23.48 -37.46
N LYS A 59 -1.71 -22.34 -36.80
CA LYS A 59 -2.06 -21.09 -37.48
C LYS A 59 -0.86 -20.49 -38.19
N THR A 60 0.34 -20.89 -37.79
CA THR A 60 1.58 -20.43 -38.43
C THR A 60 1.60 -20.89 -39.88
N LEU A 61 1.29 -22.16 -40.11
CA LEU A 61 1.21 -22.70 -41.46
C LEU A 61 0.16 -21.98 -42.31
N ILE A 62 -0.98 -21.63 -41.71
CA ILE A 62 -2.00 -20.83 -42.38
C ILE A 62 -1.44 -19.46 -42.82
N ALA A 63 -0.68 -18.82 -41.94
CA ALA A 63 -0.07 -17.53 -42.26
C ALA A 63 0.94 -17.69 -43.39
N GLU A 64 1.78 -18.73 -43.30
CA GLU A 64 2.80 -19.00 -44.30
C GLU A 64 2.16 -19.25 -45.67
N MET A 65 1.14 -20.09 -45.70
CA MET A 65 0.39 -20.33 -46.94
C MET A 65 -0.24 -19.04 -47.49
N GLY A 66 -0.79 -18.21 -46.62
CA GLY A 66 -1.38 -16.95 -47.05
C GLY A 66 -0.35 -16.03 -47.69
N ILE A 67 0.76 -15.82 -47.00
CA ILE A 67 1.84 -14.94 -47.47
C ILE A 67 2.50 -15.42 -48.76
N ILE A 68 2.92 -16.68 -48.77
CA ILE A 68 3.58 -17.25 -49.95
C ILE A 68 2.65 -17.22 -51.16
N SER A 69 1.43 -17.69 -50.97
CA SER A 69 0.45 -17.61 -52.05
C SER A 69 0.28 -16.18 -52.56
N PHE A 70 0.21 -15.20 -51.66
CA PHE A 70 0.01 -13.83 -52.10
C PHE A 70 1.18 -13.31 -52.91
N LEU A 71 2.39 -13.54 -52.39
CA LEU A 71 3.62 -13.10 -53.02
C LEU A 71 3.81 -13.76 -54.37
N LEU A 72 3.49 -15.05 -54.46
CA LEU A 72 3.60 -15.76 -55.73
C LEU A 72 2.63 -15.20 -56.80
N LYS A 73 1.43 -14.82 -56.38
CA LYS A 73 0.43 -14.34 -57.33
C LYS A 73 0.51 -12.83 -57.62
N ASN A 74 1.19 -12.10 -56.74
CA ASN A 74 1.26 -10.63 -56.84
C ASN A 74 2.72 -10.15 -56.68
N GLY A 75 2.98 -8.89 -56.96
CA GLY A 75 4.32 -8.40 -56.64
C GLY A 75 4.65 -8.28 -55.14
N GLY A 76 5.64 -7.44 -54.87
CA GLY A 76 5.75 -6.73 -53.60
C GLY A 76 6.25 -7.50 -52.40
N LYS A 77 5.79 -7.05 -51.23
CA LYS A 77 6.29 -7.55 -49.97
C LYS A 77 5.10 -7.95 -49.08
N ALA A 78 5.39 -8.71 -48.04
CA ALA A 78 4.38 -9.08 -47.05
C ALA A 78 4.93 -8.97 -45.63
N ILE A 79 4.05 -8.63 -44.71
CA ILE A 79 4.43 -8.45 -43.31
C ILE A 79 3.66 -9.43 -42.38
N TYR A 80 4.38 -10.03 -41.45
CA TYR A 80 3.74 -10.78 -40.38
C TYR A 80 3.96 -10.03 -39.07
N VAL A 81 2.86 -9.67 -38.42
CA VAL A 81 2.93 -8.85 -37.21
C VAL A 81 2.27 -9.58 -36.05
N THR A 82 2.91 -9.51 -34.89
CA THR A 82 2.49 -10.23 -33.69
C THR A 82 2.92 -9.43 -32.47
N PRO A 83 2.18 -9.55 -31.35
CA PRO A 83 2.45 -8.66 -30.21
C PRO A 83 3.79 -8.81 -29.50
N LEU A 84 4.29 -10.02 -29.37
CA LEU A 84 5.41 -10.29 -28.48
C LEU A 84 6.65 -10.59 -29.26
N ARG A 85 7.76 -9.99 -28.84
CA ARG A 85 9.08 -10.22 -29.43
C ARG A 85 9.51 -11.69 -29.45
N ALA A 86 9.16 -12.44 -28.39
CA ALA A 86 9.42 -13.88 -28.34
C ALA A 86 8.61 -14.63 -29.40
N LEU A 87 7.47 -14.10 -29.79
CA LEU A 87 6.70 -14.72 -30.87
C LEU A 87 7.18 -14.34 -32.26
N THR A 88 7.74 -13.14 -32.40
CA THR A 88 8.36 -12.72 -33.66
C THR A 88 9.60 -13.55 -33.95
N ASN A 89 10.37 -13.84 -32.90
CA ASN A 89 11.60 -14.59 -33.06
C ASN A 89 11.35 -16.06 -33.46
N GLU A 90 10.32 -16.66 -32.87
CA GLU A 90 9.80 -17.96 -33.25
C GLU A 90 9.44 -18.02 -34.74
N LYS A 91 8.53 -17.14 -35.15
CA LYS A 91 8.02 -17.10 -36.52
C LYS A 91 9.10 -16.82 -37.56
N TYR A 92 10.13 -16.07 -37.15
CA TYR A 92 11.22 -15.73 -38.05
C TYR A 92 11.98 -16.97 -38.47
N LEU A 93 12.22 -17.86 -37.51
CA LEU A 93 12.97 -19.08 -37.73
C LEU A 93 12.23 -20.09 -38.63
N THR A 94 10.90 -20.11 -38.48
CA THR A 94 10.01 -20.90 -39.33
C THR A 94 9.95 -20.34 -40.75
N PHE A 95 9.78 -19.03 -40.87
CA PHE A 95 9.62 -18.40 -42.17
C PHE A 95 10.90 -18.44 -43.00
N LYS A 96 12.04 -18.56 -42.33
CA LYS A 96 13.33 -18.67 -43.03
C LYS A 96 13.43 -19.89 -43.95
N ASP A 97 12.53 -20.85 -43.76
CA ASP A 97 12.47 -22.02 -44.62
C ASP A 97 12.22 -21.60 -46.06
N TRP A 98 11.56 -20.47 -46.22
CA TRP A 98 11.13 -20.01 -47.52
C TRP A 98 12.21 -19.31 -48.33
N GLU A 99 13.40 -19.19 -47.76
CA GLU A 99 14.57 -18.67 -48.49
C GLU A 99 15.03 -19.70 -49.53
N LEU A 100 14.48 -20.90 -49.45
CA LEU A 100 14.75 -21.95 -50.41
C LEU A 100 14.13 -21.65 -51.77
N ILE A 101 12.95 -21.02 -51.77
CA ILE A 101 12.32 -20.61 -53.02
C ILE A 101 12.63 -19.16 -53.35
N GLY A 102 13.75 -18.68 -52.82
CA GLY A 102 14.28 -17.36 -53.13
C GLY A 102 13.62 -16.15 -52.46
N PHE A 103 12.72 -16.39 -51.52
CA PHE A 103 12.16 -15.28 -50.74
C PHE A 103 13.11 -14.87 -49.62
N LYS A 104 13.25 -13.57 -49.43
CA LYS A 104 14.15 -13.04 -48.42
C LYS A 104 13.37 -12.59 -47.19
N VAL A 105 13.70 -13.18 -46.05
CA VAL A 105 12.98 -12.95 -44.80
C VAL A 105 13.81 -12.10 -43.85
N ALA A 106 13.16 -11.14 -43.20
CA ALA A 106 13.83 -10.29 -42.21
C ALA A 106 12.93 -9.91 -41.05
N MET A 107 13.54 -9.53 -39.94
CA MET A 107 12.83 -8.91 -38.82
C MET A 107 13.18 -7.43 -38.80
N THR A 108 12.19 -6.58 -38.58
CA THR A 108 12.43 -5.16 -38.33
C THR A 108 13.33 -5.00 -37.10
N SER A 109 14.08 -3.89 -37.04
CA SER A 109 14.95 -3.61 -35.90
C SER A 109 14.15 -3.21 -34.66
N GLY A 110 14.82 -3.12 -33.51
CA GLY A 110 14.18 -2.67 -32.28
C GLY A 110 14.13 -1.15 -32.10
N ASP A 111 14.81 -0.41 -32.97
CA ASP A 111 14.84 1.05 -32.95
C ASP A 111 13.56 1.62 -33.55
N TYR A 112 12.94 2.58 -32.88
CA TYR A 112 11.78 3.29 -33.44
C TYR A 112 12.19 4.48 -34.31
N ASP A 113 13.35 5.05 -34.00
CA ASP A 113 13.79 6.30 -34.61
C ASP A 113 14.54 6.03 -35.91
N THR A 114 13.90 5.26 -36.79
CA THR A 114 14.48 4.87 -38.09
C THR A 114 13.39 4.32 -39.01
N ASP A 115 13.71 4.24 -40.29
CA ASP A 115 12.76 3.73 -41.27
C ASP A 115 13.14 2.34 -41.80
N ASP A 116 14.20 1.76 -41.24
CA ASP A 116 14.70 0.44 -41.65
C ASP A 116 14.73 0.36 -43.16
N ALA A 117 15.44 1.27 -43.81
CA ALA A 117 15.43 1.40 -45.27
C ALA A 117 16.01 0.16 -45.98
N TRP A 118 16.88 -0.56 -45.27
CA TRP A 118 17.49 -1.80 -45.76
C TRP A 118 16.47 -2.92 -46.03
N LEU A 119 15.23 -2.73 -45.59
CA LEU A 119 14.17 -3.70 -45.83
C LEU A 119 13.67 -3.72 -47.29
N LYS A 120 14.08 -2.72 -48.07
CA LYS A 120 13.78 -2.68 -49.49
C LYS A 120 14.20 -3.98 -50.21
N ASN A 121 15.20 -4.66 -49.66
CA ASN A 121 15.73 -5.89 -50.28
C ASN A 121 15.13 -7.20 -49.71
N TYR A 122 14.06 -7.08 -48.93
CA TYR A 122 13.43 -8.23 -48.29
C TYR A 122 11.97 -8.36 -48.69
N ASP A 123 11.49 -9.61 -48.74
CA ASP A 123 10.14 -9.91 -49.24
C ASP A 123 9.16 -10.22 -48.13
N ILE A 124 9.64 -10.92 -47.10
CA ILE A 124 8.82 -11.29 -45.95
C ILE A 124 9.40 -10.68 -44.68
N ILE A 125 8.57 -9.89 -44.01
CA ILE A 125 9.05 -9.11 -42.89
C ILE A 125 8.24 -9.40 -41.62
N ILE A 126 8.97 -9.75 -40.56
CA ILE A 126 8.35 -10.06 -39.27
C ILE A 126 8.55 -8.87 -38.34
N THR A 127 7.47 -8.41 -37.73
CA THR A 127 7.54 -7.25 -36.84
C THR A 127 6.53 -7.37 -35.68
N THR A 128 6.62 -6.45 -34.72
CA THR A 128 5.61 -6.28 -33.66
C THR A 128 4.71 -5.11 -34.04
N TYR A 129 3.58 -4.95 -33.33
CA TYR A 129 2.65 -3.89 -33.64
C TYR A 129 3.21 -2.48 -33.43
N GLU A 130 3.92 -2.25 -32.33
CA GLU A 130 4.51 -0.94 -32.04
C GLU A 130 5.51 -0.56 -33.14
N LYS A 131 6.37 -1.51 -33.52
CA LYS A 131 7.35 -1.25 -34.55
C LYS A 131 6.72 -0.97 -35.92
N LEU A 132 5.65 -1.69 -36.27
CA LEU A 132 4.99 -1.41 -37.53
C LEU A 132 4.31 -0.04 -37.48
N ASP A 133 3.69 0.26 -36.36
CA ASP A 133 3.06 1.54 -36.13
C ASP A 133 4.08 2.67 -36.26
N SER A 134 5.18 2.55 -35.52
CA SER A 134 6.35 3.43 -35.71
C SER A 134 6.79 3.56 -37.17
N LEU A 135 6.86 2.44 -37.90
CA LEU A 135 7.30 2.49 -39.30
C LEU A 135 6.38 3.34 -40.21
N TRP A 136 5.07 3.18 -40.08
CA TRP A 136 4.10 3.96 -40.87
C TRP A 136 4.23 5.48 -40.67
N ARG A 137 4.47 5.90 -39.43
CA ARG A 137 4.78 7.28 -39.11
C ARG A 137 5.96 7.85 -39.89
N HIS A 138 6.90 6.98 -40.26
CA HIS A 138 8.13 7.36 -40.96
C HIS A 138 7.99 7.38 -42.49
N ARG A 139 6.96 6.69 -42.99
CA ARG A 139 6.60 6.68 -44.42
C ARG A 139 7.69 6.15 -45.35
N PRO A 140 8.27 4.97 -45.04
CA PRO A 140 9.38 4.56 -45.89
C PRO A 140 8.90 3.97 -47.23
N GLU A 141 9.66 4.20 -48.29
CA GLU A 141 9.33 3.73 -49.63
C GLU A 141 8.94 2.26 -49.64
N TRP A 142 9.78 1.41 -49.05
CA TRP A 142 9.56 -0.02 -49.04
C TRP A 142 8.19 -0.46 -48.48
N LEU A 143 7.59 0.34 -47.59
CA LEU A 143 6.27 0.01 -47.01
C LEU A 143 5.11 0.13 -47.97
N ASN A 144 5.28 0.94 -49.01
CA ASN A 144 4.29 1.07 -50.09
C ASN A 144 4.19 -0.20 -50.91
N GLU A 145 5.18 -1.07 -50.74
CA GLU A 145 5.25 -2.29 -51.50
C GLU A 145 4.69 -3.47 -50.72
N VAL A 146 4.40 -3.25 -49.44
CA VAL A 146 3.75 -4.29 -48.64
C VAL A 146 2.25 -4.25 -48.93
N ASN A 147 1.77 -5.26 -49.66
CA ASN A 147 0.35 -5.29 -50.02
C ASN A 147 -0.46 -6.34 -49.29
N TYR A 148 0.19 -7.06 -48.37
CA TYR A 148 -0.46 -8.15 -47.65
C TYR A 148 0.08 -8.24 -46.23
N PHE A 149 -0.84 -8.23 -45.25
CA PHE A 149 -0.50 -8.19 -43.83
C PHE A 149 -1.12 -9.36 -43.10
N VAL A 150 -0.33 -10.08 -42.31
CA VAL A 150 -0.90 -11.04 -41.37
C VAL A 150 -0.93 -10.41 -39.97
N LEU A 151 -2.15 -10.24 -39.45
CA LEU A 151 -2.35 -9.70 -38.12
C LEU A 151 -2.64 -10.81 -37.12
N ASP A 152 -1.60 -11.25 -36.43
CA ASP A 152 -1.71 -12.34 -35.50
C ASP A 152 -2.08 -11.87 -34.10
N GLU A 153 -2.76 -12.74 -33.37
CA GLU A 153 -3.25 -12.44 -32.02
C GLU A 153 -4.09 -11.14 -31.98
N LEU A 154 -5.05 -11.06 -32.89
CA LEU A 154 -5.86 -9.84 -33.05
C LEU A 154 -6.73 -9.53 -31.84
N HIS A 155 -7.04 -10.54 -31.02
CA HIS A 155 -7.71 -10.34 -29.72
C HIS A 155 -6.98 -9.36 -28.79
N TYR A 156 -5.77 -8.95 -29.16
CA TYR A 156 -5.03 -7.89 -28.42
C TYR A 156 -5.62 -6.49 -28.63
N LEU A 157 -6.60 -6.37 -29.53
CA LEU A 157 -7.43 -5.16 -29.63
C LEU A 157 -8.08 -4.83 -28.29
N ASN A 158 -8.33 -5.88 -27.50
CA ASN A 158 -8.98 -5.74 -26.18
C ASN A 158 -8.01 -5.32 -25.08
N ASP A 159 -6.71 -5.39 -25.35
CA ASP A 159 -5.70 -5.06 -24.34
C ASP A 159 -5.59 -3.53 -24.11
N PRO A 160 -5.69 -3.09 -22.84
CA PRO A 160 -5.57 -1.66 -22.49
C PRO A 160 -4.29 -0.98 -22.99
N GLU A 161 -3.15 -1.67 -22.96
CA GLU A 161 -1.90 -1.07 -23.38
C GLU A 161 -1.62 -1.20 -24.89
N ARG A 162 -1.87 -2.39 -25.44
CA ARG A 162 -1.46 -2.66 -26.82
C ARG A 162 -2.61 -2.48 -27.82
N GLY A 163 -3.83 -2.63 -27.33
CA GLY A 163 -5.03 -2.53 -28.16
C GLY A 163 -5.05 -1.40 -29.14
N PRO A 164 -4.79 -0.16 -28.68
CA PRO A 164 -4.83 1.03 -29.55
C PRO A 164 -3.77 0.98 -30.64
N VAL A 165 -2.63 0.37 -30.35
CA VAL A 165 -1.60 0.14 -31.37
C VAL A 165 -2.05 -0.92 -32.36
N VAL A 166 -2.72 -1.96 -31.87
CA VAL A 166 -3.22 -3.01 -32.76
C VAL A 166 -4.21 -2.38 -33.73
N GLU A 167 -5.09 -1.52 -33.22
CA GLU A 167 -6.06 -0.82 -34.05
C GLU A 167 -5.44 0.07 -35.12
N SER A 168 -4.45 0.88 -34.74
CA SER A 168 -3.74 1.76 -35.69
C SER A 168 -3.17 0.99 -36.86
N VAL A 169 -2.54 -0.13 -36.55
CA VAL A 169 -1.95 -1.00 -37.58
C VAL A 169 -3.04 -1.61 -38.44
N THR A 170 -4.06 -2.16 -37.80
CA THR A 170 -5.17 -2.80 -38.50
C THR A 170 -5.81 -1.84 -39.50
N ILE A 171 -6.07 -0.61 -39.04
CA ILE A 171 -6.66 0.42 -39.88
C ILE A 171 -5.88 0.59 -41.17
N ARG A 172 -4.55 0.66 -41.08
CA ARG A 172 -3.75 0.88 -42.30
C ARG A 172 -3.68 -0.37 -43.20
N ALA A 173 -3.58 -1.53 -42.57
CA ALA A 173 -3.68 -2.84 -43.24
C ALA A 173 -4.99 -3.01 -44.06
N LYS A 174 -6.12 -2.61 -43.47
CA LYS A 174 -7.43 -2.63 -44.15
C LYS A 174 -7.44 -1.99 -45.53
N ARG A 175 -6.58 -0.99 -45.73
CA ARG A 175 -6.50 -0.30 -47.03
C ARG A 175 -5.80 -1.18 -48.08
N ARG A 176 -5.14 -2.23 -47.61
CA ARG A 176 -4.46 -3.16 -48.49
C ARG A 176 -5.10 -4.53 -48.41
N ASN A 177 -4.29 -5.56 -48.26
CA ASN A 177 -4.80 -6.92 -48.10
C ASN A 177 -4.36 -7.44 -46.75
N LEU A 178 -5.20 -8.23 -46.11
CA LEU A 178 -4.86 -8.75 -44.81
C LEU A 178 -5.42 -10.13 -44.51
N LEU A 179 -4.74 -10.81 -43.58
CA LEU A 179 -5.24 -12.01 -42.93
C LEU A 179 -5.17 -11.80 -41.41
N ALA A 180 -6.29 -12.02 -40.73
CA ALA A 180 -6.32 -11.87 -39.28
C ALA A 180 -6.46 -13.21 -38.56
N LEU A 181 -5.62 -13.41 -37.55
CA LEU A 181 -5.62 -14.66 -36.81
C LEU A 181 -5.77 -14.27 -35.35
N SER A 182 -6.55 -15.05 -34.60
CA SER A 182 -6.84 -14.67 -33.23
C SER A 182 -7.20 -15.87 -32.38
N ALA A 183 -7.02 -15.73 -31.07
CA ALA A 183 -7.69 -16.59 -30.09
C ALA A 183 -9.19 -16.38 -30.24
N THR A 184 -9.99 -17.11 -29.47
CA THR A 184 -11.44 -16.95 -29.51
C THR A 184 -11.87 -15.48 -29.31
N ILE A 185 -12.74 -15.02 -30.21
CA ILE A 185 -13.40 -13.74 -30.11
C ILE A 185 -14.89 -14.07 -30.04
N SER A 186 -15.58 -13.63 -29.00
CA SER A 186 -17.01 -13.90 -28.85
C SER A 186 -17.87 -13.05 -29.78
N ASN A 187 -17.48 -11.79 -29.97
CA ASN A 187 -18.15 -10.89 -30.92
C ASN A 187 -17.44 -10.90 -32.28
N TYR A 188 -17.11 -12.09 -32.76
CA TYR A 188 -16.27 -12.24 -33.95
C TYR A 188 -16.97 -11.77 -35.22
N LYS A 189 -18.30 -11.77 -35.21
CA LYS A 189 -19.09 -11.24 -36.33
C LYS A 189 -18.96 -9.73 -36.42
N GLN A 190 -19.00 -9.09 -35.27
CA GLN A 190 -18.84 -7.64 -35.13
C GLN A 190 -17.43 -7.20 -35.52
N ILE A 191 -16.45 -8.04 -35.21
CA ILE A 191 -15.06 -7.73 -35.51
C ILE A 191 -14.75 -7.96 -37.00
N ALA A 192 -15.18 -9.11 -37.52
CA ALA A 192 -15.08 -9.41 -38.95
C ALA A 192 -15.72 -8.33 -39.84
N LYS A 193 -16.92 -7.89 -39.49
CA LYS A 193 -17.59 -6.81 -40.21
C LYS A 193 -16.75 -5.51 -40.21
N TRP A 194 -16.23 -5.12 -39.04
CA TRP A 194 -15.33 -3.98 -38.96
C TRP A 194 -14.05 -4.19 -39.78
N LEU A 195 -13.56 -5.42 -39.79
CA LEU A 195 -12.38 -5.78 -40.58
C LEU A 195 -12.67 -5.90 -42.08
N GLY A 196 -13.95 -6.05 -42.44
CA GLY A 196 -14.34 -6.43 -43.80
C GLY A 196 -13.86 -7.83 -44.18
N ALA A 197 -13.73 -8.70 -43.17
CA ALA A 197 -13.31 -10.09 -43.36
C ALA A 197 -14.48 -11.08 -43.25
N GLU A 198 -14.35 -12.23 -43.91
CA GLU A 198 -15.20 -13.38 -43.67
C GLU A 198 -14.76 -14.06 -42.36
N PRO A 199 -15.65 -14.18 -41.37
CA PRO A 199 -15.24 -14.85 -40.14
C PRO A 199 -15.12 -16.36 -40.35
N VAL A 200 -14.16 -16.98 -39.68
CA VAL A 200 -13.98 -18.43 -39.73
C VAL A 200 -13.58 -18.86 -38.33
N ALA A 201 -14.59 -19.00 -37.48
CA ALA A 201 -14.40 -19.37 -36.09
C ALA A 201 -14.46 -20.87 -35.92
N THR A 202 -13.45 -21.45 -35.29
CA THR A 202 -13.50 -22.88 -34.94
C THR A 202 -13.26 -23.18 -33.46
N ASN A 203 -13.63 -24.42 -33.10
CA ASN A 203 -13.46 -24.95 -31.76
C ASN A 203 -12.47 -26.11 -31.72
N TRP A 204 -11.97 -26.50 -32.87
CA TRP A 204 -11.14 -27.70 -33.00
C TRP A 204 -9.86 -27.63 -32.17
N ARG A 205 -9.44 -28.78 -31.65
CA ARG A 205 -8.21 -28.92 -30.88
C ARG A 205 -7.56 -30.23 -31.28
N PRO A 206 -6.22 -30.24 -31.43
CA PRO A 206 -5.50 -31.50 -31.68
C PRO A 206 -5.61 -32.51 -30.53
N VAL A 207 -5.96 -32.03 -29.34
CA VAL A 207 -6.10 -32.88 -28.16
C VAL A 207 -7.38 -32.54 -27.41
N PRO A 208 -8.23 -33.53 -27.14
CA PRO A 208 -9.44 -33.27 -26.34
C PRO A 208 -9.14 -32.69 -24.97
N LEU A 209 -10.06 -31.85 -24.48
CA LEU A 209 -9.92 -31.21 -23.18
C LEU A 209 -11.10 -31.57 -22.28
N ILE A 210 -10.81 -31.86 -21.03
CA ILE A 210 -11.83 -31.95 -19.99
C ILE A 210 -11.56 -30.87 -18.94
N GLU A 211 -12.61 -30.10 -18.65
CA GLU A 211 -12.52 -28.99 -17.71
C GLU A 211 -13.13 -29.40 -16.36
N GLY A 212 -12.36 -29.23 -15.29
CA GLY A 212 -12.78 -29.63 -13.96
C GLY A 212 -12.63 -28.57 -12.87
N VAL A 213 -13.30 -28.81 -11.75
CA VAL A 213 -13.22 -27.93 -10.58
C VAL A 213 -13.01 -28.74 -9.30
N ILE A 214 -11.93 -28.43 -8.58
CA ILE A 214 -11.59 -29.14 -7.35
C ILE A 214 -11.98 -28.33 -6.11
N TYR A 215 -12.48 -29.02 -5.08
CA TYR A 215 -12.92 -28.37 -3.85
C TYR A 215 -12.71 -29.25 -2.62
N PRO A 216 -12.66 -28.64 -1.42
CA PRO A 216 -12.53 -29.43 -0.18
C PRO A 216 -13.84 -29.91 0.42
N GLU A 217 -13.77 -31.03 1.13
CA GLU A 217 -14.88 -31.45 1.99
C GLU A 217 -14.36 -31.74 3.41
N ARG A 218 -15.25 -32.28 4.25
CA ARG A 218 -14.97 -32.52 5.67
C ARG A 218 -13.56 -33.00 6.00
N LYS A 219 -13.22 -34.22 5.58
CA LYS A 219 -11.89 -34.80 5.84
C LYS A 219 -10.80 -34.01 5.13
N LYS A 220 -9.88 -33.46 5.92
CA LYS A 220 -9.04 -32.31 5.53
C LYS A 220 -8.05 -32.51 4.37
N LYS A 221 -7.53 -33.72 4.20
CA LYS A 221 -6.60 -34.00 3.10
C LYS A 221 -7.31 -34.67 1.92
N GLU A 222 -8.64 -34.60 1.90
CA GLU A 222 -9.45 -35.15 0.82
C GLU A 222 -10.11 -34.03 0.01
N TYR A 223 -10.17 -34.22 -1.31
CA TYR A 223 -10.71 -33.22 -2.24
C TYR A 223 -11.58 -33.86 -3.32
N ASN A 224 -12.67 -33.19 -3.69
CA ASN A 224 -13.53 -33.66 -4.77
C ASN A 224 -13.35 -32.86 -6.05
N VAL A 225 -13.04 -33.58 -7.12
CA VAL A 225 -12.91 -32.97 -8.44
C VAL A 225 -14.17 -33.27 -9.24
N ILE A 226 -14.82 -32.20 -9.67
CA ILE A 226 -16.02 -32.28 -10.51
C ILE A 226 -15.71 -31.78 -11.92
N PHE A 227 -16.02 -32.61 -12.91
CA PHE A 227 -15.78 -32.27 -14.32
C PHE A 227 -17.03 -31.82 -15.05
N LYS A 228 -16.82 -31.25 -16.24
CA LYS A 228 -17.87 -30.65 -17.05
C LYS A 228 -18.95 -31.66 -17.44
N ASP A 229 -18.53 -32.88 -17.81
CA ASP A 229 -19.46 -33.95 -18.14
C ASP A 229 -19.98 -34.70 -16.91
N ASN A 230 -19.96 -34.02 -15.76
CA ASN A 230 -20.40 -34.56 -14.46
C ASN A 230 -19.62 -35.78 -13.95
N THR A 231 -18.43 -36.01 -14.52
CA THR A 231 -17.48 -36.97 -13.97
C THR A 231 -17.04 -36.49 -12.58
N THR A 232 -16.80 -37.45 -11.69
CA THR A 232 -16.39 -37.17 -10.33
C THR A 232 -15.15 -37.98 -9.96
N LYS A 233 -14.22 -37.34 -9.28
CA LYS A 233 -12.95 -37.95 -8.90
C LYS A 233 -12.53 -37.48 -7.50
N LYS A 234 -11.94 -38.37 -6.72
CA LYS A 234 -11.39 -38.03 -5.42
C LYS A 234 -9.85 -38.09 -5.46
N VAL A 235 -9.22 -37.10 -4.81
CA VAL A 235 -7.76 -37.08 -4.67
C VAL A 235 -7.38 -36.76 -3.22
N HIS A 236 -6.15 -37.12 -2.83
CA HIS A 236 -5.68 -36.95 -1.46
C HIS A 236 -4.34 -36.20 -1.40
N GLY A 237 -4.19 -35.33 -0.40
CA GLY A 237 -2.94 -34.56 -0.26
C GLY A 237 -3.01 -33.31 0.60
N ASP A 238 -1.84 -32.71 0.83
CA ASP A 238 -1.70 -31.52 1.68
C ASP A 238 -2.63 -30.36 1.26
N ASP A 239 -2.68 -30.09 -0.04
CA ASP A 239 -3.68 -29.15 -0.56
C ASP A 239 -4.22 -29.62 -1.92
N ALA A 240 -5.16 -28.86 -2.48
CA ALA A 240 -5.76 -29.18 -3.76
C ALA A 240 -4.71 -29.27 -4.88
N ILE A 241 -3.81 -28.28 -4.93
CA ILE A 241 -2.76 -28.24 -5.94
C ILE A 241 -1.88 -29.49 -5.87
N ILE A 242 -1.26 -29.74 -4.71
CA ILE A 242 -0.35 -30.88 -4.55
C ILE A 242 -1.03 -32.21 -4.79
N ALA A 243 -2.26 -32.35 -4.29
CA ALA A 243 -3.02 -33.60 -4.44
C ALA A 243 -3.24 -33.95 -5.91
N TYR A 244 -3.65 -32.96 -6.70
CA TYR A 244 -3.92 -33.24 -8.11
C TYR A 244 -2.66 -33.32 -8.96
N THR A 245 -1.64 -32.58 -8.55
CA THR A 245 -0.35 -32.61 -9.21
C THR A 245 0.25 -34.03 -9.17
N LEU A 246 0.32 -34.61 -7.97
CA LEU A 246 0.90 -35.93 -7.79
C LEU A 246 0.04 -37.03 -8.42
N ASP A 247 -1.25 -36.76 -8.56
CA ASP A 247 -2.14 -37.68 -9.25
C ASP A 247 -1.79 -37.74 -10.75
N SER A 248 -1.55 -36.56 -11.33
CA SER A 248 -1.22 -36.45 -12.75
C SER A 248 0.19 -36.94 -13.11
N LEU A 249 1.14 -36.76 -12.20
CA LEU A 249 2.52 -37.17 -12.45
C LEU A 249 2.71 -38.70 -12.50
N SER A 250 1.81 -39.42 -11.84
CA SER A 250 1.89 -40.88 -11.76
C SER A 250 1.44 -41.56 -13.06
N LYS A 251 0.78 -40.79 -13.93
CA LYS A 251 0.39 -41.28 -15.25
C LYS A 251 1.25 -40.60 -16.32
N ASN A 252 2.54 -40.48 -16.04
CA ASN A 252 3.51 -39.88 -16.98
C ASN A 252 3.12 -38.47 -17.45
N GLY A 253 2.42 -37.74 -16.59
CA GLY A 253 1.99 -36.39 -16.91
C GLY A 253 3.04 -35.34 -16.66
N GLN A 254 2.80 -34.16 -17.23
CA GLN A 254 3.46 -32.93 -16.87
C GLN A 254 2.35 -32.04 -16.37
N VAL A 255 2.65 -31.20 -15.38
CA VAL A 255 1.65 -30.32 -14.80
C VAL A 255 2.08 -28.86 -14.88
N LEU A 256 1.17 -28.00 -15.32
CA LEU A 256 1.35 -26.55 -15.24
C LEU A 256 0.41 -25.97 -14.19
N VAL A 257 0.98 -25.29 -13.20
CA VAL A 257 0.19 -24.67 -12.15
C VAL A 257 0.27 -23.14 -12.28
N PHE A 258 -0.90 -22.50 -12.40
CA PHE A 258 -0.93 -21.04 -12.44
C PHE A 258 -1.28 -20.43 -11.10
N ARG A 259 -0.36 -19.61 -10.58
CA ARG A 259 -0.60 -18.79 -9.40
C ARG A 259 -0.61 -17.33 -9.84
N ASN A 260 -1.18 -16.47 -9.00
CA ASN A 260 -1.35 -15.05 -9.32
C ASN A 260 -0.11 -14.20 -9.02
N SER A 261 0.68 -14.57 -8.03
CA SER A 261 1.85 -13.75 -7.69
C SER A 261 3.16 -14.51 -7.86
N ARG A 262 4.26 -13.76 -7.98
CA ARG A 262 5.61 -14.33 -8.15
C ARG A 262 6.03 -15.14 -6.96
N LYS A 263 5.88 -14.57 -5.77
CA LYS A 263 6.23 -15.26 -4.54
C LYS A 263 5.37 -16.52 -4.36
N MET A 264 4.08 -16.44 -4.68
CA MET A 264 3.20 -17.61 -4.58
C MET A 264 3.60 -18.73 -5.53
N ALA A 265 4.08 -18.39 -6.71
CA ALA A 265 4.53 -19.39 -7.66
C ALA A 265 5.81 -20.07 -7.14
N GLU A 266 6.71 -19.27 -6.55
CA GLU A 266 7.93 -19.78 -5.93
C GLU A 266 7.66 -20.73 -4.76
N SER A 267 6.81 -20.30 -3.81
CA SER A 267 6.50 -21.10 -2.64
C SER A 267 5.66 -22.35 -2.98
N THR A 268 4.71 -22.20 -3.91
CA THR A 268 3.95 -23.35 -4.43
C THR A 268 4.86 -24.38 -5.10
N ALA A 269 5.86 -23.91 -5.84
CA ALA A 269 6.80 -24.81 -6.49
C ALA A 269 7.65 -25.60 -5.47
N LEU A 270 8.11 -24.94 -4.43
CA LEU A 270 8.95 -25.58 -3.41
C LEU A 270 8.17 -26.62 -2.63
N LYS A 271 6.89 -26.31 -2.39
CA LYS A 271 5.95 -27.18 -1.71
C LYS A 271 5.70 -28.47 -2.50
N ILE A 272 5.53 -28.36 -3.81
CA ILE A 272 5.39 -29.52 -4.69
C ILE A 272 6.68 -30.35 -4.75
N ALA A 273 7.81 -29.67 -4.90
CA ALA A 273 9.12 -30.31 -4.93
C ALA A 273 9.27 -31.31 -3.79
N ASN A 274 8.85 -30.91 -2.60
CA ASN A 274 8.91 -31.77 -1.42
C ASN A 274 8.25 -33.14 -1.59
N TYR A 275 7.19 -33.20 -2.40
CA TYR A 275 6.43 -34.43 -2.58
C TYR A 275 6.81 -35.23 -3.81
N MET A 276 7.93 -34.90 -4.44
CA MET A 276 8.29 -35.52 -5.73
C MET A 276 9.00 -36.87 -5.57
N ASN A 277 8.82 -37.48 -4.40
CA ASN A 277 9.47 -38.74 -4.02
C ASN A 277 9.26 -39.87 -5.01
N PHE A 278 8.01 -40.08 -5.41
CA PHE A 278 7.60 -41.31 -6.10
C PHE A 278 7.55 -41.17 -7.63
N VAL A 279 7.67 -39.94 -8.12
CA VAL A 279 7.64 -39.66 -9.54
C VAL A 279 8.98 -40.05 -10.18
N SER A 280 8.90 -40.74 -11.32
CA SER A 280 10.10 -41.12 -12.08
C SER A 280 10.68 -39.90 -12.76
N LEU A 281 12.00 -39.69 -12.59
CA LEU A 281 12.67 -38.53 -13.15
C LEU A 281 13.91 -38.93 -13.95
N ASP A 282 14.09 -38.28 -15.10
CA ASP A 282 15.27 -38.48 -15.94
C ASP A 282 16.45 -37.76 -15.29
N GLU A 283 17.15 -38.46 -14.39
CA GLU A 283 18.17 -37.82 -13.54
C GLU A 283 19.42 -37.38 -14.31
N ASN A 284 19.78 -38.18 -15.34
CA ASN A 284 20.94 -37.87 -16.19
C ASN A 284 20.74 -36.58 -17.01
N ALA A 285 19.44 -36.44 -17.48
CA ALA A 285 19.07 -35.26 -18.27
C ALA A 285 18.90 -33.99 -17.41
N LEU A 286 18.51 -34.20 -16.15
CA LEU A 286 18.34 -33.09 -15.20
C LEU A 286 19.70 -32.56 -14.69
N SER A 287 20.65 -33.46 -14.36
CA SER A 287 21.98 -32.98 -13.92
C SER A 287 22.64 -32.14 -15.02
N GLU A 288 22.37 -32.50 -16.27
CA GLU A 288 22.71 -31.65 -17.43
C GLU A 288 22.05 -30.26 -17.44
N ILE A 289 20.74 -30.20 -17.21
CA ILE A 289 20.03 -28.90 -17.14
C ILE A 289 20.57 -28.05 -15.99
N LEU A 290 20.82 -28.71 -14.84
CA LEU A 290 21.45 -28.08 -13.67
C LEU A 290 22.84 -27.53 -13.98
N LYS A 291 23.59 -28.28 -14.77
CA LYS A 291 24.89 -27.81 -15.28
C LYS A 291 24.73 -26.52 -16.08
N GLN A 292 23.77 -26.50 -16.99
CA GLN A 292 23.51 -25.34 -17.85
C GLN A 292 22.98 -24.15 -17.06
N LEU A 293 22.19 -24.43 -16.03
CA LEU A 293 21.65 -23.43 -15.14
C LEU A 293 22.75 -22.66 -14.43
N ASP A 294 23.69 -23.38 -13.83
CA ASP A 294 24.75 -22.77 -13.05
C ASP A 294 25.65 -21.86 -13.88
N ASP A 295 25.83 -22.17 -15.16
CA ASP A 295 26.72 -21.42 -16.04
C ASP A 295 26.04 -20.25 -16.77
N ILE A 296 24.75 -20.05 -16.53
CA ILE A 296 24.06 -18.85 -17.03
C ILE A 296 24.57 -17.65 -16.25
N GLU A 297 25.15 -16.69 -16.95
CA GLU A 297 25.66 -15.49 -16.30
C GLU A 297 24.61 -14.37 -16.31
N GLU A 298 23.65 -14.46 -17.23
CA GLU A 298 22.59 -13.45 -17.34
C GLU A 298 21.36 -13.85 -16.52
N GLY A 299 21.51 -13.73 -15.20
CA GLY A 299 20.49 -14.12 -14.23
C GLY A 299 21.06 -13.94 -12.83
N GLY A 300 20.19 -13.86 -11.82
CA GLY A 300 20.65 -13.71 -10.43
C GLY A 300 21.09 -15.02 -9.80
N SER A 301 22.00 -14.93 -8.82
CA SER A 301 22.48 -16.08 -8.04
C SER A 301 21.40 -16.74 -7.19
N ASP A 302 20.57 -15.92 -6.54
CA ASP A 302 19.51 -16.42 -5.68
C ASP A 302 18.43 -17.12 -6.50
N GLU A 303 18.11 -16.55 -7.65
CA GLU A 303 17.26 -17.17 -8.65
C GLU A 303 17.84 -18.52 -9.05
N LYS A 304 19.08 -18.52 -9.52
CA LYS A 304 19.78 -19.77 -9.83
C LYS A 304 19.74 -20.78 -8.68
N GLU A 305 20.06 -20.33 -7.47
CA GLU A 305 20.05 -21.17 -6.25
C GLU A 305 18.67 -21.80 -6.05
N LEU A 306 17.63 -20.98 -6.14
CA LEU A 306 16.28 -21.45 -5.92
C LEU A 306 15.86 -22.47 -6.98
N LEU A 307 16.16 -22.15 -8.25
CA LEU A 307 15.77 -23.01 -9.36
C LEU A 307 16.47 -24.37 -9.33
N LYS A 308 17.75 -24.37 -8.95
CA LYS A 308 18.56 -25.57 -8.77
C LYS A 308 17.89 -26.53 -7.78
N SER A 309 17.52 -25.99 -6.63
CA SER A 309 16.81 -26.75 -5.60
C SER A 309 15.57 -27.45 -6.17
N LEU A 310 14.90 -26.79 -7.11
CA LEU A 310 13.62 -27.24 -7.65
C LEU A 310 13.80 -28.17 -8.85
N ILE A 311 14.64 -27.76 -9.80
CA ILE A 311 14.89 -28.54 -11.01
C ILE A 311 15.50 -29.92 -10.75
N SER A 312 16.33 -30.07 -9.71
CA SER A 312 16.82 -31.40 -9.33
C SER A 312 15.69 -32.29 -8.79
N LYS A 313 14.52 -31.69 -8.56
CA LYS A 313 13.35 -32.42 -8.07
C LYS A 313 12.23 -32.46 -9.13
N GLY A 314 12.53 -31.97 -10.35
CA GLY A 314 11.61 -32.07 -11.49
C GLY A 314 10.65 -30.90 -11.59
N VAL A 315 10.96 -29.82 -10.88
CA VAL A 315 10.04 -28.70 -10.70
C VAL A 315 10.76 -27.40 -11.06
N ALA A 316 9.98 -26.39 -11.42
CA ALA A 316 10.49 -25.04 -11.62
C ALA A 316 9.33 -24.06 -11.49
N TYR A 317 9.67 -22.82 -11.16
CA TYR A 317 8.72 -21.71 -11.29
C TYR A 317 9.11 -20.88 -12.49
N HIS A 318 8.19 -20.01 -12.90
CA HIS A 318 8.37 -19.19 -14.09
C HIS A 318 7.58 -17.90 -13.89
N HIS A 319 8.29 -16.79 -13.89
CA HIS A 319 7.65 -15.49 -13.95
C HIS A 319 8.57 -14.49 -14.63
N ALA A 320 8.04 -13.29 -14.86
CA ALA A 320 8.78 -12.23 -15.54
C ALA A 320 9.87 -11.58 -14.69
N GLY A 321 9.95 -11.95 -13.42
CA GLY A 321 11.06 -11.54 -12.56
C GLY A 321 12.36 -12.17 -13.01
N LEU A 322 12.26 -13.34 -13.63
CA LEU A 322 13.40 -14.10 -14.15
C LEU A 322 13.91 -13.53 -15.47
N SER A 323 15.23 -13.56 -15.67
CA SER A 323 15.82 -13.09 -16.92
C SER A 323 15.41 -14.02 -18.07
N LYS A 324 15.49 -13.51 -19.29
CA LYS A 324 15.20 -14.28 -20.50
C LYS A 324 15.94 -15.63 -20.58
N ALA A 325 17.26 -15.60 -20.37
CA ALA A 325 18.05 -16.82 -20.43
C ALA A 325 17.52 -17.87 -19.44
N LEU A 326 17.11 -17.43 -18.26
CA LEU A 326 16.58 -18.37 -17.26
C LEU A 326 15.21 -18.91 -17.70
N ARG A 327 14.32 -18.04 -18.19
CA ARG A 327 13.01 -18.47 -18.69
C ARG A 327 13.13 -19.46 -19.87
N ASP A 328 14.06 -19.19 -20.77
CA ASP A 328 14.33 -20.10 -21.89
C ASP A 328 14.77 -21.52 -21.48
N LEU A 329 15.62 -21.63 -20.47
CA LEU A 329 16.08 -22.95 -20.00
C LEU A 329 14.95 -23.74 -19.33
N ILE A 330 14.14 -23.04 -18.54
CA ILE A 330 12.98 -23.65 -17.92
C ILE A 330 12.01 -24.14 -19.01
N GLU A 331 11.63 -23.24 -19.91
CA GLU A 331 10.71 -23.57 -21.00
C GLU A 331 11.21 -24.78 -21.82
N GLU A 332 12.48 -24.76 -22.18
CA GLU A 332 13.08 -25.83 -22.97
C GLU A 332 13.21 -27.14 -22.20
N GLY A 333 13.49 -27.06 -20.89
CA GLY A 333 13.57 -28.26 -20.05
C GLY A 333 12.24 -28.99 -19.97
N PHE A 334 11.18 -28.19 -19.89
CA PHE A 334 9.79 -28.63 -19.87
C PHE A 334 9.34 -29.09 -21.26
N ARG A 335 9.81 -28.42 -22.30
CA ARG A 335 9.45 -28.80 -23.67
C ARG A 335 9.91 -30.22 -23.96
N GLN A 336 11.08 -30.58 -23.42
CA GLN A 336 11.65 -31.93 -23.57
C GLN A 336 11.07 -32.90 -22.55
N ARG A 337 10.16 -32.43 -21.70
CA ARG A 337 9.51 -33.29 -20.68
C ARG A 337 10.48 -33.80 -19.59
N LYS A 338 11.55 -33.05 -19.33
CA LYS A 338 12.47 -33.37 -18.25
C LYS A 338 12.00 -32.71 -16.96
N ILE A 339 11.64 -31.44 -17.04
CA ILE A 339 10.97 -30.76 -15.93
C ILE A 339 9.50 -31.21 -15.98
N LYS A 340 8.98 -31.70 -14.86
CA LYS A 340 7.64 -32.29 -14.84
C LYS A 340 6.55 -31.30 -14.46
N VAL A 341 6.91 -30.27 -13.71
CA VAL A 341 5.96 -29.30 -13.17
C VAL A 341 6.57 -27.91 -13.28
N ILE A 342 5.81 -26.96 -13.81
CA ILE A 342 6.15 -25.53 -13.73
C ILE A 342 5.02 -24.83 -13.03
N VAL A 343 5.39 -24.01 -12.04
CA VAL A 343 4.44 -23.13 -11.44
C VAL A 343 4.70 -21.72 -11.98
N ALA A 344 3.69 -21.18 -12.67
CA ALA A 344 3.84 -19.89 -13.33
C ALA A 344 2.80 -18.88 -12.91
N THR A 345 3.18 -17.61 -13.09
CA THR A 345 2.23 -16.52 -13.13
C THR A 345 1.53 -16.59 -14.49
N PRO A 346 0.41 -15.85 -14.67
CA PRO A 346 -0.42 -15.91 -15.88
C PRO A 346 0.29 -15.54 -17.18
N THR A 347 1.41 -14.82 -17.07
CA THR A 347 2.16 -14.37 -18.25
C THR A 347 2.61 -15.52 -19.18
N LEU A 348 3.07 -16.63 -18.62
CA LEU A 348 3.45 -17.81 -19.41
C LEU A 348 2.30 -18.21 -20.36
N ALA A 349 1.06 -18.06 -19.88
CA ALA A 349 -0.12 -18.46 -20.65
C ALA A 349 -0.26 -17.67 -21.94
N ALA A 350 0.31 -16.48 -21.97
CA ALA A 350 0.26 -15.62 -23.17
C ALA A 350 1.49 -15.78 -24.07
N GLY A 351 2.49 -16.53 -23.63
CA GLY A 351 3.76 -16.65 -24.37
C GLY A 351 3.75 -17.75 -25.42
N VAL A 352 4.96 -18.13 -25.85
CA VAL A 352 5.16 -19.19 -26.84
C VAL A 352 4.45 -20.49 -26.45
N ASN A 353 4.21 -21.33 -27.46
CA ASN A 353 3.61 -22.62 -27.23
C ASN A 353 4.37 -23.44 -26.24
N LEU A 354 3.64 -23.99 -25.28
CA LEU A 354 4.21 -24.85 -24.26
C LEU A 354 3.05 -25.50 -23.48
N PRO A 355 2.60 -26.68 -23.91
CA PRO A 355 1.51 -27.40 -23.26
C PRO A 355 1.95 -28.35 -22.15
N ALA A 356 1.02 -28.70 -21.26
CA ALA A 356 1.23 -29.76 -20.28
C ALA A 356 0.11 -30.79 -20.40
N ARG A 357 0.15 -31.86 -19.62
CA ARG A 357 -0.98 -32.78 -19.57
C ARG A 357 -2.10 -32.20 -18.72
N THR A 358 -1.71 -31.65 -17.57
CA THR A 358 -2.63 -31.08 -16.61
C THR A 358 -2.30 -29.58 -16.43
N VAL A 359 -3.33 -28.73 -16.47
CA VAL A 359 -3.23 -27.34 -16.03
C VAL A 359 -4.05 -27.19 -14.75
N ILE A 360 -3.43 -26.66 -13.71
CA ILE A 360 -4.12 -26.36 -12.45
C ILE A 360 -4.12 -24.84 -12.24
N ILE A 361 -5.32 -24.27 -12.15
CA ILE A 361 -5.48 -22.85 -11.93
C ILE A 361 -5.77 -22.57 -10.44
N GLY A 362 -4.81 -21.98 -9.76
CA GLY A 362 -4.87 -21.83 -8.30
C GLY A 362 -5.53 -20.61 -7.68
N ASP A 363 -5.64 -19.52 -8.42
CA ASP A 363 -6.04 -18.25 -7.79
C ASP A 363 -7.25 -17.50 -8.39
N ILE A 364 -8.18 -18.21 -9.04
CA ILE A 364 -9.33 -17.53 -9.68
C ILE A 364 -9.94 -16.42 -8.85
N PRO A 379 -9.81 -12.06 -17.97
CA PRO A 379 -10.43 -12.77 -16.85
C PRO A 379 -10.90 -14.14 -17.31
N ILE A 380 -11.99 -14.18 -18.05
CA ILE A 380 -12.48 -15.40 -18.69
C ILE A 380 -11.53 -15.81 -19.81
N MET A 381 -11.05 -14.83 -20.58
CA MET A 381 -10.00 -15.06 -21.56
C MET A 381 -8.73 -15.66 -20.94
N GLU A 382 -8.32 -15.14 -19.78
CA GLU A 382 -7.13 -15.66 -19.11
C GLU A 382 -7.39 -17.11 -18.69
N TYR A 383 -8.62 -17.40 -18.29
CA TYR A 383 -8.99 -18.77 -17.99
C TYR A 383 -8.83 -19.65 -19.23
N LYS A 384 -9.35 -19.18 -20.36
CA LYS A 384 -9.31 -19.94 -21.61
C LYS A 384 -7.89 -20.17 -22.07
N GLN A 385 -7.04 -19.15 -21.91
CA GLN A 385 -5.64 -19.26 -22.31
C GLN A 385 -4.83 -20.17 -21.43
N MET A 386 -5.13 -20.17 -20.13
CA MET A 386 -4.48 -21.10 -19.21
C MET A 386 -4.95 -22.53 -19.46
N SER A 387 -6.27 -22.71 -19.59
CA SER A 387 -6.83 -24.05 -19.71
C SER A 387 -6.46 -24.71 -21.04
N GLY A 388 -6.36 -23.92 -22.09
CA GLY A 388 -6.01 -24.42 -23.42
C GLY A 388 -4.60 -24.96 -23.57
N ARG A 389 -3.78 -24.80 -22.54
CA ARG A 389 -2.45 -25.40 -22.49
C ARG A 389 -2.49 -26.86 -22.02
N ALA A 390 -3.67 -27.31 -21.60
CA ALA A 390 -3.90 -28.70 -21.24
C ALA A 390 -4.02 -29.58 -22.47
N GLY A 391 -2.97 -30.36 -22.72
CA GLY A 391 -2.95 -31.37 -23.78
C GLY A 391 -1.77 -31.24 -24.72
N ARG A 392 -0.85 -32.20 -24.63
CA ARG A 392 0.31 -32.25 -25.53
C ARG A 392 0.02 -33.00 -26.83
N PRO A 393 0.01 -32.25 -27.97
CA PRO A 393 -0.46 -32.63 -29.32
C PRO A 393 -0.03 -34.00 -29.87
N GLY A 394 1.22 -34.38 -29.65
CA GLY A 394 1.71 -35.65 -30.22
C GLY A 394 2.01 -36.68 -29.14
N PHE A 395 1.58 -36.38 -27.92
CA PHE A 395 1.98 -37.17 -26.76
C PHE A 395 0.83 -37.65 -25.90
N ASP A 396 -0.05 -36.73 -25.51
CA ASP A 396 -1.19 -37.02 -24.66
C ASP A 396 -2.39 -37.42 -25.49
N GLN A 397 -3.26 -38.23 -24.89
CA GLN A 397 -4.51 -38.62 -25.55
C GLN A 397 -5.60 -37.65 -25.13
N ILE A 398 -5.45 -37.06 -23.94
CA ILE A 398 -6.42 -36.08 -23.42
C ILE A 398 -5.73 -35.15 -22.42
N GLY A 399 -6.16 -33.89 -22.40
CA GLY A 399 -5.66 -32.91 -21.44
C GLY A 399 -6.75 -32.53 -20.45
N GLU A 400 -6.33 -32.08 -19.27
CA GLU A 400 -7.26 -31.65 -18.23
C GLU A 400 -6.84 -30.33 -17.57
N SER A 401 -7.78 -29.39 -17.47
CA SER A 401 -7.58 -28.23 -16.63
C SER A 401 -8.54 -28.28 -15.45
N ILE A 402 -8.04 -27.91 -14.26
CA ILE A 402 -8.91 -27.76 -13.08
C ILE A 402 -8.69 -26.42 -12.36
N VAL A 403 -9.81 -25.83 -11.95
CA VAL A 403 -9.80 -24.59 -11.20
C VAL A 403 -9.99 -24.93 -9.73
N VAL A 404 -9.09 -24.40 -8.89
CA VAL A 404 -9.16 -24.57 -7.44
C VAL A 404 -10.20 -23.61 -6.86
N VAL A 405 -11.12 -24.14 -6.07
CA VAL A 405 -12.08 -23.32 -5.33
C VAL A 405 -12.03 -23.62 -3.84
N ARG A 406 -12.48 -22.65 -3.04
CA ARG A 406 -12.39 -22.75 -1.58
C ARG A 406 -13.56 -23.45 -0.88
N ASP A 407 -14.68 -23.60 -1.57
CA ASP A 407 -15.84 -24.38 -1.04
C ASP A 407 -16.83 -24.86 -2.11
N LYS A 408 -17.47 -25.98 -1.81
CA LYS A 408 -18.52 -26.59 -2.66
C LYS A 408 -19.55 -25.58 -3.18
N GLU A 409 -19.94 -24.63 -2.33
CA GLU A 409 -20.92 -23.61 -2.68
C GLU A 409 -20.33 -22.50 -3.57
N ASP A 410 -19.31 -22.86 -4.33
CA ASP A 410 -18.67 -21.93 -5.26
C ASP A 410 -18.35 -22.62 -6.58
N VAL A 411 -18.60 -23.93 -6.63
CA VAL A 411 -18.33 -24.75 -7.82
C VAL A 411 -19.23 -24.33 -8.99
N ASP A 412 -20.50 -24.09 -8.71
CA ASP A 412 -21.48 -23.68 -9.72
C ASP A 412 -21.15 -22.34 -10.38
N ARG A 413 -20.67 -21.38 -9.59
CA ARG A 413 -20.35 -20.05 -10.10
C ARG A 413 -19.11 -20.09 -11.02
N VAL A 414 -18.18 -21.00 -10.74
CA VAL A 414 -17.01 -21.19 -11.59
C VAL A 414 -17.40 -21.77 -12.95
N PHE A 415 -18.15 -22.88 -12.94
CA PHE A 415 -18.61 -23.49 -14.17
C PHE A 415 -19.36 -22.51 -15.06
N LYS A 416 -20.33 -21.81 -14.47
CA LYS A 416 -21.16 -20.87 -15.22
C LYS A 416 -20.33 -19.73 -15.82
N LYS A 417 -19.40 -19.19 -15.03
CA LYS A 417 -18.63 -18.01 -15.44
C LYS A 417 -17.45 -18.34 -16.35
N TYR A 418 -16.71 -19.40 -16.03
CA TYR A 418 -15.49 -19.72 -16.75
C TYR A 418 -15.63 -20.87 -17.72
N VAL A 419 -16.24 -21.96 -17.28
CA VAL A 419 -16.30 -23.19 -18.07
C VAL A 419 -17.35 -23.13 -19.18
N LEU A 420 -18.57 -22.72 -18.86
CA LEU A 420 -19.67 -22.82 -19.81
C LEU A 420 -19.91 -21.56 -20.65
N SER A 421 -19.24 -20.47 -20.31
CA SER A 421 -19.51 -19.19 -20.98
C SER A 421 -18.41 -18.74 -21.94
N ASP A 422 -18.77 -17.84 -22.85
CA ASP A 422 -17.79 -17.32 -23.79
C ASP A 422 -17.00 -16.14 -23.20
N VAL A 423 -15.85 -15.85 -23.81
CA VAL A 423 -15.01 -14.72 -23.43
C VAL A 423 -15.70 -13.36 -23.54
N GLU A 424 -15.14 -12.37 -22.85
CA GLU A 424 -15.63 -11.00 -22.93
C GLU A 424 -15.49 -10.49 -24.36
N PRO A 425 -16.50 -9.76 -24.86
CA PRO A 425 -16.40 -9.18 -26.21
C PRO A 425 -15.19 -8.25 -26.35
N ILE A 426 -14.68 -8.15 -27.57
CA ILE A 426 -13.70 -7.11 -27.86
C ILE A 426 -14.37 -5.76 -28.00
N GLU A 427 -13.80 -4.76 -27.33
CA GLU A 427 -14.21 -3.37 -27.47
C GLU A 427 -12.99 -2.48 -27.42
N SER A 428 -13.02 -1.41 -28.21
CA SER A 428 -11.84 -0.58 -28.44
C SER A 428 -11.32 0.01 -27.13
N LYS A 429 -10.00 0.18 -27.06
CA LYS A 429 -9.35 0.75 -25.89
C LYS A 429 -8.79 2.13 -26.24
N LEU A 430 -9.14 2.61 -27.43
CA LEU A 430 -8.85 4.00 -27.82
C LEU A 430 -9.62 5.04 -27.01
N GLY A 431 -10.58 4.62 -26.19
CA GLY A 431 -11.44 5.55 -25.44
C GLY A 431 -10.80 6.14 -24.19
N SER A 432 -9.61 6.72 -24.37
CA SER A 432 -8.89 7.41 -23.31
C SER A 432 -8.13 8.58 -23.90
N GLU A 433 -7.69 9.49 -23.03
CA GLU A 433 -6.92 10.65 -23.45
C GLU A 433 -5.49 10.27 -23.82
N ARG A 434 -4.91 9.27 -23.13
CA ARG A 434 -3.59 8.82 -23.52
C ARG A 434 -3.70 8.31 -24.95
N ALA A 435 -4.31 7.14 -25.10
CA ALA A 435 -4.51 6.48 -26.40
C ALA A 435 -4.89 7.42 -27.54
N PHE A 436 -5.81 8.34 -27.29
CA PHE A 436 -6.35 9.18 -28.37
C PHE A 436 -5.41 10.29 -28.86
N TYR A 437 -4.66 10.89 -27.94
CA TYR A 437 -3.68 11.92 -28.30
C TYR A 437 -2.55 11.30 -29.16
N THR A 438 -2.14 10.09 -28.80
CA THR A 438 -1.13 9.32 -29.51
C THR A 438 -1.63 8.90 -30.89
N PHE A 439 -2.88 8.45 -30.93
CA PHE A 439 -3.52 7.97 -32.15
C PHE A 439 -3.55 9.09 -33.19
N LEU A 440 -3.98 10.28 -32.77
CA LEU A 440 -4.06 11.42 -33.69
C LEU A 440 -2.69 11.95 -34.12
N LEU A 441 -1.72 11.91 -33.20
CA LEU A 441 -0.36 12.30 -33.55
C LEU A 441 0.21 11.40 -34.63
N GLY A 442 -0.02 10.10 -34.48
CA GLY A 442 0.40 9.11 -35.47
C GLY A 442 -0.22 9.32 -36.84
N ILE A 443 -1.53 9.56 -36.88
CA ILE A 443 -2.24 9.85 -38.13
C ILE A 443 -1.62 11.03 -38.88
N LEU A 444 -1.33 12.10 -38.16
CA LEU A 444 -0.72 13.28 -38.76
C LEU A 444 0.70 13.05 -39.27
N SER A 445 1.47 12.25 -38.54
CA SER A 445 2.81 11.87 -38.98
C SER A 445 2.76 11.01 -40.24
N ALA A 446 1.76 10.13 -40.30
CA ALA A 446 1.62 9.19 -41.40
C ALA A 446 1.00 9.80 -42.65
N GLU A 447 0.02 10.70 -42.46
CA GLU A 447 -0.75 11.25 -43.57
C GLU A 447 -0.27 12.62 -44.01
N GLY A 448 0.48 13.31 -43.15
CA GLY A 448 0.85 14.70 -43.43
C GLY A 448 -0.29 15.62 -43.05
N ASN A 449 -0.27 16.83 -43.59
CA ASN A 449 -1.25 17.87 -43.22
C ASN A 449 -2.68 17.53 -43.58
N LEU A 450 -3.57 17.74 -42.62
CA LEU A 450 -4.97 17.35 -42.77
C LEU A 450 -5.90 18.40 -42.19
N SER A 451 -7.05 18.56 -42.82
CA SER A 451 -8.11 19.39 -42.27
C SER A 451 -8.72 18.67 -41.06
N GLU A 452 -9.42 19.44 -40.23
CA GLU A 452 -10.16 18.89 -39.10
C GLU A 452 -11.02 17.72 -39.57
N LYS A 453 -11.83 17.98 -40.60
CA LYS A 453 -12.70 17.00 -41.24
C LYS A 453 -11.98 15.72 -41.71
N GLN A 454 -10.84 15.88 -42.37
CA GLN A 454 -10.08 14.74 -42.91
C GLN A 454 -9.55 13.89 -41.77
N LEU A 455 -9.05 14.56 -40.73
CA LEU A 455 -8.45 13.92 -39.56
C LEU A 455 -9.49 13.13 -38.77
N GLU A 456 -10.66 13.76 -38.59
CA GLU A 456 -11.82 13.16 -37.95
C GLU A 456 -12.25 11.91 -38.70
N ASN A 457 -12.36 12.02 -40.02
CA ASN A 457 -12.67 10.87 -40.86
C ASN A 457 -11.73 9.67 -40.65
N PHE A 458 -10.44 9.93 -40.46
CA PHE A 458 -9.48 8.84 -40.08
C PHE A 458 -9.79 8.27 -38.71
N ALA A 459 -10.13 9.14 -37.75
CA ALA A 459 -10.44 8.70 -36.39
C ALA A 459 -11.68 7.81 -36.33
N TYR A 460 -12.62 8.02 -37.26
CA TYR A 460 -13.82 7.19 -37.36
C TYR A 460 -13.54 5.78 -37.92
N GLU A 461 -12.39 5.61 -38.58
CA GLU A 461 -11.95 4.29 -39.04
C GLU A 461 -11.72 3.34 -37.85
N SER A 462 -11.56 3.93 -36.67
CA SER A 462 -11.39 3.23 -35.40
C SER A 462 -12.52 2.25 -35.10
N LEU A 463 -12.21 1.22 -34.31
CA LEU A 463 -13.20 0.27 -33.83
C LEU A 463 -14.04 0.89 -32.70
N LEU A 464 -13.61 2.05 -32.20
CA LEU A 464 -14.34 2.76 -31.16
C LEU A 464 -15.68 3.29 -31.68
N ALA A 465 -16.73 3.09 -30.88
CA ALA A 465 -18.04 3.66 -31.17
C ALA A 465 -17.91 5.16 -31.44
N LYS A 466 -18.56 5.62 -32.51
CA LYS A 466 -18.58 7.03 -32.92
C LYS A 466 -18.83 8.01 -31.76
N GLN A 467 -19.75 7.64 -30.88
CA GLN A 467 -20.16 8.49 -29.76
C GLN A 467 -18.98 8.75 -28.83
N LEU A 468 -18.12 7.75 -28.69
CA LEU A 468 -16.93 7.83 -27.87
C LEU A 468 -15.79 8.53 -28.60
N VAL A 469 -15.68 8.28 -29.91
CA VAL A 469 -14.72 8.99 -30.75
C VAL A 469 -14.93 10.50 -30.59
N ASP A 470 -16.18 10.92 -30.66
CA ASP A 470 -16.56 12.32 -30.57
C ASP A 470 -16.18 12.96 -29.24
N VAL A 471 -16.21 12.16 -28.18
CA VAL A 471 -15.85 12.62 -26.84
C VAL A 471 -14.36 12.93 -26.76
N TYR A 472 -13.55 12.05 -27.34
CA TYR A 472 -12.10 12.17 -27.26
C TYR A 472 -11.45 13.03 -28.33
N PHE A 473 -12.08 13.10 -29.51
CA PHE A 473 -11.50 13.82 -30.65
C PHE A 473 -11.17 15.31 -30.38
N ASP A 474 -12.18 16.13 -30.08
CA ASP A 474 -11.96 17.56 -29.81
C ASP A 474 -11.14 17.79 -28.53
N ARG A 475 -11.43 17.01 -27.48
CA ARG A 475 -10.52 16.91 -26.32
C ARG A 475 -9.05 16.84 -26.77
N ALA A 476 -8.75 15.95 -27.71
CA ALA A 476 -7.37 15.72 -28.18
C ALA A 476 -6.81 16.87 -29.02
N ILE A 477 -7.62 17.35 -29.94
CA ILE A 477 -7.25 18.50 -30.79
C ILE A 477 -6.72 19.67 -29.97
N ARG A 478 -7.50 20.11 -28.99
CA ARG A 478 -7.12 21.29 -28.21
C ARG A 478 -5.89 21.05 -27.33
N TRP A 479 -5.79 19.84 -26.76
CA TRP A 479 -4.65 19.51 -25.92
C TRP A 479 -3.38 19.61 -26.78
N LEU A 480 -3.44 19.02 -27.96
CA LEU A 480 -2.29 18.98 -28.88
C LEU A 480 -1.94 20.37 -29.43
N LEU A 481 -2.95 21.24 -29.49
CA LEU A 481 -2.74 22.64 -29.82
C LEU A 481 -2.11 23.40 -28.64
N GLU A 482 -2.71 23.29 -27.45
CA GLU A 482 -2.21 23.96 -26.25
C GLU A 482 -0.77 23.61 -25.93
N HIS A 483 -0.43 22.33 -26.12
CA HIS A 483 0.91 21.84 -25.80
C HIS A 483 1.81 21.77 -27.02
N SER A 484 1.33 22.40 -28.09
CA SER A 484 2.07 22.68 -29.32
C SER A 484 2.80 21.47 -29.89
N PHE A 485 2.04 20.38 -30.06
CA PHE A 485 2.45 19.24 -30.89
C PHE A 485 1.96 19.44 -32.33
N ILE A 486 0.80 20.09 -32.48
CA ILE A 486 0.27 20.43 -33.80
C ILE A 486 0.13 21.96 -33.93
N LYS A 487 0.04 22.46 -35.17
CA LYS A 487 -0.24 23.88 -35.43
C LYS A 487 -1.28 24.02 -36.55
N GLU A 488 -2.04 25.11 -36.53
CA GLU A 488 -3.01 25.44 -37.59
C GLU A 488 -2.39 26.32 -38.67
N GLU A 489 -2.62 25.97 -39.93
CA GLU A 489 -2.11 26.76 -41.06
C GLU A 489 -3.21 27.31 -41.97
N GLY A 490 -4.45 27.23 -41.50
CA GLY A 490 -5.62 27.69 -42.26
C GLY A 490 -6.68 26.62 -42.19
N ASN A 491 -6.91 25.95 -43.31
CA ASN A 491 -7.86 24.84 -43.33
C ASN A 491 -7.28 23.55 -42.74
N THR A 492 -6.00 23.57 -42.34
CA THR A 492 -5.28 22.32 -42.03
C THR A 492 -4.46 22.28 -40.72
N PHE A 493 -4.30 21.07 -40.18
CA PHE A 493 -3.44 20.80 -39.03
C PHE A 493 -2.12 20.19 -39.48
N ALA A 494 -1.04 20.57 -38.81
CA ALA A 494 0.28 20.06 -39.12
C ALA A 494 1.04 19.87 -37.83
N LEU A 495 1.91 18.85 -37.81
CA LEU A 495 2.80 18.66 -36.71
C LEU A 495 3.78 19.82 -36.63
N THR A 496 4.07 20.25 -35.40
CA THR A 496 5.17 21.17 -35.15
C THR A 496 6.47 20.39 -35.38
N ASN A 497 7.59 21.11 -35.38
CA ASN A 497 8.90 20.47 -35.49
C ASN A 497 9.15 19.51 -34.33
N PHE A 498 8.67 19.92 -33.15
CA PHE A 498 8.72 19.14 -31.93
C PHE A 498 7.78 17.93 -32.04
N GLY A 499 6.54 18.20 -32.44
CA GLY A 499 5.51 17.17 -32.66
C GLY A 499 5.92 16.06 -33.62
N LYS A 500 6.63 16.44 -34.68
CA LYS A 500 7.15 15.49 -35.66
C LYS A 500 8.32 14.65 -35.10
N ARG A 501 9.20 15.29 -34.34
CA ARG A 501 10.32 14.59 -33.68
C ARG A 501 9.82 13.56 -32.65
N VAL A 502 8.74 13.91 -31.95
CA VAL A 502 8.11 13.07 -30.94
C VAL A 502 7.48 11.84 -31.59
N ALA A 503 6.79 12.08 -32.69
CA ALA A 503 6.16 11.04 -33.49
C ALA A 503 7.18 10.02 -33.99
N ASP A 504 8.30 10.53 -34.50
CA ASP A 504 9.44 9.70 -34.93
C ASP A 504 10.14 8.93 -33.80
N LEU A 505 10.18 9.50 -32.60
CA LEU A 505 10.81 8.80 -31.47
C LEU A 505 9.87 7.77 -30.84
N TYR A 506 8.58 7.94 -31.13
CA TYR A 506 7.49 7.03 -30.73
C TYR A 506 7.19 7.07 -29.23
N ILE A 507 7.49 8.18 -28.58
CA ILE A 507 7.14 8.33 -27.19
C ILE A 507 5.74 8.92 -27.08
N ASN A 508 4.99 8.56 -26.04
CA ASN A 508 3.68 9.18 -25.82
C ASN A 508 3.81 10.72 -25.73
N PRO A 509 2.84 11.46 -26.32
CA PRO A 509 2.81 12.91 -26.20
C PRO A 509 2.87 13.39 -24.74
N PHE A 510 2.19 12.70 -23.84
CA PHE A 510 2.27 13.01 -22.39
C PHE A 510 3.67 12.87 -21.84
N THR A 511 4.41 11.85 -22.29
CA THR A 511 5.82 11.70 -21.96
C THR A 511 6.63 12.87 -22.47
N ALA A 512 6.47 13.17 -23.76
CA ALA A 512 7.16 14.28 -24.41
C ALA A 512 6.89 15.62 -23.72
N ASP A 513 5.64 15.81 -23.30
CA ASP A 513 5.23 17.03 -22.61
C ASP A 513 5.92 17.17 -21.24
N ILE A 514 6.05 16.05 -20.52
CA ILE A 514 6.70 16.05 -19.20
C ILE A 514 8.17 16.39 -19.31
N ILE A 515 8.83 15.80 -20.31
CA ILE A 515 10.25 15.99 -20.58
C ILE A 515 10.56 17.45 -20.93
N ARG A 516 9.77 18.01 -21.84
CA ARG A 516 9.95 19.38 -22.29
C ARG A 516 9.77 20.36 -21.13
N LYS A 517 8.70 20.16 -20.36
CA LYS A 517 8.45 20.93 -19.15
C LYS A 517 9.63 20.84 -18.18
N GLY A 518 10.11 19.62 -17.95
CA GLY A 518 11.28 19.39 -17.10
C GLY A 518 12.56 20.05 -17.59
N LEU A 519 12.81 19.99 -18.89
CA LEU A 519 14.06 20.54 -19.46
C LEU A 519 14.07 22.07 -19.56
N GLU A 520 12.90 22.64 -19.82
CA GLU A 520 12.75 24.08 -19.99
C GLU A 520 12.58 24.82 -18.66
N GLY A 521 12.17 24.09 -17.62
CA GLY A 521 11.91 24.66 -16.30
C GLY A 521 13.13 24.76 -15.39
N HIS A 522 14.13 23.94 -15.65
CA HIS A 522 15.28 23.80 -14.77
C HIS A 522 16.61 23.78 -15.55
N LYS A 523 17.67 24.23 -14.89
CA LYS A 523 19.03 24.15 -15.44
C LYS A 523 19.54 22.71 -15.43
N ALA A 524 20.63 22.46 -16.15
CA ALA A 524 21.26 21.14 -16.16
C ALA A 524 21.43 20.61 -14.73
N SER A 525 20.99 19.37 -14.51
CA SER A 525 21.07 18.79 -13.19
C SER A 525 21.93 17.55 -13.23
N CYS A 526 21.82 16.72 -12.19
CA CYS A 526 22.63 15.53 -12.08
C CYS A 526 21.90 14.37 -12.77
N GLU A 527 22.60 13.26 -12.96
CA GLU A 527 22.06 12.14 -13.70
C GLU A 527 20.85 11.47 -13.03
N LEU A 528 20.83 11.47 -11.70
CA LEU A 528 19.69 10.95 -10.95
C LEU A 528 18.37 11.64 -11.34
N ALA A 529 18.46 12.96 -11.53
CA ALA A 529 17.31 13.81 -11.81
C ALA A 529 16.70 13.53 -13.18
N TYR A 530 17.54 13.29 -14.17
CA TYR A 530 17.06 12.95 -15.51
C TYR A 530 16.42 11.58 -15.50
N LEU A 531 17.03 10.64 -14.78
CA LEU A 531 16.50 9.30 -14.69
C LEU A 531 15.13 9.36 -14.02
N HIS A 532 15.04 10.15 -12.95
CA HIS A 532 13.81 10.32 -12.23
C HIS A 532 12.69 10.85 -13.13
N LEU A 533 12.96 11.95 -13.85
CA LEU A 533 11.97 12.56 -14.75
C LEU A 533 11.43 11.57 -15.78
N LEU A 534 12.31 10.74 -16.34
CA LEU A 534 11.95 9.82 -17.41
C LEU A 534 11.15 8.64 -16.89
N ALA A 535 11.56 8.11 -15.72
CA ALA A 535 10.79 7.07 -15.02
C ALA A 535 9.39 7.54 -14.68
N PHE A 536 9.24 8.79 -14.32
CA PHE A 536 7.94 9.33 -13.94
C PHE A 536 6.93 9.32 -15.10
N THR A 537 7.42 9.40 -16.33
CA THR A 537 6.55 9.50 -17.53
C THR A 537 5.72 8.22 -17.71
N PRO A 538 4.59 8.30 -18.43
CA PRO A 538 3.79 7.12 -18.74
C PRO A 538 4.58 6.01 -19.44
N ASP A 539 5.60 6.39 -20.20
CA ASP A 539 6.43 5.43 -20.91
C ASP A 539 7.53 4.86 -20.01
N GLY A 540 7.77 5.48 -18.86
CA GLY A 540 8.81 5.04 -17.91
C GLY A 540 8.46 3.73 -17.19
N PRO A 541 9.48 3.03 -16.63
CA PRO A 541 9.17 1.79 -15.93
C PRO A 541 8.34 2.04 -14.65
N LEU A 542 7.65 1.01 -14.18
CA LEU A 542 7.09 0.98 -12.83
C LEU A 542 7.71 -0.19 -12.11
N VAL A 543 8.04 0.01 -10.86
CA VAL A 543 8.69 -1.03 -10.07
C VAL A 543 7.82 -1.14 -8.80
N SER A 544 7.83 -2.28 -8.12
CA SER A 544 7.14 -2.37 -6.85
C SER A 544 8.02 -1.73 -5.79
N VAL A 545 7.38 -1.09 -4.82
CA VAL A 545 8.09 -0.33 -3.81
C VAL A 545 7.58 -0.88 -2.50
N GLY A 546 8.49 -1.24 -1.61
CA GLY A 546 8.09 -1.70 -0.28
C GLY A 546 7.55 -0.54 0.54
N ARG A 547 6.80 -0.86 1.59
CA ARG A 547 6.23 0.16 2.49
C ARG A 547 7.31 0.92 3.28
N ASN A 548 8.20 0.18 3.95
CA ASN A 548 9.37 0.76 4.63
C ASN A 548 10.29 1.48 3.63
N GLU A 549 10.47 0.86 2.46
CA GLU A 549 11.24 1.41 1.36
C GLU A 549 10.69 2.77 0.92
N GLU A 550 9.37 2.86 0.73
CA GLU A 550 8.74 4.14 0.41
C GLU A 550 9.08 5.21 1.47
N GLU A 551 9.06 4.84 2.74
CA GLU A 551 9.45 5.76 3.81
C GLU A 551 10.92 6.20 3.72
N GLU A 552 11.83 5.27 3.48
CA GLU A 552 13.24 5.63 3.25
C GLU A 552 13.43 6.57 2.04
N LEU A 553 12.66 6.31 0.97
CA LEU A 553 12.68 7.15 -0.23
C LEU A 553 12.18 8.57 0.03
N ILE A 554 11.10 8.67 0.82
CA ILE A 554 10.57 9.98 1.21
C ILE A 554 11.59 10.79 2.04
N GLU A 555 12.23 10.13 3.01
CA GLU A 555 13.36 10.68 3.75
C GLU A 555 14.53 11.11 2.84
N LEU A 556 14.82 10.32 1.81
CA LEU A 556 15.89 10.64 0.88
C LEU A 556 15.61 11.95 0.13
N LEU A 557 14.38 12.13 -0.32
CA LEU A 557 13.95 13.38 -0.94
C LEU A 557 14.27 14.60 -0.10
N GLU A 558 14.26 14.43 1.22
CA GLU A 558 14.56 15.50 2.15
C GLU A 558 16.07 15.76 2.25
N ASP A 559 16.87 14.86 1.70
CA ASP A 559 18.33 14.84 1.85
C ASP A 559 19.09 15.03 0.55
N LEU A 560 18.37 15.11 -0.56
CA LEU A 560 18.96 15.16 -1.88
C LEU A 560 19.58 16.54 -2.16
N ASP A 561 20.88 16.56 -2.47
CA ASP A 561 21.55 17.78 -2.92
C ASP A 561 21.04 18.15 -4.32
N CYS A 562 21.10 17.18 -5.24
CA CYS A 562 20.58 17.29 -6.61
C CYS A 562 19.15 17.86 -6.62
N GLU A 563 18.85 18.76 -7.55
CA GLU A 563 17.48 19.18 -7.74
C GLU A 563 16.77 18.24 -8.72
N LEU A 564 15.50 17.99 -8.48
CA LEU A 564 14.70 17.19 -9.41
C LEU A 564 13.98 18.09 -10.41
N LEU A 565 13.67 17.53 -11.58
CA LEU A 565 13.12 18.29 -12.70
C LEU A 565 11.60 18.32 -12.74
N ILE A 566 10.99 17.75 -11.72
CA ILE A 566 9.54 17.67 -11.56
C ILE A 566 9.22 18.10 -10.15
N GLU A 567 8.20 18.94 -10.03
CA GLU A 567 7.72 19.39 -8.74
C GLU A 567 7.05 18.23 -8.01
N GLU A 568 7.23 18.20 -6.68
CA GLU A 568 6.57 17.25 -5.81
C GLU A 568 5.05 17.41 -5.92
N PRO A 569 4.36 16.34 -6.33
CA PRO A 569 2.90 16.33 -6.48
C PRO A 569 2.16 16.55 -5.16
N TYR A 570 0.99 17.17 -5.26
CA TYR A 570 0.11 17.36 -4.12
C TYR A 570 -0.93 16.23 -4.01
N GLU A 571 -1.22 15.58 -5.13
CA GLU A 571 -2.20 14.48 -5.16
C GLU A 571 -1.52 13.14 -4.88
N GLU A 572 -2.17 12.34 -4.04
CA GLU A 572 -1.62 11.09 -3.49
C GLU A 572 -1.15 10.05 -4.54
N ASP A 573 -1.98 9.84 -5.55
CA ASP A 573 -1.70 8.87 -6.59
C ASP A 573 -0.49 9.33 -7.39
N GLU A 574 -0.42 10.62 -7.69
CA GLU A 574 0.70 11.22 -8.42
C GLU A 574 1.97 11.21 -7.60
N TYR A 575 1.83 11.37 -6.30
CA TYR A 575 2.94 11.34 -5.36
C TYR A 575 3.58 9.96 -5.26
N SER A 576 2.76 8.90 -5.27
CA SER A 576 3.27 7.53 -5.31
C SER A 576 4.11 7.33 -6.56
N LEU A 577 3.63 7.85 -7.70
CA LEU A 577 4.40 7.74 -8.94
C LEU A 577 5.77 8.46 -8.85
N TYR A 578 5.76 9.63 -8.22
CA TYR A 578 6.95 10.44 -7.96
C TYR A 578 8.00 9.67 -7.16
N ILE A 579 7.55 8.95 -6.15
CA ILE A 579 8.40 8.09 -5.30
C ILE A 579 8.86 6.85 -6.08
N ASN A 580 7.94 6.30 -6.88
CA ASN A 580 8.23 5.15 -7.73
C ASN A 580 9.38 5.45 -8.70
N ALA A 581 9.33 6.63 -9.30
CA ALA A 581 10.37 7.07 -10.23
C ALA A 581 11.74 7.24 -9.59
N LEU A 582 11.77 7.60 -8.31
CA LEU A 582 13.00 7.73 -7.56
C LEU A 582 13.66 6.36 -7.33
N LYS A 583 12.88 5.33 -6.99
CA LYS A 583 13.42 3.98 -6.91
C LYS A 583 14.03 3.52 -8.26
N VAL A 584 13.29 3.70 -9.35
CA VAL A 584 13.83 3.41 -10.69
C VAL A 584 15.14 4.16 -10.95
N ALA A 585 15.13 5.47 -10.70
CA ALA A 585 16.32 6.30 -10.86
C ALA A 585 17.51 5.74 -10.07
N LEU A 586 17.29 5.34 -8.82
CA LEU A 586 18.34 4.76 -7.99
C LEU A 586 18.86 3.42 -8.50
N ILE A 587 17.96 2.58 -9.02
CA ILE A 587 18.37 1.31 -9.60
C ILE A 587 19.28 1.56 -10.81
N MET A 588 18.84 2.44 -11.72
CA MET A 588 19.60 2.80 -12.93
C MET A 588 20.98 3.34 -12.62
N LYS A 589 21.06 4.16 -11.58
CA LYS A 589 22.31 4.71 -11.11
C LYS A 589 23.29 3.64 -10.56
N ASP A 590 22.80 2.64 -9.83
CA ASP A 590 23.67 1.54 -9.41
C ASP A 590 24.16 0.72 -10.60
N TRP A 591 23.25 0.50 -11.55
CA TRP A 591 23.54 -0.17 -12.81
C TRP A 591 24.68 0.52 -13.54
N MET A 592 24.57 1.84 -13.68
CA MET A 592 25.57 2.65 -14.32
C MET A 592 26.91 2.60 -13.62
N ASP A 593 26.88 2.55 -12.29
CA ASP A 593 28.09 2.60 -11.48
C ASP A 593 28.76 1.23 -11.38
N GLU A 594 28.25 0.29 -12.17
CA GLU A 594 28.80 -1.07 -12.27
C GLU A 594 28.73 -1.85 -10.97
N VAL A 595 27.69 -1.57 -10.17
CA VAL A 595 27.44 -2.36 -8.98
C VAL A 595 27.08 -3.78 -9.43
N ASP A 596 27.61 -4.79 -8.78
CA ASP A 596 27.30 -6.17 -9.15
C ASP A 596 25.79 -6.40 -9.17
N GLU A 597 25.31 -7.10 -10.20
CA GLU A 597 23.88 -7.37 -10.41
C GLU A 597 23.19 -7.89 -9.16
N ASP A 598 23.81 -8.89 -8.53
CA ASP A 598 23.26 -9.55 -7.35
C ASP A 598 23.09 -8.61 -6.17
N THR A 599 24.03 -7.67 -6.01
CA THR A 599 23.93 -6.61 -5.02
C THR A 599 22.68 -5.77 -5.33
N ILE A 600 22.56 -5.34 -6.57
CA ILE A 600 21.41 -4.55 -7.03
C ILE A 600 20.10 -5.32 -6.84
N LEU A 601 20.07 -6.59 -7.19
CA LEU A 601 18.82 -7.37 -7.11
C LEU A 601 18.33 -7.53 -5.66
N SER A 602 19.27 -7.76 -4.75
CA SER A 602 18.91 -7.90 -3.33
C SER A 602 18.57 -6.56 -2.65
N LYS A 603 19.39 -5.54 -2.91
CA LYS A 603 19.18 -4.19 -2.40
C LYS A 603 17.78 -3.66 -2.72
N TYR A 604 17.31 -3.92 -3.94
CA TYR A 604 16.03 -3.36 -4.36
C TYR A 604 14.91 -4.39 -4.44
N ASN A 605 15.22 -5.63 -4.10
CA ASN A 605 14.21 -6.71 -4.12
C ASN A 605 13.56 -6.83 -5.50
N ILE A 606 14.37 -6.82 -6.56
CA ILE A 606 13.91 -7.01 -7.95
C ILE A 606 14.60 -8.22 -8.60
N GLY A 607 14.01 -8.72 -9.69
CA GLY A 607 14.53 -9.87 -10.39
C GLY A 607 15.47 -9.48 -11.52
N SER A 608 16.29 -10.42 -11.97
CA SER A 608 17.17 -10.17 -13.12
C SER A 608 16.40 -9.71 -14.37
N GLY A 609 15.19 -10.26 -14.55
CA GLY A 609 14.33 -9.90 -15.66
C GLY A 609 13.78 -8.49 -15.55
N ASP A 610 13.42 -8.08 -14.31
CA ASP A 610 13.06 -6.68 -13.99
C ASP A 610 14.19 -5.69 -14.32
N LEU A 611 15.41 -5.99 -13.88
CA LEU A 611 16.55 -5.11 -14.17
C LEU A 611 16.74 -4.90 -15.67
N ARG A 612 16.69 -5.99 -16.44
CA ARG A 612 16.91 -5.93 -17.89
C ARG A 612 15.78 -5.20 -18.62
N ASN A 613 14.53 -5.40 -18.19
CA ASN A 613 13.41 -4.65 -18.76
C ASN A 613 13.59 -3.14 -18.55
N MET A 614 13.90 -2.78 -17.31
CA MET A 614 14.14 -1.40 -16.89
C MET A 614 15.26 -0.73 -17.69
N VAL A 615 16.39 -1.43 -17.82
CA VAL A 615 17.53 -0.92 -18.59
C VAL A 615 17.10 -0.61 -20.03
N GLU A 616 16.42 -1.58 -20.65
CA GLU A 616 16.01 -1.46 -22.03
C GLU A 616 15.07 -0.25 -22.26
N THR A 617 14.12 -0.05 -21.35
CA THR A 617 13.22 1.12 -21.36
C THR A 617 13.93 2.45 -21.13
N MET A 618 14.83 2.48 -20.15
CA MET A 618 15.53 3.70 -19.85
C MET A 618 16.54 4.08 -20.93
N ASP A 619 17.13 3.08 -21.62
CA ASP A 619 17.97 3.32 -22.76
C ASP A 619 17.16 4.07 -23.84
N TRP A 620 15.97 3.55 -24.14
CA TRP A 620 15.07 4.14 -25.12
C TRP A 620 14.67 5.56 -24.72
N LEU A 621 14.29 5.73 -23.46
CA LEU A 621 13.89 7.03 -22.93
C LEU A 621 15.01 8.08 -22.82
N THR A 622 16.20 7.67 -22.37
CA THR A 622 17.38 8.56 -22.35
C THR A 622 17.83 8.93 -23.77
N TYR A 623 17.86 7.93 -24.66
CA TYR A 623 18.07 8.19 -26.09
C TYR A 623 17.07 9.22 -26.63
N SER A 624 15.79 9.07 -26.30
CA SER A 624 14.73 9.94 -26.84
C SER A 624 14.80 11.34 -26.24
N ALA A 625 14.99 11.40 -24.92
CA ALA A 625 15.19 12.67 -24.25
C ALA A 625 16.35 13.46 -24.86
N TYR A 626 17.45 12.79 -25.16
CA TYR A 626 18.60 13.45 -25.78
C TYR A 626 18.14 14.16 -27.04
N HIS A 627 17.40 13.44 -27.89
CA HIS A 627 16.94 14.01 -29.16
C HIS A 627 15.88 15.08 -29.01
N LEU A 628 14.98 14.93 -28.03
CA LEU A 628 14.04 16.02 -27.73
C LEU A 628 14.78 17.29 -27.29
N SER A 629 15.81 17.10 -26.48
CA SER A 629 16.67 18.17 -25.98
C SER A 629 17.37 18.91 -27.13
N ARG A 630 17.86 18.15 -28.10
CA ARG A 630 18.48 18.69 -29.32
C ARG A 630 17.46 19.42 -30.19
N GLU A 631 16.27 18.84 -30.32
CA GLU A 631 15.15 19.51 -30.97
C GLU A 631 14.78 20.86 -30.33
N LEU A 632 14.70 20.90 -28.99
CA LEU A 632 14.35 22.10 -28.22
C LEU A 632 15.52 23.06 -28.04
N LYS A 633 16.66 22.72 -28.64
CA LYS A 633 17.89 23.54 -28.60
C LYS A 633 18.38 23.81 -27.17
N LEU A 634 18.28 22.78 -26.33
CA LEU A 634 18.75 22.84 -24.96
C LEU A 634 20.05 22.06 -24.84
N ASN A 635 21.14 22.74 -25.13
CA ASN A 635 22.42 22.07 -25.38
C ASN A 635 23.11 21.52 -24.14
N GLU A 636 23.07 22.27 -23.03
CA GLU A 636 23.58 21.76 -21.76
C GLU A 636 22.87 20.46 -21.36
N HIS A 637 21.53 20.46 -21.39
CA HIS A 637 20.76 19.28 -21.03
C HIS A 637 21.11 18.10 -21.95
N ALA A 638 21.18 18.40 -23.25
CA ALA A 638 21.48 17.42 -24.30
C ALA A 638 22.83 16.72 -24.10
N ASP A 639 23.87 17.48 -23.74
CA ASP A 639 25.15 16.88 -23.42
C ASP A 639 25.10 15.93 -22.21
N LYS A 640 24.32 16.29 -21.18
CA LYS A 640 24.15 15.40 -20.02
C LYS A 640 23.36 14.14 -20.40
N LEU A 641 22.32 14.32 -21.21
CA LEU A 641 21.49 13.23 -21.66
C LEU A 641 22.18 12.25 -22.62
N ARG A 642 23.12 12.74 -23.41
CA ARG A 642 23.90 11.88 -24.31
C ARG A 642 24.85 10.95 -23.55
N ILE A 643 25.52 11.47 -22.53
CA ILE A 643 26.36 10.64 -21.69
C ILE A 643 25.49 9.71 -20.83
N LEU A 644 24.43 10.24 -20.24
CA LEU A 644 23.50 9.40 -19.49
C LEU A 644 23.08 8.16 -20.32
N ASN A 645 22.66 8.38 -21.55
CA ASN A 645 22.22 7.30 -22.43
C ASN A 645 23.28 6.21 -22.63
N LEU A 646 24.51 6.63 -22.93
CA LEU A 646 25.59 5.69 -23.20
C LEU A 646 25.98 4.94 -21.93
N ARG A 647 25.84 5.62 -20.79
CA ARG A 647 26.02 5.01 -19.47
C ARG A 647 24.97 3.97 -19.14
N VAL A 648 23.69 4.31 -19.37
CA VAL A 648 22.57 3.42 -19.09
C VAL A 648 22.58 2.20 -20.01
N ARG A 649 22.95 2.44 -21.27
CA ARG A 649 22.94 1.43 -22.31
C ARG A 649 23.82 0.20 -21.99
N ASP A 650 24.99 0.45 -21.43
CA ASP A 650 25.96 -0.62 -21.18
C ASP A 650 26.15 -0.82 -19.67
N GLY A 651 25.62 0.10 -18.87
CA GLY A 651 25.76 0.07 -17.41
C GLY A 651 27.20 0.29 -17.00
N ILE A 652 27.77 1.40 -17.46
CA ILE A 652 29.19 1.69 -17.32
C ILE A 652 29.44 3.09 -16.78
N LYS A 653 30.55 3.27 -16.10
CA LYS A 653 31.00 4.61 -15.74
C LYS A 653 31.56 5.32 -16.97
N GLU A 654 31.49 6.64 -16.96
CA GLU A 654 31.88 7.46 -18.11
C GLU A 654 33.27 7.09 -18.67
N GLU A 655 34.15 6.58 -17.80
CA GLU A 655 35.52 6.19 -18.19
C GLU A 655 35.55 5.12 -19.28
N LEU A 656 34.49 4.31 -19.36
CA LEU A 656 34.46 3.19 -20.29
C LEU A 656 33.78 3.49 -21.63
N LEU A 657 33.22 4.68 -21.79
CA LEU A 657 32.42 5.00 -22.99
C LEU A 657 33.14 4.79 -24.32
N GLU A 658 34.41 5.18 -24.37
CA GLU A 658 35.18 5.03 -25.61
C GLU A 658 35.34 3.55 -25.98
N LEU A 659 35.63 2.71 -24.99
CA LEU A 659 35.86 1.28 -25.24
C LEU A 659 34.65 0.48 -25.76
N VAL A 660 33.49 0.66 -25.14
CA VAL A 660 32.29 -0.11 -25.53
C VAL A 660 31.79 0.22 -26.95
N GLN A 661 32.31 1.30 -27.52
CA GLN A 661 32.03 1.67 -28.91
C GLN A 661 32.40 0.55 -29.88
N ILE A 662 33.45 -0.21 -29.54
CA ILE A 662 33.94 -1.29 -30.40
C ILE A 662 32.91 -2.42 -30.48
N SER A 663 32.54 -2.78 -31.70
CA SER A 663 31.68 -3.94 -31.94
C SER A 663 32.36 -5.16 -31.31
N GLY A 664 31.64 -5.83 -30.41
CA GLY A 664 32.17 -6.98 -29.70
C GLY A 664 32.95 -6.70 -28.42
N VAL A 665 33.14 -5.43 -28.09
CA VAL A 665 33.57 -5.06 -26.75
C VAL A 665 32.37 -4.55 -25.97
N GLY A 666 31.97 -5.34 -24.97
CA GLY A 666 30.90 -4.94 -24.07
C GLY A 666 31.53 -4.38 -22.81
N ARG A 667 30.71 -4.23 -21.76
CA ARG A 667 31.18 -3.68 -20.48
C ARG A 667 32.21 -4.57 -19.84
N LYS A 668 31.99 -5.89 -19.89
CA LYS A 668 32.89 -6.86 -19.28
C LYS A 668 34.31 -6.84 -19.93
N ARG A 669 34.35 -6.95 -21.26
CA ARG A 669 35.62 -6.88 -21.99
C ARG A 669 36.22 -5.48 -21.94
N ALA A 670 35.37 -4.44 -21.85
CA ALA A 670 35.87 -3.08 -21.67
C ALA A 670 36.50 -2.91 -20.28
N ARG A 671 35.77 -3.38 -19.26
CA ARG A 671 36.29 -3.39 -17.90
C ARG A 671 37.64 -4.10 -17.82
N LEU A 672 37.72 -5.27 -18.45
CA LEU A 672 38.97 -6.04 -18.50
C LEU A 672 40.09 -5.20 -19.10
N LEU A 673 39.80 -4.55 -20.23
CA LEU A 673 40.77 -3.70 -20.91
C LEU A 673 41.24 -2.55 -20.03
N TYR A 674 40.30 -1.75 -19.53
CA TYR A 674 40.60 -0.56 -18.75
C TYR A 674 41.55 -0.83 -17.58
N ASN A 675 41.30 -1.93 -16.86
CA ASN A 675 42.06 -2.25 -15.67
C ASN A 675 43.44 -2.82 -15.98
N ASN A 676 43.63 -3.25 -17.22
CA ASN A 676 44.91 -3.68 -17.73
C ASN A 676 45.69 -2.54 -18.42
N GLY A 677 45.23 -1.31 -18.21
CA GLY A 677 45.91 -0.11 -18.72
C GLY A 677 45.49 0.33 -20.12
N ILE A 678 44.56 -0.42 -20.71
CA ILE A 678 44.03 -0.09 -22.04
C ILE A 678 42.77 0.76 -21.88
N LYS A 679 42.94 2.09 -21.95
CA LYS A 679 41.86 3.02 -21.55
C LYS A 679 41.14 3.68 -22.73
N GLU A 680 41.82 3.72 -23.87
CA GLU A 680 41.38 4.51 -25.03
C GLU A 680 41.45 3.61 -26.25
N LEU A 681 40.75 4.00 -27.31
CA LEU A 681 40.79 3.25 -28.57
C LEU A 681 42.23 3.14 -29.08
N GLY A 682 43.00 4.21 -28.90
CA GLY A 682 44.39 4.27 -29.34
C GLY A 682 45.29 3.32 -28.59
N ASP A 683 44.94 3.04 -27.33
CA ASP A 683 45.64 2.03 -26.52
C ASP A 683 45.44 0.64 -27.13
N VAL A 684 44.22 0.38 -27.63
CA VAL A 684 43.88 -0.87 -28.29
C VAL A 684 44.71 -1.05 -29.58
N VAL A 685 44.66 -0.04 -30.46
CA VAL A 685 45.43 -0.02 -31.71
C VAL A 685 46.93 -0.23 -31.47
N MET A 686 47.46 0.38 -30.41
CA MET A 686 48.91 0.39 -30.18
C MET A 686 49.41 -0.74 -29.29
N ASN A 687 48.50 -1.48 -28.68
CA ASN A 687 48.84 -2.68 -27.93
C ASN A 687 48.09 -3.91 -28.43
N PRO A 688 48.26 -4.26 -29.72
CA PRO A 688 47.43 -5.32 -30.32
C PRO A 688 47.85 -6.72 -29.85
N ASP A 689 49.04 -6.81 -29.26
CA ASP A 689 49.54 -8.03 -28.64
C ASP A 689 48.84 -8.26 -27.30
N LYS A 690 48.70 -7.19 -26.53
CA LYS A 690 48.08 -7.24 -25.21
C LYS A 690 46.55 -7.29 -25.30
N VAL A 691 46.02 -7.00 -26.49
CA VAL A 691 44.58 -7.11 -26.75
C VAL A 691 44.22 -8.58 -27.04
N LYS A 692 45.06 -9.22 -27.86
CA LYS A 692 44.92 -10.64 -28.15
C LYS A 692 45.24 -11.50 -26.93
N ASN A 693 46.04 -10.94 -26.02
CA ASN A 693 46.36 -11.60 -24.75
C ASN A 693 45.17 -11.57 -23.78
N LEU A 694 44.31 -10.57 -23.93
CA LEU A 694 43.17 -10.43 -23.02
C LEU A 694 41.85 -10.91 -23.61
N LEU A 695 41.65 -10.69 -24.91
CA LEU A 695 40.38 -10.98 -25.57
C LEU A 695 40.41 -12.24 -26.46
N GLY A 696 41.61 -12.75 -26.73
CA GLY A 696 41.79 -13.90 -27.62
C GLY A 696 42.26 -13.41 -28.99
N GLN A 697 42.92 -14.30 -29.74
CA GLN A 697 43.49 -13.95 -31.04
C GLN A 697 42.49 -13.43 -32.07
N LYS A 698 41.46 -14.23 -32.38
CA LYS A 698 40.49 -13.91 -33.43
C LYS A 698 39.63 -12.67 -33.13
N LEU A 699 39.05 -12.64 -31.93
CA LEU A 699 38.30 -11.47 -31.46
C LEU A 699 39.22 -10.27 -31.20
N GLY A 700 40.43 -10.55 -30.70
CA GLY A 700 41.45 -9.52 -30.48
C GLY A 700 41.83 -8.81 -31.76
N GLU A 701 41.99 -9.59 -32.83
CA GLU A 701 42.29 -9.09 -34.18
C GLU A 701 41.23 -8.08 -34.66
N LYS A 702 39.96 -8.47 -34.60
CA LYS A 702 38.85 -7.64 -35.09
C LYS A 702 38.67 -6.35 -34.27
N VAL A 703 38.90 -6.44 -32.96
CA VAL A 703 38.78 -5.31 -32.02
C VAL A 703 39.78 -4.18 -32.34
N VAL A 704 40.98 -4.56 -32.81
CA VAL A 704 41.99 -3.60 -33.21
C VAL A 704 41.64 -2.96 -34.57
N GLN A 705 41.08 -3.75 -35.48
CA GLN A 705 40.53 -3.23 -36.73
C GLN A 705 39.55 -2.07 -36.47
N GLU A 706 38.49 -2.35 -35.72
CA GLU A 706 37.42 -1.39 -35.43
C GLU A 706 37.91 -0.12 -34.75
N ALA A 707 38.86 -0.26 -33.81
CA ALA A 707 39.42 0.90 -33.11
C ALA A 707 40.02 1.93 -34.09
N ALA A 708 40.76 1.44 -35.09
CA ALA A 708 41.37 2.31 -36.11
C ALA A 708 40.32 3.01 -37.00
N ARG A 709 39.36 2.24 -37.51
CA ARG A 709 38.37 2.80 -38.43
C ARG A 709 37.43 3.79 -37.73
N LEU A 710 37.20 3.55 -36.44
CA LEU A 710 36.48 4.49 -35.58
C LEU A 710 37.25 5.80 -35.44
N LEU A 711 38.53 5.71 -35.07
CA LEU A 711 39.40 6.87 -34.95
C LEU A 711 39.52 7.62 -36.28
N ASN A 712 39.60 6.88 -37.38
CA ASN A 712 39.62 7.47 -38.72
C ASN A 712 38.27 8.10 -39.08
N LEU B 5 -12.66 42.55 30.72
CA LEU B 5 -11.27 42.06 30.99
C LEU B 5 -10.80 42.48 32.40
N GLU B 6 -11.53 41.98 33.41
CA GLU B 6 -11.19 42.21 34.81
C GLU B 6 -10.60 40.94 35.43
N TRP B 7 -9.64 41.13 36.34
CA TRP B 7 -8.91 40.03 36.96
C TRP B 7 -9.22 39.93 38.47
N MET B 8 -10.40 39.43 38.81
CA MET B 8 -10.83 39.30 40.21
C MET B 8 -9.74 38.72 41.12
N PRO B 9 -9.35 39.49 42.18
CA PRO B 9 -8.46 38.95 43.20
C PRO B 9 -9.14 37.81 43.96
N ILE B 10 -8.38 36.78 44.31
CA ILE B 10 -8.94 35.58 44.93
C ILE B 10 -9.58 35.80 46.30
N GLU B 11 -9.22 36.90 46.95
CA GLU B 11 -9.84 37.31 48.21
C GLU B 11 -11.34 37.59 48.05
N ASP B 12 -11.69 38.19 46.91
CA ASP B 12 -13.08 38.51 46.56
C ASP B 12 -13.98 37.29 46.33
N LEU B 13 -13.37 36.10 46.21
CA LEU B 13 -14.12 34.87 45.88
C LEU B 13 -15.04 34.43 47.02
N LYS B 14 -16.31 34.16 46.67
CA LYS B 14 -17.33 33.80 47.67
C LYS B 14 -17.23 32.32 48.03
N LEU B 15 -16.15 31.99 48.73
CA LEU B 15 -15.79 30.62 49.07
C LEU B 15 -15.12 30.63 50.43
N PRO B 16 -15.27 29.54 51.21
CA PRO B 16 -14.62 29.52 52.53
C PRO B 16 -13.11 29.74 52.45
N SER B 17 -12.53 30.27 53.52
CA SER B 17 -11.12 30.63 53.56
C SER B 17 -10.14 29.47 53.35
N ASN B 18 -10.53 28.27 53.80
CA ASN B 18 -9.70 27.09 53.58
C ASN B 18 -9.60 26.74 52.09
N VAL B 19 -10.65 27.05 51.34
CA VAL B 19 -10.65 26.87 49.90
C VAL B 19 -9.76 27.89 49.21
N ILE B 20 -9.83 29.14 49.66
CA ILE B 20 -9.07 30.24 49.09
C ILE B 20 -7.55 30.08 49.30
N GLU B 21 -7.17 29.55 50.46
CA GLU B 21 -5.78 29.26 50.78
C GLU B 21 -5.15 28.17 49.89
N ILE B 22 -5.96 27.23 49.39
CA ILE B 22 -5.46 26.15 48.55
C ILE B 22 -5.09 26.69 47.17
N ILE B 23 -5.95 27.55 46.66
CA ILE B 23 -5.71 28.30 45.42
C ILE B 23 -4.49 29.20 45.59
N LYS B 24 -4.39 29.82 46.77
CA LYS B 24 -3.28 30.70 47.12
C LYS B 24 -1.94 29.96 47.16
N LYS B 25 -1.99 28.68 47.57
CA LYS B 25 -0.81 27.82 47.67
C LYS B 25 -0.20 27.54 46.28
N ARG B 26 -1.02 27.62 45.23
CA ARG B 26 -0.56 27.48 43.85
C ARG B 26 0.15 28.73 43.31
N GLY B 27 0.12 29.80 44.10
CA GLY B 27 0.76 31.06 43.71
C GLY B 27 -0.15 31.92 42.87
N ILE B 28 -1.45 31.68 42.98
CA ILE B 28 -2.46 32.47 42.29
C ILE B 28 -2.97 33.54 43.25
N LYS B 29 -2.92 34.79 42.80
CA LYS B 29 -3.43 35.93 43.56
C LYS B 29 -4.64 36.56 42.86
N LYS B 30 -4.78 36.29 41.57
CA LYS B 30 -5.87 36.83 40.76
C LYS B 30 -6.38 35.80 39.76
N LEU B 31 -7.68 35.83 39.50
CA LEU B 31 -8.28 34.99 38.47
C LEU B 31 -8.12 35.59 37.07
N ASN B 32 -7.93 34.70 36.09
CA ASN B 32 -7.93 34.99 34.65
C ASN B 32 -9.15 35.79 34.21
N PRO B 33 -9.06 36.53 33.09
CA PRO B 33 -10.30 37.02 32.49
C PRO B 33 -11.39 35.93 32.25
N PRO B 34 -11.08 34.79 31.60
CA PRO B 34 -12.15 33.81 31.46
C PRO B 34 -12.56 33.14 32.80
N GLN B 35 -11.61 33.04 33.73
CA GLN B 35 -11.91 32.55 35.09
C GLN B 35 -12.85 33.49 35.84
N THR B 36 -12.64 34.80 35.68
CA THR B 36 -13.47 35.81 36.33
C THR B 36 -14.84 35.93 35.66
N GLU B 37 -14.87 35.92 34.33
CA GLU B 37 -16.11 36.00 33.57
C GLU B 37 -17.00 34.81 33.92
N ALA B 38 -16.38 33.64 34.10
CA ALA B 38 -17.08 32.44 34.56
C ALA B 38 -17.77 32.67 35.91
N VAL B 39 -17.07 33.30 36.84
CA VAL B 39 -17.61 33.57 38.17
C VAL B 39 -18.72 34.64 38.11
N LYS B 40 -18.50 35.65 37.27
CA LYS B 40 -19.47 36.69 37.02
C LYS B 40 -20.75 36.12 36.41
N LYS B 41 -20.60 35.14 35.53
CA LYS B 41 -21.74 34.52 34.84
C LYS B 41 -22.42 33.39 35.62
N GLY B 42 -21.97 33.17 36.86
CA GLY B 42 -22.68 32.30 37.80
C GLY B 42 -22.06 30.96 38.13
N LEU B 43 -20.78 30.76 37.77
CA LEU B 43 -20.09 29.49 38.03
C LEU B 43 -20.33 28.96 39.44
N LEU B 44 -20.17 29.84 40.42
CA LEU B 44 -20.26 29.46 41.84
C LEU B 44 -21.68 29.13 42.31
N GLU B 45 -22.69 29.68 41.64
CA GLU B 45 -24.10 29.36 41.90
C GLU B 45 -24.53 28.08 41.17
N GLY B 46 -23.66 27.57 40.31
CA GLY B 46 -23.95 26.36 39.57
C GLY B 46 -24.85 26.62 38.38
N ASN B 47 -24.68 27.78 37.74
CA ASN B 47 -25.31 28.06 36.46
C ASN B 47 -24.68 27.19 35.39
N ARG B 48 -25.52 26.61 34.54
CA ARG B 48 -25.07 25.81 33.40
C ARG B 48 -24.31 26.71 32.43
N LEU B 49 -23.00 26.53 32.36
CA LEU B 49 -22.17 27.29 31.44
C LEU B 49 -21.44 26.39 30.44
N LEU B 50 -21.36 26.87 29.20
CA LEU B 50 -20.43 26.33 28.23
C LEU B 50 -19.30 27.35 28.10
N LEU B 51 -18.09 26.91 28.39
CA LEU B 51 -16.93 27.77 28.42
C LEU B 51 -15.96 27.41 27.30
N THR B 52 -15.71 28.38 26.43
CA THR B 52 -14.81 28.22 25.29
C THR B 52 -13.60 29.14 25.51
N SER B 53 -12.40 28.59 25.32
CA SER B 53 -11.14 29.31 25.49
C SER B 53 -9.94 28.43 25.12
N PRO B 54 -8.83 29.04 24.64
CA PRO B 54 -7.60 28.33 24.25
C PRO B 54 -6.99 27.42 25.33
N THR B 55 -5.89 26.74 24.97
CA THR B 55 -5.29 25.67 25.79
C THR B 55 -4.91 26.03 27.24
N GLY B 56 -3.91 26.86 27.43
CA GLY B 56 -3.45 27.19 28.78
C GLY B 56 -4.18 28.35 29.44
N SER B 57 -5.50 28.38 29.28
CA SER B 57 -6.34 29.48 29.82
C SER B 57 -6.92 29.21 31.21
N GLY B 58 -6.44 28.16 31.87
CA GLY B 58 -6.82 27.89 33.25
C GLY B 58 -8.23 27.37 33.43
N LYS B 59 -8.71 26.61 32.45
CA LYS B 59 -10.03 25.95 32.55
C LYS B 59 -10.10 24.99 33.74
N THR B 60 -8.96 24.43 34.13
CA THR B 60 -8.86 23.46 35.23
C THR B 60 -9.36 24.06 36.55
N LEU B 61 -8.87 25.25 36.89
CA LEU B 61 -9.29 25.92 38.11
C LEU B 61 -10.78 26.26 38.07
N ILE B 62 -11.29 26.56 36.87
CA ILE B 62 -12.72 26.78 36.69
C ILE B 62 -13.55 25.53 37.01
N ALA B 63 -13.03 24.37 36.61
CA ALA B 63 -13.67 23.09 36.88
C ALA B 63 -13.63 22.80 38.36
N GLU B 64 -12.49 23.13 38.99
CA GLU B 64 -12.29 22.93 40.43
C GLU B 64 -13.25 23.77 41.27
N MET B 65 -13.34 25.06 40.95
CA MET B 65 -14.25 25.99 41.61
C MET B 65 -15.72 25.64 41.41
N GLY B 66 -16.06 25.13 40.22
CA GLY B 66 -17.41 24.72 39.90
C GLY B 66 -17.83 23.53 40.75
N ILE B 67 -16.96 22.52 40.78
CA ILE B 67 -17.18 21.34 41.60
C ILE B 67 -17.18 21.67 43.09
N ILE B 68 -16.16 22.40 43.54
CA ILE B 68 -16.03 22.69 44.97
C ILE B 68 -17.25 23.50 45.48
N SER B 69 -17.53 24.64 44.84
CA SER B 69 -18.70 25.43 45.20
C SER B 69 -19.98 24.61 45.12
N PHE B 70 -20.16 23.80 44.09
CA PHE B 70 -21.38 22.99 44.02
C PHE B 70 -21.52 22.02 45.19
N LEU B 71 -20.43 21.34 45.52
CA LEU B 71 -20.45 20.33 46.58
C LEU B 71 -20.54 20.97 47.95
N LEU B 72 -20.06 22.21 48.08
CA LEU B 72 -20.17 22.92 49.36
C LEU B 72 -21.60 23.38 49.62
N LYS B 73 -22.31 23.80 48.57
CA LYS B 73 -23.65 24.36 48.73
C LYS B 73 -24.72 23.27 48.76
N ASN B 74 -24.47 22.19 48.01
CA ASN B 74 -25.34 21.01 47.96
C ASN B 74 -24.45 19.83 48.37
N GLY B 75 -25.02 18.71 48.75
CA GLY B 75 -24.14 17.58 49.11
C GLY B 75 -23.74 16.81 47.85
N GLY B 76 -23.73 15.49 47.98
CA GLY B 76 -23.59 14.60 46.84
C GLY B 76 -22.18 14.49 46.32
N LYS B 77 -22.08 14.05 45.08
CA LYS B 77 -20.80 13.79 44.45
C LYS B 77 -20.71 14.57 43.15
N ALA B 78 -19.49 14.68 42.65
CA ALA B 78 -19.23 15.39 41.41
C ALA B 78 -18.31 14.55 40.56
N ILE B 79 -18.45 14.68 39.24
CA ILE B 79 -17.63 13.95 38.29
C ILE B 79 -16.95 14.93 37.36
N TYR B 80 -15.64 14.77 37.23
CA TYR B 80 -14.87 15.42 36.18
C TYR B 80 -14.60 14.40 35.07
N VAL B 81 -15.11 14.67 33.86
CA VAL B 81 -14.97 13.77 32.71
C VAL B 81 -14.09 14.38 31.65
N THR B 82 -13.08 13.64 31.22
CA THR B 82 -12.22 14.08 30.12
C THR B 82 -11.92 12.89 29.16
N PRO B 83 -11.59 13.13 27.87
CA PRO B 83 -11.43 12.01 26.91
C PRO B 83 -10.23 11.06 27.07
N LEU B 84 -9.10 11.57 27.51
CA LEU B 84 -7.87 10.81 27.43
C LEU B 84 -7.38 10.47 28.81
N ARG B 85 -6.79 9.28 28.94
CA ARG B 85 -6.24 8.82 30.23
C ARG B 85 -5.09 9.67 30.77
N ALA B 86 -4.26 10.23 29.87
CA ALA B 86 -3.20 11.15 30.31
C ALA B 86 -3.77 12.36 31.02
N LEU B 87 -4.87 12.91 30.50
CA LEU B 87 -5.53 14.05 31.13
C LEU B 87 -6.25 13.67 32.44
N THR B 88 -6.82 12.47 32.54
CA THR B 88 -7.46 12.06 33.80
C THR B 88 -6.42 11.98 34.91
N ASN B 89 -5.27 11.40 34.59
CA ASN B 89 -4.16 11.31 35.52
C ASN B 89 -3.59 12.66 36.01
N GLU B 90 -3.41 13.60 35.08
CA GLU B 90 -2.96 14.94 35.39
C GLU B 90 -3.97 15.67 36.29
N LYS B 91 -5.26 15.56 35.96
CA LYS B 91 -6.33 16.19 36.73
C LYS B 91 -6.56 15.56 38.10
N TYR B 92 -6.37 14.25 38.19
CA TYR B 92 -6.51 13.56 39.46
C TYR B 92 -5.54 14.11 40.50
N LEU B 93 -4.29 14.26 40.10
CA LEU B 93 -3.22 14.81 40.96
C LEU B 93 -3.49 16.25 41.39
N THR B 94 -3.99 17.08 40.49
CA THR B 94 -4.39 18.44 40.82
C THR B 94 -5.59 18.46 41.81
N PHE B 95 -6.61 17.66 41.53
CA PHE B 95 -7.83 17.65 42.33
C PHE B 95 -7.60 17.10 43.73
N LYS B 96 -6.57 16.27 43.87
CA LYS B 96 -6.20 15.65 45.14
C LYS B 96 -5.82 16.68 46.23
N ASP B 97 -5.56 17.93 45.81
CA ASP B 97 -5.39 19.05 46.75
C ASP B 97 -6.63 19.27 47.60
N TRP B 98 -7.79 18.96 47.03
CA TRP B 98 -9.07 19.26 47.66
C TRP B 98 -9.43 18.37 48.83
N GLU B 99 -8.59 17.36 49.08
CA GLU B 99 -8.70 16.50 50.26
C GLU B 99 -8.38 17.25 51.55
N LEU B 100 -7.67 18.37 51.42
CA LEU B 100 -7.27 19.17 52.56
C LEU B 100 -8.39 20.10 53.01
N ILE B 101 -9.50 20.10 52.29
CA ILE B 101 -10.65 20.88 52.73
C ILE B 101 -11.90 20.04 53.02
N GLY B 102 -11.75 18.72 52.92
CA GLY B 102 -12.76 17.78 53.43
C GLY B 102 -13.32 16.78 52.45
N PHE B 103 -12.91 16.88 51.18
CA PHE B 103 -13.42 16.01 50.11
C PHE B 103 -12.50 14.83 49.81
N LYS B 104 -13.10 13.69 49.44
CA LYS B 104 -12.35 12.51 49.01
C LYS B 104 -12.36 12.38 47.48
N VAL B 105 -11.19 12.12 46.90
CA VAL B 105 -10.98 12.16 45.45
C VAL B 105 -10.54 10.79 44.91
N ALA B 106 -11.15 10.37 43.81
CA ALA B 106 -10.84 9.07 43.21
C ALA B 106 -10.78 9.12 41.69
N MET B 107 -10.08 8.15 41.11
CA MET B 107 -10.11 7.88 39.69
C MET B 107 -10.92 6.61 39.47
N THR B 108 -11.76 6.57 38.44
CA THR B 108 -12.46 5.32 38.08
C THR B 108 -11.47 4.29 37.57
N SER B 109 -11.83 3.01 37.67
CA SER B 109 -10.98 1.92 37.22
C SER B 109 -10.91 1.85 35.69
N GLY B 110 -10.07 0.96 35.15
CA GLY B 110 -9.96 0.77 33.70
C GLY B 110 -10.83 -0.37 33.14
N ASP B 111 -11.51 -1.10 34.05
CA ASP B 111 -12.36 -2.23 33.69
C ASP B 111 -13.74 -1.74 33.35
N TYR B 112 -14.26 -2.15 32.20
CA TYR B 112 -15.62 -1.83 31.79
C TYR B 112 -16.68 -2.73 32.44
N ASP B 113 -16.29 -3.96 32.77
CA ASP B 113 -17.22 -4.99 33.22
C ASP B 113 -17.49 -4.93 34.73
N THR B 114 -17.75 -3.73 35.24
CA THR B 114 -17.92 -3.52 36.68
C THR B 114 -18.68 -2.23 36.97
N ASP B 115 -19.12 -2.06 38.21
CA ASP B 115 -19.86 -0.86 38.58
C ASP B 115 -19.06 0.03 39.52
N ASP B 116 -17.86 -0.41 39.89
CA ASP B 116 -16.96 0.34 40.78
C ASP B 116 -17.71 0.81 42.03
N ALA B 117 -18.36 -0.15 42.69
CA ALA B 117 -19.22 0.12 43.84
C ALA B 117 -18.51 0.94 44.92
N TRP B 118 -17.21 0.66 45.11
CA TRP B 118 -16.38 1.33 46.12
C TRP B 118 -16.38 2.88 46.03
N LEU B 119 -16.83 3.41 44.91
CA LEU B 119 -16.89 4.87 44.73
C LEU B 119 -18.02 5.54 45.52
N LYS B 120 -18.77 4.72 46.28
CA LYS B 120 -19.77 5.24 47.22
C LYS B 120 -19.13 6.10 48.32
N ASN B 121 -17.85 5.85 48.60
CA ASN B 121 -17.12 6.54 49.67
C ASN B 121 -16.42 7.85 49.24
N TYR B 122 -16.67 8.28 48.01
CA TYR B 122 -15.90 9.36 47.40
C TYR B 122 -16.77 10.53 46.92
N ASP B 123 -16.21 11.74 47.02
CA ASP B 123 -16.96 12.96 46.72
C ASP B 123 -16.70 13.43 45.29
N ILE B 124 -15.46 13.32 44.86
CA ILE B 124 -15.06 13.81 43.55
C ILE B 124 -14.44 12.66 42.80
N ILE B 125 -14.98 12.41 41.60
CA ILE B 125 -14.58 11.28 40.81
C ILE B 125 -14.11 11.74 39.43
N ILE B 126 -12.95 11.25 39.02
CA ILE B 126 -12.32 11.62 37.76
C ILE B 126 -12.41 10.41 36.85
N THR B 127 -12.86 10.65 35.63
CA THR B 127 -13.13 9.56 34.69
C THR B 127 -12.98 9.96 33.22
N THR B 128 -12.91 8.95 32.35
CA THR B 128 -13.02 9.14 30.92
C THR B 128 -14.48 8.97 30.49
N TYR B 129 -14.75 9.38 29.26
CA TYR B 129 -16.10 9.35 28.70
C TYR B 129 -16.60 7.93 28.50
N GLU B 130 -15.74 7.03 27.99
CA GLU B 130 -16.07 5.60 27.84
C GLU B 130 -16.33 4.90 29.15
N LYS B 131 -15.47 5.13 30.13
CA LYS B 131 -15.69 4.55 31.45
C LYS B 131 -16.97 5.06 32.11
N LEU B 132 -17.22 6.36 32.02
CA LEU B 132 -18.47 6.92 32.55
C LEU B 132 -19.69 6.31 31.86
N ASP B 133 -19.62 6.25 30.53
CA ASP B 133 -20.66 5.64 29.70
C ASP B 133 -20.92 4.19 30.10
N SER B 134 -19.84 3.43 30.30
CA SER B 134 -19.91 2.05 30.76
C SER B 134 -20.58 1.96 32.15
N LEU B 135 -20.26 2.92 33.01
CA LEU B 135 -20.78 2.91 34.38
C LEU B 135 -22.30 3.07 34.41
N TRP B 136 -22.81 4.06 33.68
CA TRP B 136 -24.25 4.26 33.55
C TRP B 136 -25.00 3.03 33.06
N ARG B 137 -24.33 2.15 32.32
CA ARG B 137 -24.95 0.92 31.83
C ARG B 137 -25.10 -0.11 32.95
N HIS B 138 -24.27 0.03 33.98
CA HIS B 138 -24.24 -0.93 35.07
C HIS B 138 -25.24 -0.56 36.16
N ARG B 139 -25.73 0.68 36.11
CA ARG B 139 -26.76 1.17 37.04
C ARG B 139 -26.30 1.12 38.51
N PRO B 140 -25.17 1.79 38.82
CA PRO B 140 -24.66 1.70 40.18
C PRO B 140 -25.40 2.68 41.07
N GLU B 141 -25.75 2.25 42.27
CA GLU B 141 -26.38 3.15 43.24
C GLU B 141 -25.59 4.45 43.43
N TRP B 142 -24.28 4.37 43.67
CA TRP B 142 -23.46 5.57 43.93
C TRP B 142 -23.59 6.67 42.85
N LEU B 143 -23.84 6.27 41.61
CA LEU B 143 -23.92 7.22 40.49
C LEU B 143 -25.20 8.08 40.57
N ASN B 144 -26.18 7.62 41.34
CA ASN B 144 -27.36 8.42 41.66
C ASN B 144 -27.03 9.63 42.53
N GLU B 145 -25.94 9.56 43.30
CA GLU B 145 -25.53 10.70 44.12
C GLU B 145 -24.85 11.84 43.34
N VAL B 146 -24.39 11.56 42.12
CA VAL B 146 -23.67 12.55 41.33
C VAL B 146 -24.63 13.56 40.70
N ASN B 147 -24.57 14.79 41.18
CA ASN B 147 -25.46 15.86 40.75
C ASN B 147 -24.78 16.95 39.92
N TYR B 148 -23.45 16.84 39.79
CA TYR B 148 -22.68 17.84 39.06
C TYR B 148 -21.63 17.15 38.22
N PHE B 149 -21.62 17.44 36.93
CA PHE B 149 -20.63 16.89 35.98
C PHE B 149 -19.86 18.00 35.32
N VAL B 150 -18.54 17.88 35.28
CA VAL B 150 -17.76 18.74 34.43
C VAL B 150 -17.43 17.95 33.18
N LEU B 151 -17.93 18.43 32.04
CA LEU B 151 -17.69 17.77 30.79
C LEU B 151 -16.62 18.54 30.04
N ASP B 152 -15.40 18.02 30.09
CA ASP B 152 -14.25 18.70 29.54
C ASP B 152 -13.90 18.20 28.14
N GLU B 153 -13.30 19.09 27.35
CA GLU B 153 -12.94 18.83 25.96
C GLU B 153 -14.17 18.44 25.16
N LEU B 154 -15.20 19.26 25.24
CA LEU B 154 -16.48 18.92 24.61
C LEU B 154 -16.41 18.95 23.09
N HIS B 155 -15.44 19.68 22.55
CA HIS B 155 -15.20 19.66 21.10
C HIS B 155 -14.98 18.27 20.53
N TYR B 156 -14.71 17.30 21.40
CA TYR B 156 -14.62 15.91 21.01
C TYR B 156 -15.95 15.29 20.54
N LEU B 157 -17.08 15.98 20.72
CA LEU B 157 -18.37 15.58 20.12
C LEU B 157 -18.25 15.39 18.61
N ASN B 158 -17.29 16.12 18.03
CA ASN B 158 -17.03 16.14 16.59
C ASN B 158 -16.09 15.02 16.12
N ASP B 159 -15.50 14.29 17.06
CA ASP B 159 -14.58 13.21 16.76
C ASP B 159 -15.35 11.94 16.34
N PRO B 160 -14.97 11.34 15.19
CA PRO B 160 -15.66 10.15 14.70
C PRO B 160 -15.65 8.99 15.69
N GLU B 161 -14.55 8.86 16.42
CA GLU B 161 -14.33 7.73 17.33
C GLU B 161 -14.99 7.96 18.71
N ARG B 162 -14.84 9.14 19.27
CA ARG B 162 -15.30 9.37 20.64
C ARG B 162 -16.53 10.29 20.75
N GLY B 163 -16.86 11.01 19.68
CA GLY B 163 -18.05 11.87 19.66
C GLY B 163 -19.32 11.21 20.16
N PRO B 164 -19.69 10.04 19.58
CA PRO B 164 -20.88 9.29 20.03
C PRO B 164 -20.89 9.02 21.54
N VAL B 165 -19.72 8.69 22.10
CA VAL B 165 -19.62 8.41 23.53
C VAL B 165 -19.77 9.70 24.36
N VAL B 166 -19.08 10.76 23.94
CA VAL B 166 -19.22 12.07 24.58
C VAL B 166 -20.70 12.47 24.57
N GLU B 167 -21.38 12.23 23.46
CA GLU B 167 -22.80 12.53 23.33
C GLU B 167 -23.68 11.77 24.31
N SER B 168 -23.50 10.45 24.41
CA SER B 168 -24.28 9.62 25.33
C SER B 168 -24.15 10.08 26.77
N VAL B 169 -22.93 10.42 27.17
CA VAL B 169 -22.64 10.91 28.51
C VAL B 169 -23.33 12.27 28.73
N THR B 170 -23.24 13.15 27.73
CA THR B 170 -23.75 14.51 27.84
C THR B 170 -25.28 14.54 27.97
N ILE B 171 -25.96 13.69 27.21
CA ILE B 171 -27.40 13.49 27.33
C ILE B 171 -27.83 13.26 28.79
N ARG B 172 -27.20 12.30 29.44
CA ARG B 172 -27.53 11.94 30.83
C ARG B 172 -27.14 13.05 31.79
N ALA B 173 -26.02 13.69 31.52
CA ALA B 173 -25.55 14.81 32.34
C ALA B 173 -26.46 16.04 32.26
N LYS B 174 -27.20 16.18 31.16
CA LYS B 174 -28.16 17.28 30.99
C LYS B 174 -29.37 17.16 31.91
N ARG B 175 -29.64 15.94 32.39
CA ARG B 175 -30.77 15.71 33.29
C ARG B 175 -30.47 16.30 34.66
N ARG B 176 -29.19 16.51 34.94
CA ARG B 176 -28.77 17.03 36.25
C ARG B 176 -28.07 18.38 36.07
N ASN B 177 -26.94 18.56 36.72
CA ASN B 177 -26.19 19.80 36.58
C ASN B 177 -24.85 19.55 35.91
N LEU B 178 -24.47 20.46 35.04
CA LEU B 178 -23.21 20.35 34.34
C LEU B 178 -22.52 21.70 34.13
N LEU B 179 -21.20 21.63 34.01
CA LEU B 179 -20.39 22.68 33.42
C LEU B 179 -19.63 22.02 32.28
N ALA B 180 -19.56 22.71 31.15
CA ALA B 180 -18.95 22.19 29.94
C ALA B 180 -17.82 23.10 29.49
N LEU B 181 -16.67 22.51 29.24
CA LEU B 181 -15.47 23.23 28.86
C LEU B 181 -14.93 22.64 27.57
N SER B 182 -14.45 23.48 26.67
CA SER B 182 -13.81 23.01 25.45
C SER B 182 -12.88 24.02 24.80
N ALA B 183 -12.23 23.58 23.73
CA ALA B 183 -11.49 24.45 22.83
C ALA B 183 -12.49 25.23 22.01
N THR B 184 -11.98 26.05 21.09
CA THR B 184 -12.83 26.90 20.25
C THR B 184 -13.92 26.06 19.57
N ILE B 185 -15.15 26.56 19.64
CA ILE B 185 -16.27 25.98 18.90
C ILE B 185 -16.88 27.11 18.08
N SER B 186 -16.91 26.92 16.77
CA SER B 186 -17.42 27.94 15.87
C SER B 186 -18.94 28.06 15.96
N ASN B 187 -19.62 26.94 16.10
CA ASN B 187 -21.07 26.94 16.30
C ASN B 187 -21.46 26.88 17.78
N TYR B 188 -20.77 27.66 18.59
CA TYR B 188 -20.89 27.60 20.06
C TYR B 188 -22.30 27.96 20.55
N LYS B 189 -22.97 28.86 19.82
CA LYS B 189 -24.33 29.23 20.16
C LYS B 189 -25.29 28.06 19.93
N GLN B 190 -25.06 27.32 18.84
CA GLN B 190 -25.84 26.11 18.53
C GLN B 190 -25.64 25.00 19.57
N ILE B 191 -24.40 24.86 20.06
CA ILE B 191 -24.07 23.80 21.00
C ILE B 191 -24.52 24.13 22.42
N ALA B 192 -24.47 25.41 22.78
CA ALA B 192 -24.99 25.88 24.06
C ALA B 192 -26.49 25.63 24.17
N LYS B 193 -27.24 26.05 23.14
CA LYS B 193 -28.70 25.86 23.06
C LYS B 193 -29.10 24.39 23.23
N TRP B 194 -28.30 23.49 22.67
CA TRP B 194 -28.49 22.05 22.87
C TRP B 194 -28.26 21.65 24.32
N LEU B 195 -27.20 22.19 24.92
CA LEU B 195 -26.90 21.94 26.33
C LEU B 195 -27.88 22.64 27.27
N GLY B 196 -28.54 23.70 26.78
CA GLY B 196 -29.32 24.59 27.64
C GLY B 196 -28.38 25.41 28.52
N ALA B 197 -27.17 25.65 28.00
CA ALA B 197 -26.14 26.34 28.76
C ALA B 197 -26.10 27.81 28.38
N GLU B 198 -25.21 28.54 29.06
CA GLU B 198 -24.92 29.93 28.72
C GLU B 198 -23.53 30.00 28.11
N PRO B 199 -23.45 30.39 26.81
CA PRO B 199 -22.18 30.52 26.11
C PRO B 199 -21.27 31.57 26.75
N VAL B 200 -20.07 31.13 27.13
CA VAL B 200 -19.03 32.04 27.59
C VAL B 200 -17.85 31.81 26.64
N ALA B 201 -17.95 32.45 25.48
CA ALA B 201 -16.95 32.31 24.44
C ALA B 201 -15.92 33.44 24.54
N THR B 202 -14.64 33.05 24.55
CA THR B 202 -13.56 34.04 24.61
C THR B 202 -12.33 33.63 23.78
N ASN B 203 -11.66 34.66 23.25
CA ASN B 203 -10.45 34.50 22.45
C ASN B 203 -9.18 34.73 23.28
N TRP B 204 -9.35 35.27 24.49
CA TRP B 204 -8.24 35.65 25.36
C TRP B 204 -7.19 34.55 25.51
N ARG B 205 -5.93 34.95 25.52
CA ARG B 205 -4.82 34.03 25.71
C ARG B 205 -3.82 34.69 26.66
N PRO B 206 -3.14 33.88 27.51
CA PRO B 206 -2.13 34.43 28.44
C PRO B 206 -0.96 35.11 27.72
N VAL B 207 -0.49 34.50 26.65
CA VAL B 207 0.59 35.05 25.84
C VAL B 207 0.02 35.30 24.44
N PRO B 208 0.19 36.53 23.91
CA PRO B 208 -0.25 36.82 22.54
C PRO B 208 0.32 35.86 21.50
N LEU B 209 -0.40 35.69 20.40
CA LEU B 209 -0.02 34.77 19.33
C LEU B 209 0.09 35.48 17.99
N ILE B 210 1.22 35.29 17.31
CA ILE B 210 1.36 35.71 15.92
C ILE B 210 1.52 34.53 14.98
N GLU B 211 0.72 34.52 13.92
CA GLU B 211 0.72 33.44 12.97
C GLU B 211 1.43 33.84 11.69
N GLY B 212 2.26 32.95 11.16
CA GLY B 212 3.04 33.25 9.97
C GLY B 212 3.26 32.07 9.04
N VAL B 213 3.57 32.37 7.79
CA VAL B 213 3.81 31.36 6.76
C VAL B 213 5.20 31.57 6.19
N ILE B 214 6.06 30.54 6.30
CA ILE B 214 7.40 30.59 5.71
C ILE B 214 7.44 29.97 4.30
N TYR B 215 8.11 30.66 3.36
CA TYR B 215 8.22 30.20 1.97
C TYR B 215 9.64 30.39 1.41
N PRO B 216 10.05 29.53 0.43
CA PRO B 216 11.37 29.70 -0.21
C PRO B 216 11.47 30.82 -1.24
N GLU B 217 12.71 31.52 -1.27
CA GLU B 217 12.92 32.52 -2.33
C GLU B 217 13.86 31.99 -3.44
N ARG B 218 14.52 32.92 -4.17
CA ARG B 218 15.31 32.55 -5.37
C ARG B 218 16.56 31.66 -5.11
N LYS B 219 17.52 32.23 -4.27
CA LYS B 219 18.71 31.44 -3.87
C LYS B 219 18.23 30.26 -3.01
N LYS B 220 18.98 29.10 -3.13
CA LYS B 220 18.51 27.81 -2.61
C LYS B 220 18.23 27.76 -1.10
N LYS B 221 19.02 28.49 -0.31
CA LYS B 221 18.93 28.42 1.15
C LYS B 221 18.34 29.69 1.80
N GLU B 222 17.76 30.58 0.99
CA GLU B 222 17.02 31.71 1.54
C GLU B 222 15.49 31.52 1.63
N TYR B 223 14.96 32.09 2.71
CA TYR B 223 13.57 31.85 3.09
C TYR B 223 12.94 33.15 3.60
N ASN B 224 11.48 33.23 3.35
CA ASN B 224 10.73 34.42 3.78
C ASN B 224 9.51 34.04 4.63
N VAL B 225 9.40 34.67 5.79
CA VAL B 225 8.27 34.52 6.68
C VAL B 225 7.45 35.78 6.61
N ILE B 226 6.19 35.65 6.18
CA ILE B 226 5.22 36.73 6.27
C ILE B 226 4.23 36.40 7.38
N PHE B 227 3.89 37.42 8.19
CA PHE B 227 2.97 37.25 9.32
C PHE B 227 1.61 37.90 9.08
N LYS B 228 0.66 37.60 9.97
CA LYS B 228 -0.71 38.11 9.90
C LYS B 228 -0.81 39.64 9.82
N ASP B 229 0.13 40.34 10.47
CA ASP B 229 0.18 41.81 10.45
C ASP B 229 0.98 42.38 9.28
N ASN B 230 1.23 41.53 8.28
CA ASN B 230 2.06 41.86 7.10
C ASN B 230 3.51 42.22 7.43
N THR B 231 4.00 41.70 8.55
CA THR B 231 5.42 41.81 8.91
C THR B 231 6.19 40.69 8.21
N THR B 232 7.37 41.04 7.71
CA THR B 232 8.25 40.11 7.01
C THR B 232 9.42 39.71 7.91
N LYS B 233 10.05 38.57 7.60
CA LYS B 233 11.27 38.14 8.27
C LYS B 233 12.04 37.17 7.40
N LYS B 234 13.37 37.46 7.20
CA LYS B 234 14.22 36.60 6.39
C LYS B 234 15.11 35.72 7.25
N VAL B 235 15.30 34.42 6.77
CA VAL B 235 16.18 33.47 7.47
C VAL B 235 16.99 32.65 6.46
N HIS B 236 18.09 31.93 7.08
CA HIS B 236 19.09 31.19 6.29
C HIS B 236 19.25 29.79 6.90
N GLY B 237 19.18 28.76 6.06
CA GLY B 237 19.25 27.37 6.55
C GLY B 237 19.09 26.32 5.46
N ASP B 238 19.35 25.06 5.86
CA ASP B 238 19.27 23.92 4.94
C ASP B 238 17.85 23.68 4.42
N ASP B 239 16.86 23.86 5.30
CA ASP B 239 15.46 23.94 4.88
C ASP B 239 14.69 24.88 5.78
N ALA B 240 13.42 25.10 5.46
CA ALA B 240 12.59 26.05 6.18
C ALA B 240 12.45 25.75 7.67
N ILE B 241 12.31 24.48 8.00
CA ILE B 241 12.17 24.03 9.40
C ILE B 241 13.43 24.34 10.22
N ILE B 242 14.59 23.91 9.74
CA ILE B 242 15.87 24.19 10.40
C ILE B 242 16.18 25.68 10.47
N ALA B 243 16.07 26.38 9.34
CA ALA B 243 16.30 27.83 9.31
C ALA B 243 15.51 28.52 10.42
N TYR B 244 14.21 28.24 10.55
CA TYR B 244 13.43 28.93 11.56
C TYR B 244 13.67 28.42 12.99
N THR B 245 13.99 27.13 13.12
CA THR B 245 14.33 26.54 14.42
C THR B 245 15.57 27.18 15.05
N LEU B 246 16.64 27.36 14.26
CA LEU B 246 17.90 27.91 14.78
C LEU B 246 17.76 29.39 15.11
N ASP B 247 16.96 30.08 14.31
CA ASP B 247 16.59 31.48 14.51
C ASP B 247 15.83 31.69 15.84
N SER B 248 15.11 30.65 16.27
CA SER B 248 14.28 30.71 17.48
C SER B 248 15.00 30.23 18.74
N LEU B 249 16.06 29.45 18.56
CA LEU B 249 16.84 28.95 19.70
C LEU B 249 18.00 29.87 20.09
N SER B 250 18.47 30.70 19.17
CA SER B 250 19.51 31.70 19.46
C SER B 250 18.94 32.87 20.27
N LYS B 251 17.66 32.74 20.65
CA LYS B 251 16.99 33.70 21.52
C LYS B 251 16.70 33.08 22.87
N ASN B 252 16.75 31.74 22.92
CA ASN B 252 16.54 30.91 24.12
C ASN B 252 15.09 30.44 24.34
N GLY B 253 14.36 30.36 23.24
CA GLY B 253 13.02 29.85 23.28
C GLY B 253 13.04 28.34 23.19
N GLN B 254 11.86 27.79 22.99
CA GLN B 254 11.72 26.38 22.73
C GLN B 254 10.91 26.28 21.50
N VAL B 255 11.16 25.23 20.73
CA VAL B 255 10.43 24.97 19.51
C VAL B 255 9.80 23.57 19.52
N LEU B 256 8.54 23.54 19.10
CA LEU B 256 7.84 22.32 18.74
C LEU B 256 7.69 22.28 17.23
N VAL B 257 8.21 21.23 16.61
CA VAL B 257 8.00 20.98 15.19
C VAL B 257 7.01 19.82 15.02
N PHE B 258 6.00 20.02 14.19
CA PHE B 258 5.05 18.96 13.87
C PHE B 258 5.30 18.41 12.48
N ARG B 259 5.51 17.09 12.40
CA ARG B 259 5.58 16.39 11.13
C ARG B 259 4.45 15.38 11.10
N ASN B 260 4.09 14.96 9.89
CA ASN B 260 2.95 14.12 9.61
C ASN B 260 3.17 12.67 10.00
N SER B 261 4.40 12.18 9.85
CA SER B 261 4.66 10.77 10.05
C SER B 261 5.73 10.53 11.11
N ARG B 262 5.70 9.34 11.68
CA ARG B 262 6.60 9.00 12.77
C ARG B 262 8.04 9.04 12.30
N LYS B 263 8.34 8.42 11.17
CA LYS B 263 9.71 8.35 10.65
C LYS B 263 10.25 9.73 10.31
N MET B 264 9.39 10.61 9.79
CA MET B 264 9.77 11.99 9.48
C MET B 264 10.02 12.82 10.73
N ALA B 265 9.27 12.55 11.79
CA ALA B 265 9.54 13.20 13.06
C ALA B 265 10.91 12.79 13.56
N GLU B 266 11.24 11.50 13.44
CA GLU B 266 12.55 11.01 13.90
C GLU B 266 13.70 11.60 13.10
N SER B 267 13.56 11.64 11.77
CA SER B 267 14.64 12.08 10.90
C SER B 267 14.80 13.61 10.91
N THR B 268 13.69 14.33 10.98
CA THR B 268 13.73 15.76 11.16
C THR B 268 14.47 16.12 12.47
N ALA B 269 14.15 15.40 13.56
CA ALA B 269 14.82 15.62 14.85
C ALA B 269 16.34 15.46 14.74
N LEU B 270 16.75 14.40 14.06
CA LEU B 270 18.16 14.10 13.89
C LEU B 270 18.86 15.18 13.04
N LYS B 271 18.14 15.71 12.06
CA LYS B 271 18.60 16.82 11.22
C LYS B 271 18.81 18.08 12.06
N ILE B 272 17.86 18.42 12.92
CA ILE B 272 17.99 19.59 13.78
C ILE B 272 19.14 19.40 14.77
N ALA B 273 19.26 18.20 15.33
CA ALA B 273 20.32 17.86 16.29
C ALA B 273 21.74 18.15 15.80
N ASN B 274 22.01 17.89 14.53
CA ASN B 274 23.32 18.19 13.92
C ASN B 274 23.66 19.68 13.93
N TYR B 275 22.62 20.52 14.01
CA TYR B 275 22.78 21.97 14.01
C TYR B 275 22.67 22.59 15.40
N MET B 276 22.85 21.76 16.46
CA MET B 276 22.76 22.22 17.86
C MET B 276 24.13 22.46 18.50
N ASN B 277 24.85 23.46 18.02
CA ASN B 277 26.20 23.71 18.53
C ASN B 277 26.30 25.08 19.28
N PHE B 278 25.63 26.08 18.69
CA PHE B 278 25.66 27.47 19.17
C PHE B 278 24.70 27.69 20.37
N VAL B 279 23.96 26.65 20.75
CA VAL B 279 22.79 26.75 21.64
C VAL B 279 23.12 26.57 23.12
N SER B 280 22.66 27.55 23.93
CA SER B 280 22.73 27.42 25.40
C SER B 280 21.91 26.16 25.82
N LEU B 281 22.62 25.20 26.39
CA LEU B 281 21.97 23.98 26.92
C LEU B 281 22.49 23.69 28.34
N ASP B 282 21.56 23.25 29.19
CA ASP B 282 21.83 22.80 30.55
C ASP B 282 22.31 21.35 30.48
N GLU B 283 23.64 21.20 30.33
CA GLU B 283 24.24 19.91 30.00
C GLU B 283 24.13 18.86 31.10
N ASN B 284 24.13 19.35 32.40
CA ASN B 284 24.07 18.39 33.52
C ASN B 284 22.65 17.88 33.74
N ALA B 285 21.67 18.77 33.48
CA ALA B 285 20.24 18.40 33.50
C ALA B 285 19.91 17.37 32.44
N LEU B 286 20.53 17.53 31.26
CA LEU B 286 20.31 16.63 30.14
C LEU B 286 20.98 15.29 30.41
N SER B 287 22.10 15.34 31.13
CA SER B 287 22.83 14.14 31.55
C SER B 287 22.01 13.29 32.53
N GLU B 288 21.20 13.95 33.34
CA GLU B 288 20.32 13.30 34.31
C GLU B 288 19.08 12.73 33.64
N ILE B 289 18.59 13.44 32.61
CA ILE B 289 17.51 12.95 31.76
C ILE B 289 18.01 11.76 30.97
N LEU B 290 19.30 11.78 30.63
CA LEU B 290 19.94 10.69 29.90
C LEU B 290 20.08 9.44 30.78
N LYS B 291 20.30 9.65 32.08
CA LYS B 291 20.40 8.56 33.04
C LYS B 291 19.06 7.87 33.29
N GLN B 292 18.00 8.67 33.43
CA GLN B 292 16.64 8.16 33.59
C GLN B 292 16.19 7.39 32.35
N LEU B 293 16.62 7.85 31.18
CA LEU B 293 16.37 7.19 29.91
C LEU B 293 16.95 5.77 29.87
N ASP B 294 18.21 5.65 30.25
CA ASP B 294 18.86 4.35 30.38
C ASP B 294 18.10 3.42 31.34
N ASP B 295 17.57 3.99 32.43
CA ASP B 295 16.88 3.21 33.47
C ASP B 295 15.48 2.71 33.07
N ILE B 296 14.82 3.39 32.15
CA ILE B 296 13.47 2.98 31.69
C ILE B 296 13.48 1.56 31.13
N GLU B 297 12.67 0.70 31.75
CA GLU B 297 12.63 -0.70 31.37
C GLU B 297 11.50 -0.95 30.37
N GLU B 298 10.51 -0.05 30.35
CA GLU B 298 9.36 -0.17 29.45
C GLU B 298 9.51 0.76 28.23
N GLY B 299 10.27 0.28 27.26
CA GLY B 299 10.63 1.04 26.07
C GLY B 299 11.63 0.20 25.29
N GLY B 300 11.68 0.41 23.97
CA GLY B 300 12.56 -0.39 23.13
C GLY B 300 14.01 0.08 23.17
N SER B 301 14.94 -0.84 22.92
CA SER B 301 16.37 -0.55 22.86
C SER B 301 16.73 0.44 21.74
N ASP B 302 16.20 0.21 20.54
CA ASP B 302 16.46 1.09 19.41
C ASP B 302 15.91 2.50 19.64
N GLU B 303 14.72 2.58 20.23
CA GLU B 303 14.11 3.85 20.59
C GLU B 303 15.01 4.60 21.58
N LYS B 304 15.49 3.91 22.60
CA LYS B 304 16.32 4.54 23.61
C LYS B 304 17.64 5.03 23.00
N GLU B 305 18.18 4.24 22.08
CA GLU B 305 19.42 4.56 21.33
C GLU B 305 19.22 5.86 20.55
N LEU B 306 18.14 5.93 19.76
CA LEU B 306 17.79 7.12 18.95
C LEU B 306 17.60 8.38 19.82
N LEU B 307 16.90 8.22 20.94
CA LEU B 307 16.64 9.34 21.83
C LEU B 307 17.87 9.77 22.62
N LYS B 308 18.71 8.80 22.97
CA LYS B 308 19.97 9.00 23.68
C LYS B 308 20.90 9.95 22.92
N SER B 309 20.84 9.90 21.60
CA SER B 309 21.70 10.75 20.81
C SER B 309 21.06 12.09 20.47
N LEU B 310 19.74 12.20 20.63
CA LEU B 310 19.04 13.46 20.38
C LEU B 310 19.02 14.33 21.63
N ILE B 311 18.75 13.71 22.76
CA ILE B 311 18.55 14.44 24.00
C ILE B 311 19.86 15.06 24.46
N SER B 312 20.96 14.35 24.25
CA SER B 312 22.28 14.91 24.53
C SER B 312 22.57 16.19 23.72
N LYS B 313 21.77 16.43 22.68
CA LYS B 313 21.86 17.67 21.86
C LYS B 313 20.70 18.62 22.15
N GLY B 314 19.88 18.29 23.15
CA GLY B 314 18.73 19.12 23.54
C GLY B 314 17.49 18.95 22.68
N VAL B 315 17.37 17.78 22.02
CA VAL B 315 16.32 17.50 21.03
C VAL B 315 15.64 16.14 21.35
N ALA B 316 14.38 16.01 20.95
CA ALA B 316 13.69 14.72 21.06
C ALA B 316 12.66 14.64 19.97
N TYR B 317 12.20 13.43 19.67
CA TYR B 317 10.98 13.27 18.87
C TYR B 317 9.92 12.69 19.77
N HIS B 318 8.67 12.78 19.33
CA HIS B 318 7.56 12.39 20.14
C HIS B 318 6.47 11.87 19.22
N HIS B 319 6.18 10.57 19.35
CA HIS B 319 5.04 9.97 18.68
C HIS B 319 4.51 8.77 19.48
N ALA B 320 3.37 8.22 19.03
CA ALA B 320 2.63 7.19 19.79
C ALA B 320 3.27 5.78 19.66
N GLY B 321 4.24 5.64 18.76
CA GLY B 321 5.12 4.47 18.73
C GLY B 321 5.94 4.28 19.99
N LEU B 322 6.31 5.39 20.65
CA LEU B 322 7.01 5.35 21.91
C LEU B 322 6.08 4.98 23.05
N SER B 323 6.59 4.21 23.99
CA SER B 323 5.81 3.90 25.19
C SER B 323 5.53 5.16 26.01
N LYS B 324 4.60 5.01 26.93
CA LYS B 324 4.18 6.07 27.84
C LYS B 324 5.33 6.55 28.71
N ALA B 325 6.11 5.62 29.26
CA ALA B 325 7.29 5.98 30.05
C ALA B 325 8.26 6.90 29.29
N LEU B 326 8.45 6.61 28.00
CA LEU B 326 9.36 7.37 27.16
C LEU B 326 8.79 8.74 26.89
N ARG B 327 7.52 8.77 26.48
CA ARG B 327 6.82 10.03 26.24
C ARG B 327 6.75 10.94 27.48
N ASP B 328 6.54 10.34 28.65
CA ASP B 328 6.52 11.05 29.92
C ASP B 328 7.90 11.68 30.21
N LEU B 329 8.99 10.99 29.86
CA LEU B 329 10.34 11.50 30.11
C LEU B 329 10.63 12.67 29.15
N ILE B 330 10.20 12.51 27.91
CA ILE B 330 10.41 13.53 26.89
C ILE B 330 9.63 14.80 27.23
N GLU B 331 8.35 14.63 27.56
CA GLU B 331 7.45 15.74 27.91
C GLU B 331 7.92 16.56 29.11
N GLU B 332 8.37 15.88 30.18
CA GLU B 332 8.84 16.61 31.34
C GLU B 332 10.18 17.30 31.11
N GLY B 333 11.06 16.70 30.32
CA GLY B 333 12.32 17.35 29.93
C GLY B 333 12.05 18.66 29.24
N PHE B 334 11.03 18.67 28.36
CA PHE B 334 10.59 19.87 27.67
C PHE B 334 9.92 20.85 28.63
N ARG B 335 9.06 20.33 29.50
CA ARG B 335 8.36 21.16 30.48
C ARG B 335 9.36 21.86 31.39
N GLN B 336 10.49 21.21 31.64
CA GLN B 336 11.54 21.79 32.50
C GLN B 336 12.47 22.76 31.74
N ARG B 337 12.23 22.92 30.44
CA ARG B 337 13.06 23.76 29.53
C ARG B 337 14.48 23.22 29.32
N LYS B 338 14.67 21.91 29.53
CA LYS B 338 16.01 21.31 29.35
C LYS B 338 16.14 20.70 27.94
N ILE B 339 15.08 20.05 27.48
CA ILE B 339 14.96 19.70 26.05
C ILE B 339 14.38 20.92 25.36
N LYS B 340 15.07 21.43 24.35
CA LYS B 340 14.70 22.71 23.73
C LYS B 340 13.88 22.59 22.47
N VAL B 341 13.97 21.44 21.80
CA VAL B 341 13.19 21.16 20.59
C VAL B 341 12.52 19.78 20.70
N ILE B 342 11.21 19.72 20.45
CA ILE B 342 10.52 18.45 20.17
C ILE B 342 9.99 18.44 18.73
N VAL B 343 10.25 17.35 18.01
CA VAL B 343 9.60 17.09 16.74
C VAL B 343 8.56 15.99 16.96
N ALA B 344 7.30 16.36 16.80
CA ALA B 344 6.21 15.48 17.14
C ALA B 344 5.27 15.27 15.97
N THR B 345 4.51 14.19 16.06
CA THR B 345 3.37 13.95 15.21
C THR B 345 2.24 14.76 15.82
N PRO B 346 1.14 14.96 15.07
CA PRO B 346 0.07 15.82 15.56
C PRO B 346 -0.47 15.44 16.93
N THR B 347 -0.42 14.16 17.28
CA THR B 347 -0.97 13.66 18.56
C THR B 347 -0.50 14.36 19.86
N LEU B 348 0.72 14.89 19.87
CA LEU B 348 1.18 15.68 21.03
C LEU B 348 0.27 16.89 21.25
N ALA B 349 -0.21 17.47 20.15
CA ALA B 349 -1.05 18.67 20.16
C ALA B 349 -2.37 18.42 20.88
N ALA B 350 -2.81 17.17 20.86
CA ALA B 350 -4.03 16.74 21.54
C ALA B 350 -3.80 16.47 23.03
N GLY B 351 -2.56 16.22 23.41
CA GLY B 351 -2.22 15.72 24.74
C GLY B 351 -2.21 16.78 25.84
N VAL B 352 -1.60 16.44 26.97
CA VAL B 352 -1.53 17.36 28.12
C VAL B 352 -0.86 18.70 27.72
N ASN B 353 -1.22 19.77 28.43
CA ASN B 353 -0.62 21.09 28.30
C ASN B 353 0.91 21.02 28.14
N LEU B 354 1.43 21.58 27.04
CA LEU B 354 2.86 21.61 26.79
C LEU B 354 3.17 22.67 25.74
N PRO B 355 3.37 23.92 26.18
CA PRO B 355 3.65 25.01 25.28
C PRO B 355 5.12 25.08 24.89
N ALA B 356 5.38 25.79 23.80
CA ALA B 356 6.74 26.15 23.37
C ALA B 356 6.70 27.64 23.01
N ARG B 357 7.85 28.25 22.75
CA ARG B 357 7.83 29.66 22.32
C ARG B 357 7.43 29.72 20.84
N THR B 358 7.97 28.77 20.07
CA THR B 358 7.75 28.68 18.62
C THR B 358 7.18 27.31 18.26
N VAL B 359 6.13 27.32 17.45
CA VAL B 359 5.60 26.12 16.81
C VAL B 359 5.86 26.19 15.31
N ILE B 360 6.42 25.12 14.76
CA ILE B 360 6.63 25.00 13.31
C ILE B 360 5.79 23.83 12.79
N ILE B 361 4.83 24.15 11.94
CA ILE B 361 3.94 23.15 11.37
C ILE B 361 4.50 22.75 10.01
N GLY B 362 5.12 21.58 9.98
CA GLY B 362 5.89 21.15 8.82
C GLY B 362 5.15 20.68 7.59
N ASP B 363 4.01 20.01 7.77
CA ASP B 363 3.51 19.12 6.73
C ASP B 363 2.10 19.31 6.19
N ILE B 364 1.59 20.54 6.13
CA ILE B 364 0.22 20.75 5.63
C ILE B 364 0.02 20.14 4.24
N ILE B 378 -5.10 18.75 6.03
CA ILE B 378 -5.14 19.04 7.47
C ILE B 378 -6.38 19.89 7.85
N PRO B 379 -7.19 19.42 8.82
CA PRO B 379 -8.32 20.24 9.26
C PRO B 379 -7.85 21.50 9.97
N ILE B 380 -8.73 22.49 10.07
CA ILE B 380 -8.38 23.72 10.74
C ILE B 380 -8.15 23.47 12.23
N MET B 381 -8.95 22.59 12.84
CA MET B 381 -8.82 22.29 14.26
C MET B 381 -7.44 21.74 14.65
N GLU B 382 -6.87 20.87 13.84
CA GLU B 382 -5.52 20.36 14.12
C GLU B 382 -4.49 21.49 14.07
N TYR B 383 -4.62 22.38 13.09
CA TYR B 383 -3.77 23.56 12.96
C TYR B 383 -3.89 24.44 14.20
N LYS B 384 -5.14 24.72 14.59
CA LYS B 384 -5.43 25.60 15.72
C LYS B 384 -4.87 25.02 17.00
N GLN B 385 -5.02 23.70 17.16
CA GLN B 385 -4.44 23.00 18.29
C GLN B 385 -2.91 23.02 18.30
N MET B 386 -2.31 22.85 17.13
CA MET B 386 -0.85 22.92 17.01
C MET B 386 -0.37 24.35 17.27
N SER B 387 -0.92 25.30 16.52
CA SER B 387 -0.55 26.71 16.67
C SER B 387 -0.83 27.27 18.08
N GLY B 388 -1.91 26.81 18.71
CA GLY B 388 -2.27 27.21 20.08
C GLY B 388 -1.29 26.81 21.18
N ARG B 389 -0.31 25.99 20.85
CA ARG B 389 0.75 25.60 21.78
C ARG B 389 1.89 26.63 21.83
N ALA B 390 1.82 27.65 20.97
CA ALA B 390 2.86 28.67 20.93
C ALA B 390 2.66 29.75 21.99
N GLY B 391 3.62 29.84 22.90
CA GLY B 391 3.62 30.88 23.93
C GLY B 391 3.52 30.28 25.31
N ARG B 392 4.66 30.20 26.00
CA ARG B 392 4.72 29.63 27.34
C ARG B 392 4.24 30.69 28.33
N PRO B 393 3.18 30.36 29.10
CA PRO B 393 2.51 31.34 29.97
C PRO B 393 3.38 31.90 31.09
N GLY B 394 4.44 31.18 31.44
CA GLY B 394 5.38 31.67 32.45
C GLY B 394 6.50 32.58 31.95
N PHE B 395 6.92 32.37 30.70
CA PHE B 395 8.18 32.92 30.19
C PHE B 395 8.04 33.90 29.02
N ASP B 396 7.26 33.51 28.02
CA ASP B 396 7.24 34.22 26.75
C ASP B 396 6.40 35.48 26.76
N GLN B 397 6.89 36.51 26.08
CA GLN B 397 6.14 37.75 25.88
C GLN B 397 5.18 37.60 24.70
N ILE B 398 5.56 36.75 23.75
CA ILE B 398 4.73 36.43 22.58
C ILE B 398 5.05 35.03 22.09
N GLY B 399 4.05 34.36 21.52
CA GLY B 399 4.26 33.08 20.86
C GLY B 399 4.18 33.22 19.35
N GLU B 400 4.94 32.38 18.65
CA GLU B 400 5.00 32.37 17.20
C GLU B 400 4.60 31.01 16.63
N SER B 401 3.60 31.00 15.76
CA SER B 401 3.21 29.82 15.00
C SER B 401 3.53 29.96 13.51
N ILE B 402 4.29 29.03 12.96
CA ILE B 402 4.69 29.13 11.57
C ILE B 402 4.36 27.86 10.75
N VAL B 403 3.65 28.09 9.64
CA VAL B 403 3.30 27.05 8.69
C VAL B 403 4.32 27.02 7.56
N VAL B 404 4.86 25.83 7.27
CA VAL B 404 5.79 25.65 6.16
C VAL B 404 5.02 25.47 4.85
N VAL B 405 5.46 26.17 3.81
CA VAL B 405 4.89 25.98 2.48
C VAL B 405 6.03 25.82 1.47
N ARG B 406 5.72 25.21 0.31
CA ARG B 406 6.69 24.93 -0.75
C ARG B 406 6.84 26.04 -1.78
N ASP B 407 5.91 27.00 -1.79
CA ASP B 407 6.08 28.21 -2.63
C ASP B 407 5.18 29.40 -2.24
N LYS B 408 5.53 30.58 -2.74
CA LYS B 408 4.86 31.85 -2.43
C LYS B 408 3.39 31.91 -2.87
N GLU B 409 3.07 31.26 -3.98
CA GLU B 409 1.70 31.21 -4.53
C GLU B 409 0.70 30.61 -3.54
N ASP B 410 1.15 29.60 -2.81
CA ASP B 410 0.32 28.86 -1.86
C ASP B 410 0.14 29.60 -0.53
N VAL B 411 0.90 30.67 -0.33
CA VAL B 411 0.90 31.43 0.93
C VAL B 411 -0.43 32.10 1.23
N ASP B 412 -1.02 32.71 0.20
CA ASP B 412 -2.32 33.35 0.30
C ASP B 412 -3.38 32.36 0.78
N ARG B 413 -3.35 31.16 0.19
CA ARG B 413 -4.34 30.10 0.45
C ARG B 413 -4.26 29.53 1.86
N VAL B 414 -3.08 29.54 2.44
CA VAL B 414 -2.90 29.04 3.80
C VAL B 414 -3.42 30.04 4.84
N PHE B 415 -3.08 31.32 4.68
CA PHE B 415 -3.63 32.37 5.54
C PHE B 415 -5.16 32.33 5.57
N LYS B 416 -5.76 32.29 4.38
CA LYS B 416 -7.22 32.32 4.24
C LYS B 416 -7.89 31.10 4.89
N LYS B 417 -7.30 29.92 4.68
CA LYS B 417 -7.91 28.68 5.13
C LYS B 417 -7.61 28.36 6.59
N TYR B 418 -6.40 28.68 7.06
CA TYR B 418 -5.95 28.26 8.39
C TYR B 418 -5.88 29.38 9.43
N VAL B 419 -5.32 30.52 9.04
CA VAL B 419 -5.09 31.63 9.96
C VAL B 419 -6.34 32.50 10.16
N LEU B 420 -7.07 32.74 9.07
CA LEU B 420 -8.23 33.65 9.09
C LEU B 420 -9.56 32.95 9.31
N SER B 421 -9.64 31.69 8.90
CA SER B 421 -10.86 30.89 9.02
C SER B 421 -11.08 30.37 10.42
N ASP B 422 -12.35 30.28 10.82
CA ASP B 422 -12.75 29.61 12.05
C ASP B 422 -12.68 28.09 11.90
N VAL B 423 -12.82 27.39 13.03
CA VAL B 423 -12.79 25.93 13.06
C VAL B 423 -14.07 25.34 12.44
N GLU B 424 -13.96 24.14 11.88
CA GLU B 424 -15.12 23.40 11.37
C GLU B 424 -16.15 23.17 12.47
N PRO B 425 -17.43 23.54 12.20
CA PRO B 425 -18.56 23.32 13.12
C PRO B 425 -18.66 21.92 13.70
N ILE B 426 -19.24 21.82 14.89
CA ILE B 426 -19.45 20.53 15.52
C ILE B 426 -20.80 19.94 15.06
N GLU B 427 -20.70 18.70 14.58
CA GLU B 427 -21.86 17.95 14.10
C GLU B 427 -21.76 16.50 14.56
N SER B 428 -22.89 15.96 15.01
CA SER B 428 -22.94 14.63 15.62
C SER B 428 -22.33 13.53 14.76
N LYS B 429 -21.62 12.61 15.40
CA LYS B 429 -21.03 11.47 14.69
C LYS B 429 -21.81 10.19 14.91
N LEU B 430 -22.96 10.30 15.53
CA LEU B 430 -23.84 9.16 15.80
C LEU B 430 -24.43 8.48 14.57
N GLY B 431 -24.43 9.18 13.43
CA GLY B 431 -25.06 8.65 12.20
C GLY B 431 -24.24 7.59 11.50
N SER B 432 -24.13 6.43 12.14
CA SER B 432 -23.30 5.31 11.70
C SER B 432 -23.76 4.03 12.39
N GLU B 433 -23.74 2.92 11.67
CA GLU B 433 -24.25 1.66 12.22
C GLU B 433 -23.51 1.27 13.50
N ARG B 434 -22.18 1.28 13.45
CA ARG B 434 -21.33 0.95 14.59
C ARG B 434 -21.67 1.79 15.83
N ALA B 435 -21.87 3.10 15.64
CA ALA B 435 -22.12 4.02 16.74
C ALA B 435 -23.57 3.99 17.20
N PHE B 436 -24.51 4.07 16.27
CA PHE B 436 -25.94 4.12 16.66
C PHE B 436 -26.41 2.84 17.37
N TYR B 437 -25.96 1.68 16.89
CA TYR B 437 -26.40 0.40 17.46
C TYR B 437 -25.92 0.21 18.89
N THR B 438 -24.67 0.59 19.16
CA THR B 438 -24.16 0.55 20.52
C THR B 438 -24.81 1.64 21.39
N PHE B 439 -25.14 2.77 20.77
CA PHE B 439 -25.87 3.85 21.43
C PHE B 439 -27.22 3.35 21.97
N LEU B 440 -28.02 2.70 21.13
CA LEU B 440 -29.32 2.19 21.55
C LEU B 440 -29.19 1.04 22.53
N LEU B 441 -28.16 0.21 22.36
CA LEU B 441 -27.91 -0.90 23.26
C LEU B 441 -27.63 -0.39 24.66
N GLY B 442 -26.82 0.66 24.74
CA GLY B 442 -26.45 1.26 26.01
C GLY B 442 -27.59 1.95 26.72
N ILE B 443 -28.51 2.54 25.97
CA ILE B 443 -29.69 3.19 26.54
C ILE B 443 -30.57 2.16 27.26
N LEU B 444 -30.86 1.05 26.58
CA LEU B 444 -31.60 -0.07 27.17
C LEU B 444 -30.93 -0.65 28.40
N SER B 445 -29.61 -0.76 28.37
CA SER B 445 -28.84 -1.20 29.53
C SER B 445 -28.97 -0.22 30.69
N ALA B 446 -28.79 1.07 30.39
CA ALA B 446 -28.87 2.12 31.41
C ALA B 446 -30.29 2.36 31.89
N GLU B 447 -31.29 2.12 31.05
CA GLU B 447 -32.68 2.44 31.43
C GLU B 447 -33.56 1.22 31.72
N GLY B 448 -33.05 0.02 31.42
CA GLY B 448 -33.86 -1.19 31.48
C GLY B 448 -34.85 -1.25 30.31
N ASN B 449 -35.90 -2.05 30.45
CA ASN B 449 -36.89 -2.21 29.39
C ASN B 449 -37.65 -0.94 29.05
N LEU B 450 -37.86 -0.70 27.76
CA LEU B 450 -38.42 0.55 27.25
C LEU B 450 -39.29 0.30 26.04
N SER B 451 -40.38 1.05 25.94
CA SER B 451 -41.21 1.05 24.75
C SER B 451 -40.45 1.69 23.60
N GLU B 452 -40.84 1.37 22.37
CA GLU B 452 -40.25 1.97 21.18
C GLU B 452 -40.32 3.50 21.26
N LYS B 453 -41.45 4.02 21.73
CA LYS B 453 -41.67 5.46 21.92
C LYS B 453 -40.65 6.12 22.86
N GLN B 454 -40.40 5.49 24.01
CA GLN B 454 -39.53 6.04 25.05
C GLN B 454 -38.07 5.97 24.62
N LEU B 455 -37.72 4.86 23.99
CA LEU B 455 -36.39 4.65 23.46
C LEU B 455 -36.08 5.66 22.35
N GLU B 456 -37.04 5.89 21.47
CA GLU B 456 -36.92 6.87 20.40
C GLU B 456 -36.78 8.29 20.95
N ASN B 457 -37.54 8.58 22.01
CA ASN B 457 -37.41 9.88 22.67
C ASN B 457 -36.07 10.08 23.37
N PHE B 458 -35.45 8.99 23.81
CA PHE B 458 -34.09 9.04 24.36
C PHE B 458 -33.08 9.32 23.24
N ALA B 459 -33.27 8.65 22.10
CA ALA B 459 -32.44 8.87 20.91
C ALA B 459 -32.59 10.29 20.35
N TYR B 460 -33.79 10.85 20.46
CA TYR B 460 -34.05 12.22 20.02
C TYR B 460 -33.31 13.29 20.84
N GLU B 461 -32.79 12.92 22.00
CA GLU B 461 -32.10 13.87 22.85
C GLU B 461 -30.68 14.16 22.35
N SER B 462 -30.25 13.40 21.35
CA SER B 462 -28.92 13.55 20.77
C SER B 462 -28.84 14.75 19.85
N LEU B 463 -27.62 15.12 19.48
CA LEU B 463 -27.37 16.26 18.61
C LEU B 463 -27.64 15.94 17.15
N LEU B 464 -27.72 14.65 16.84
CA LEU B 464 -28.03 14.17 15.50
C LEU B 464 -29.36 14.70 15.01
N ALA B 465 -29.41 15.06 13.73
CA ALA B 465 -30.64 15.54 13.10
C ALA B 465 -31.77 14.54 13.23
N LYS B 466 -32.97 15.03 13.52
CA LYS B 466 -34.16 14.18 13.64
C LYS B 466 -34.35 13.22 12.45
N GLN B 467 -34.14 13.73 11.23
CA GLN B 467 -34.22 12.90 10.01
C GLN B 467 -33.22 11.75 10.04
N LEU B 468 -31.98 12.06 10.42
CA LEU B 468 -30.94 11.04 10.54
C LEU B 468 -31.20 10.04 11.66
N VAL B 469 -31.84 10.50 12.74
CA VAL B 469 -32.21 9.61 13.85
C VAL B 469 -33.20 8.54 13.38
N ASP B 470 -34.23 8.96 12.65
CA ASP B 470 -35.26 8.04 12.14
C ASP B 470 -34.72 6.95 11.21
N VAL B 471 -33.75 7.29 10.37
CA VAL B 471 -33.15 6.31 9.47
C VAL B 471 -32.37 5.27 10.27
N TYR B 472 -31.61 5.72 11.27
CA TYR B 472 -30.76 4.82 12.02
C TYR B 472 -31.49 4.03 13.09
N PHE B 473 -32.55 4.63 13.66
CA PHE B 473 -33.34 3.97 14.69
C PHE B 473 -34.02 2.72 14.15
N ASP B 474 -34.71 2.85 13.02
CA ASP B 474 -35.40 1.74 12.38
C ASP B 474 -34.44 0.65 11.95
N ARG B 475 -33.39 1.02 11.24
CA ARG B 475 -32.27 0.11 10.96
C ARG B 475 -31.74 -0.60 12.22
N ALA B 476 -31.45 0.16 13.27
CA ALA B 476 -30.94 -0.41 14.53
C ALA B 476 -31.85 -1.44 15.15
N ILE B 477 -33.10 -1.08 15.38
CA ILE B 477 -34.13 -2.00 15.92
C ILE B 477 -34.16 -3.29 15.11
N ARG B 478 -34.26 -3.14 13.80
CA ARG B 478 -34.30 -4.28 12.90
C ARG B 478 -33.07 -5.18 13.07
N TRP B 479 -31.88 -4.58 12.98
CA TRP B 479 -30.62 -5.33 13.08
C TRP B 479 -30.43 -5.96 14.47
N LEU B 480 -30.75 -5.21 15.51
CA LEU B 480 -30.56 -5.70 16.88
C LEU B 480 -31.51 -6.87 17.24
N LEU B 481 -32.72 -6.84 16.69
CA LEU B 481 -33.69 -7.94 16.78
C LEU B 481 -33.25 -9.18 16.01
N GLU B 482 -32.89 -9.02 14.74
CA GLU B 482 -32.46 -10.16 13.91
C GLU B 482 -31.16 -10.80 14.41
N HIS B 483 -30.28 -9.99 14.99
CA HIS B 483 -29.04 -10.50 15.55
C HIS B 483 -29.10 -10.76 17.06
N SER B 484 -30.31 -10.79 17.60
CA SER B 484 -30.58 -11.31 18.95
C SER B 484 -29.94 -10.53 20.10
N PHE B 485 -29.89 -9.20 19.99
CA PHE B 485 -29.39 -8.34 21.06
C PHE B 485 -30.50 -7.81 21.96
N ILE B 486 -31.70 -7.68 21.39
CA ILE B 486 -32.88 -7.22 22.09
C ILE B 486 -34.02 -8.18 21.80
N LYS B 487 -34.91 -8.38 22.78
CA LYS B 487 -36.17 -9.15 22.64
C LYS B 487 -37.34 -8.15 22.64
N GLU B 488 -38.36 -8.43 21.84
CA GLU B 488 -39.61 -7.66 21.89
C GLU B 488 -40.64 -8.34 22.82
N GLU B 489 -40.85 -7.76 24.00
CA GLU B 489 -41.79 -8.33 24.98
C GLU B 489 -43.01 -7.43 25.21
N GLY B 490 -44.07 -7.67 24.45
CA GLY B 490 -45.24 -6.79 24.47
C GLY B 490 -44.88 -5.44 23.86
N ASN B 491 -45.36 -4.37 24.48
CA ASN B 491 -45.00 -3.02 24.09
C ASN B 491 -43.65 -2.61 24.72
N THR B 492 -42.68 -3.53 24.65
CA THR B 492 -41.41 -3.39 25.35
C THR B 492 -40.29 -3.99 24.50
N PHE B 493 -39.19 -3.24 24.40
CA PHE B 493 -37.91 -3.80 23.96
C PHE B 493 -37.05 -4.06 25.19
N ALA B 494 -36.53 -5.29 25.29
CA ALA B 494 -35.62 -5.64 26.38
C ALA B 494 -34.33 -6.18 25.76
N LEU B 495 -33.22 -6.04 26.48
CA LEU B 495 -32.02 -6.72 26.08
C LEU B 495 -32.20 -8.23 26.26
N THR B 496 -31.73 -9.01 25.28
CA THR B 496 -31.51 -10.44 25.48
C THR B 496 -30.42 -10.60 26.54
N ASN B 497 -30.33 -11.78 27.15
CA ASN B 497 -29.21 -12.06 28.05
C ASN B 497 -27.86 -11.87 27.34
N PHE B 498 -27.78 -12.24 26.06
CA PHE B 498 -26.59 -12.01 25.26
C PHE B 498 -26.35 -10.52 25.09
N GLY B 499 -27.41 -9.77 24.81
CA GLY B 499 -27.34 -8.32 24.65
C GLY B 499 -26.91 -7.60 25.90
N LYS B 500 -27.38 -8.10 27.05
CA LYS B 500 -27.01 -7.53 28.35
C LYS B 500 -25.55 -7.75 28.70
N ARG B 501 -25.01 -8.94 28.47
CA ARG B 501 -23.60 -9.21 28.72
C ARG B 501 -22.74 -8.31 27.82
N VAL B 502 -23.13 -8.19 26.54
CA VAL B 502 -22.42 -7.36 25.57
C VAL B 502 -22.35 -5.90 26.04
N ALA B 503 -23.49 -5.40 26.52
CA ALA B 503 -23.58 -4.04 27.07
C ALA B 503 -22.66 -3.85 28.29
N ASP B 504 -22.57 -4.88 29.14
CA ASP B 504 -21.70 -4.83 30.32
C ASP B 504 -20.22 -4.90 29.96
N LEU B 505 -19.89 -5.66 28.91
CA LEU B 505 -18.49 -5.79 28.48
C LEU B 505 -18.00 -4.56 27.70
N TYR B 506 -18.94 -3.80 27.18
CA TYR B 506 -18.73 -2.57 26.42
C TYR B 506 -18.17 -2.79 25.01
N ILE B 507 -18.30 -4.00 24.49
CA ILE B 507 -17.83 -4.22 23.14
C ILE B 507 -18.95 -3.86 22.17
N ASN B 508 -18.58 -3.38 20.99
CA ASN B 508 -19.54 -3.06 19.95
C ASN B 508 -20.40 -4.28 19.55
N PRO B 509 -21.72 -4.08 19.31
CA PRO B 509 -22.55 -5.19 18.82
C PRO B 509 -21.97 -5.92 17.61
N PHE B 510 -21.31 -5.21 16.68
CA PHE B 510 -20.66 -5.86 15.52
C PHE B 510 -19.55 -6.79 15.95
N THR B 511 -18.76 -6.35 16.92
CA THR B 511 -17.69 -7.15 17.47
C THR B 511 -18.26 -8.44 18.09
N ALA B 512 -19.28 -8.29 18.94
CA ALA B 512 -19.96 -9.42 19.57
C ALA B 512 -20.59 -10.38 18.56
N ASP B 513 -21.22 -9.83 17.52
CA ASP B 513 -21.87 -10.65 16.49
C ASP B 513 -20.86 -11.45 15.65
N ILE B 514 -19.72 -10.83 15.30
CA ILE B 514 -18.60 -11.53 14.67
C ILE B 514 -18.07 -12.67 15.55
N ILE B 515 -17.82 -12.38 16.83
CA ILE B 515 -17.35 -13.39 17.79
C ILE B 515 -18.35 -14.55 17.93
N ARG B 516 -19.63 -14.24 18.10
CA ARG B 516 -20.64 -15.28 18.25
C ARG B 516 -20.63 -16.19 17.03
N LYS B 517 -20.60 -15.58 15.84
CA LYS B 517 -20.60 -16.32 14.58
C LYS B 517 -19.39 -17.24 14.44
N GLY B 518 -18.21 -16.74 14.79
CA GLY B 518 -17.00 -17.54 14.77
C GLY B 518 -17.03 -18.71 15.73
N LEU B 519 -17.51 -18.47 16.94
CA LEU B 519 -17.56 -19.53 17.97
C LEU B 519 -18.65 -20.58 17.71
N GLU B 520 -19.82 -20.14 17.26
CA GLU B 520 -20.94 -21.04 17.00
C GLU B 520 -20.75 -21.85 15.72
N GLY B 521 -20.00 -21.30 14.77
CA GLY B 521 -19.78 -21.93 13.47
C GLY B 521 -18.63 -22.93 13.40
N HIS B 522 -17.81 -22.97 14.44
CA HIS B 522 -16.62 -23.83 14.47
C HIS B 522 -16.43 -24.57 15.79
N LYS B 523 -15.74 -25.72 15.73
CA LYS B 523 -15.21 -26.40 16.91
C LYS B 523 -14.18 -25.51 17.60
N ALA B 524 -13.71 -25.93 18.77
CA ALA B 524 -12.60 -25.26 19.44
C ALA B 524 -11.38 -25.29 18.54
N SER B 525 -10.73 -24.14 18.40
CA SER B 525 -9.57 -24.01 17.54
C SER B 525 -8.33 -23.64 18.36
N CYS B 526 -7.28 -23.22 17.66
CA CYS B 526 -6.04 -22.91 18.30
C CYS B 526 -5.98 -21.43 18.71
N GLU B 527 -4.90 -21.10 19.40
CA GLU B 527 -4.71 -19.82 20.04
C GLU B 527 -4.69 -18.70 18.99
N LEU B 528 -3.99 -18.95 17.89
CA LEU B 528 -3.87 -17.98 16.80
C LEU B 528 -5.21 -17.66 16.15
N ALA B 529 -6.07 -18.67 16.00
CA ALA B 529 -7.39 -18.49 15.40
C ALA B 529 -8.27 -17.52 16.18
N TYR B 530 -8.22 -17.59 17.51
CA TYR B 530 -9.00 -16.71 18.38
C TYR B 530 -8.48 -15.29 18.34
N LEU B 531 -7.18 -15.15 18.46
CA LEU B 531 -6.53 -13.85 18.37
C LEU B 531 -6.89 -13.15 17.06
N HIS B 532 -6.85 -13.90 15.96
CA HIS B 532 -7.18 -13.36 14.62
C HIS B 532 -8.62 -12.90 14.51
N LEU B 533 -9.54 -13.69 15.05
CA LEU B 533 -10.98 -13.38 15.08
C LEU B 533 -11.24 -12.04 15.76
N LEU B 534 -10.63 -11.87 16.93
CA LEU B 534 -10.82 -10.72 17.78
C LEU B 534 -10.16 -9.49 17.20
N ALA B 535 -8.97 -9.66 16.62
CA ALA B 535 -8.27 -8.57 15.93
C ALA B 535 -9.05 -8.09 14.70
N PHE B 536 -9.76 -9.01 14.03
CA PHE B 536 -10.55 -8.67 12.84
C PHE B 536 -11.73 -7.76 13.17
N THR B 537 -12.23 -7.86 14.39
CA THR B 537 -13.37 -7.06 14.81
C THR B 537 -13.06 -5.55 14.81
N PRO B 538 -14.11 -4.71 14.73
CA PRO B 538 -13.95 -3.25 14.76
C PRO B 538 -13.31 -2.74 16.04
N ASP B 539 -13.47 -3.45 17.16
CA ASP B 539 -12.81 -3.11 18.42
C ASP B 539 -11.35 -3.58 18.42
N GLY B 540 -10.99 -4.42 17.46
CA GLY B 540 -9.64 -4.99 17.40
C GLY B 540 -8.62 -3.96 16.98
N PRO B 541 -7.33 -4.22 17.26
CA PRO B 541 -6.26 -3.30 16.89
C PRO B 541 -6.06 -3.32 15.38
N LEU B 542 -5.60 -2.21 14.81
CA LEU B 542 -5.12 -2.19 13.42
C LEU B 542 -3.65 -1.86 13.44
N VAL B 543 -2.87 -2.55 12.61
CA VAL B 543 -1.42 -2.39 12.62
C VAL B 543 -1.02 -2.00 11.20
N SER B 544 0.14 -1.39 11.01
CA SER B 544 0.66 -1.18 9.66
C SER B 544 1.20 -2.51 9.15
N VAL B 545 0.92 -2.83 7.89
CA VAL B 545 1.44 -4.06 7.29
C VAL B 545 2.32 -3.66 6.12
N GLY B 546 3.57 -4.12 6.12
CA GLY B 546 4.48 -3.86 5.00
C GLY B 546 3.98 -4.54 3.73
N ARG B 547 4.52 -4.16 2.59
CA ARG B 547 4.08 -4.76 1.32
C ARG B 547 4.63 -6.18 1.14
N ASN B 548 5.93 -6.33 1.35
CA ASN B 548 6.60 -7.62 1.39
C ASN B 548 6.10 -8.50 2.54
N GLU B 549 5.89 -7.89 3.72
CA GLU B 549 5.35 -8.58 4.89
C GLU B 549 3.97 -9.21 4.61
N GLU B 550 3.12 -8.46 3.90
CA GLU B 550 1.81 -8.95 3.48
C GLU B 550 1.89 -10.23 2.63
N GLU B 551 2.82 -10.25 1.68
CA GLU B 551 3.08 -11.45 0.88
C GLU B 551 3.53 -12.63 1.74
N GLU B 552 4.32 -12.36 2.80
CA GLU B 552 4.72 -13.41 3.74
C GLU B 552 3.49 -13.94 4.51
N LEU B 553 2.57 -13.04 4.83
CA LEU B 553 1.36 -13.42 5.58
C LEU B 553 0.41 -14.26 4.74
N ILE B 554 0.20 -13.83 3.51
CA ILE B 554 -0.60 -14.59 2.55
C ILE B 554 -0.02 -16.00 2.40
N GLU B 555 1.30 -16.09 2.27
CA GLU B 555 2.02 -17.34 2.17
C GLU B 555 1.77 -18.21 3.41
N LEU B 556 1.92 -17.60 4.59
CA LEU B 556 1.62 -18.25 5.86
C LEU B 556 0.21 -18.86 5.92
N LEU B 557 -0.79 -18.08 5.48
CA LEU B 557 -2.19 -18.51 5.52
C LEU B 557 -2.49 -19.87 4.89
N GLU B 558 -1.88 -20.14 3.76
CA GLU B 558 -2.20 -21.37 3.05
C GLU B 558 -1.31 -22.53 3.48
N ASP B 559 -0.34 -22.23 4.35
CA ASP B 559 0.52 -23.24 4.95
C ASP B 559 0.14 -23.47 6.42
N LEU B 560 -0.91 -22.78 6.86
CA LEU B 560 -1.44 -22.90 8.22
C LEU B 560 -2.28 -24.17 8.44
N ASP B 561 -2.06 -24.84 9.57
CA ASP B 561 -2.85 -26.01 9.93
C ASP B 561 -4.08 -25.62 10.73
N CYS B 562 -3.88 -24.72 11.69
CA CYS B 562 -4.93 -24.16 12.53
C CYS B 562 -5.95 -23.38 11.69
N GLU B 563 -7.08 -24.04 11.42
CA GLU B 563 -8.21 -23.39 10.74
C GLU B 563 -8.66 -22.13 11.49
N LEU B 564 -8.76 -21.02 10.75
CA LEU B 564 -9.27 -19.76 11.31
C LEU B 564 -10.79 -19.80 11.43
N LEU B 565 -11.34 -18.83 12.16
CA LEU B 565 -12.77 -18.82 12.52
C LEU B 565 -13.64 -17.87 11.68
N ILE B 566 -12.99 -17.22 10.71
CA ILE B 566 -13.63 -16.31 9.80
C ILE B 566 -13.23 -16.80 8.44
N GLU B 567 -14.21 -16.87 7.54
CA GLU B 567 -13.97 -17.21 6.15
C GLU B 567 -13.13 -16.11 5.50
N GLU B 568 -12.18 -16.53 4.67
CA GLU B 568 -11.38 -15.62 3.87
C GLU B 568 -12.31 -14.82 2.96
N PRO B 569 -12.27 -13.49 3.09
CA PRO B 569 -13.09 -12.58 2.29
C PRO B 569 -12.72 -12.61 0.80
N TYR B 570 -13.65 -12.17 -0.04
CA TYR B 570 -13.40 -12.03 -1.46
C TYR B 570 -13.13 -10.56 -1.75
N GLU B 571 -13.86 -9.69 -1.06
CA GLU B 571 -13.72 -8.26 -1.19
C GLU B 571 -12.33 -7.79 -0.72
N GLU B 572 -11.62 -7.11 -1.62
CA GLU B 572 -10.24 -6.66 -1.39
C GLU B 572 -10.02 -5.90 -0.07
N ASP B 573 -10.93 -5.00 0.28
CA ASP B 573 -10.84 -4.28 1.55
C ASP B 573 -10.91 -5.21 2.75
N GLU B 574 -11.96 -6.04 2.78
CA GLU B 574 -12.13 -7.09 3.80
C GLU B 574 -10.89 -7.99 3.88
N TYR B 575 -10.35 -8.37 2.72
CA TYR B 575 -9.15 -9.22 2.66
C TYR B 575 -7.93 -8.54 3.32
N SER B 576 -7.77 -7.25 3.05
CA SER B 576 -6.75 -6.45 3.68
C SER B 576 -6.85 -6.46 5.22
N LEU B 577 -8.07 -6.33 5.74
CA LEU B 577 -8.33 -6.44 7.17
C LEU B 577 -8.03 -7.84 7.75
N TYR B 578 -8.30 -8.85 6.91
CA TYR B 578 -8.21 -10.26 7.28
C TYR B 578 -6.73 -10.62 7.49
N ILE B 579 -5.86 -10.01 6.68
CA ILE B 579 -4.41 -10.16 6.83
C ILE B 579 -3.80 -9.29 7.92
N ASN B 580 -4.33 -8.10 8.08
CA ASN B 580 -3.96 -7.21 9.18
C ASN B 580 -4.21 -7.93 10.50
N ALA B 581 -5.40 -8.55 10.63
CA ALA B 581 -5.76 -9.26 11.84
C ALA B 581 -4.78 -10.43 12.11
N LEU B 582 -4.23 -11.03 11.06
CA LEU B 582 -3.25 -12.10 11.20
C LEU B 582 -1.90 -11.57 11.69
N LYS B 583 -1.46 -10.42 11.20
CA LYS B 583 -0.27 -9.78 11.78
C LYS B 583 -0.44 -9.53 13.31
N VAL B 584 -1.58 -8.98 13.73
CA VAL B 584 -1.85 -8.71 15.16
C VAL B 584 -1.79 -10.01 15.96
N ALA B 585 -2.40 -11.06 15.41
CA ALA B 585 -2.46 -12.37 16.05
C ALA B 585 -1.07 -12.94 16.26
N LEU B 586 -0.23 -12.81 15.24
CA LEU B 586 1.15 -13.25 15.31
C LEU B 586 2.02 -12.46 16.30
N ILE B 587 1.77 -11.16 16.43
CA ILE B 587 2.47 -10.35 17.44
C ILE B 587 2.07 -10.83 18.83
N MET B 588 0.76 -11.02 19.02
CA MET B 588 0.22 -11.47 20.32
C MET B 588 0.70 -12.86 20.67
N LYS B 589 0.86 -13.71 19.67
CA LYS B 589 1.33 -15.06 19.93
C LYS B 589 2.81 -15.06 20.34
N ASP B 590 3.65 -14.24 19.70
CA ASP B 590 5.03 -14.03 20.21
C ASP B 590 5.05 -13.43 21.62
N TRP B 591 4.17 -12.45 21.86
CA TRP B 591 4.04 -11.87 23.19
C TRP B 591 3.70 -12.94 24.24
N MET B 592 2.73 -13.80 23.93
CA MET B 592 2.35 -14.95 24.78
C MET B 592 3.45 -16.01 24.94
N ASP B 593 4.36 -16.05 23.99
CA ASP B 593 5.40 -17.04 23.95
C ASP B 593 6.68 -16.52 24.59
N GLU B 594 6.54 -15.40 25.29
CA GLU B 594 7.61 -14.82 26.11
C GLU B 594 8.80 -14.31 25.30
N VAL B 595 8.56 -14.08 24.00
CA VAL B 595 9.58 -13.48 23.15
C VAL B 595 9.83 -12.07 23.68
N ASP B 596 11.11 -11.69 23.73
CA ASP B 596 11.51 -10.43 24.34
C ASP B 596 11.01 -9.27 23.49
N GLU B 597 10.76 -8.15 24.16
CA GLU B 597 10.16 -7.01 23.55
C GLU B 597 10.91 -6.51 22.32
N ASP B 598 12.21 -6.27 22.45
CA ASP B 598 13.02 -5.78 21.36
C ASP B 598 12.94 -6.69 20.14
N THR B 599 12.88 -8.01 20.36
CA THR B 599 12.72 -8.93 19.25
C THR B 599 11.39 -8.69 18.54
N ILE B 600 10.32 -8.64 19.32
CA ILE B 600 9.01 -8.34 18.76
C ILE B 600 9.02 -7.01 17.98
N LEU B 601 9.58 -5.96 18.56
CA LEU B 601 9.53 -4.64 17.91
C LEU B 601 10.17 -4.65 16.52
N SER B 602 11.30 -5.33 16.37
CA SER B 602 12.02 -5.25 15.10
C SER B 602 11.52 -6.25 14.08
N LYS B 603 11.13 -7.44 14.55
CA LYS B 603 10.49 -8.45 13.72
C LYS B 603 9.23 -7.91 13.02
N TYR B 604 8.41 -7.16 13.76
CA TYR B 604 7.15 -6.65 13.20
C TYR B 604 7.13 -5.19 12.82
N ASN B 605 8.25 -4.48 13.03
CA ASN B 605 8.36 -3.03 12.75
C ASN B 605 7.31 -2.19 13.47
N ILE B 606 7.15 -2.47 14.76
CA ILE B 606 6.22 -1.70 15.59
C ILE B 606 7.00 -1.03 16.71
N GLY B 607 6.39 -0.05 17.37
CA GLY B 607 7.04 0.63 18.49
C GLY B 607 6.65 0.04 19.82
N SER B 608 7.30 0.49 20.89
CA SER B 608 6.97 -0.02 22.22
C SER B 608 5.56 0.40 22.67
N GLY B 609 5.15 1.60 22.28
CA GLY B 609 3.78 2.10 22.48
C GLY B 609 2.72 1.33 21.72
N ASP B 610 3.01 0.94 20.46
CA ASP B 610 2.10 0.10 19.67
C ASP B 610 1.88 -1.28 20.36
N LEU B 611 2.98 -1.88 20.82
CA LEU B 611 2.91 -3.20 21.47
C LEU B 611 2.04 -3.16 22.74
N ARG B 612 2.24 -2.13 23.55
CA ARG B 612 1.48 -1.98 24.77
C ARG B 612 -0.02 -1.68 24.51
N ASN B 613 -0.31 -0.88 23.49
CA ASN B 613 -1.68 -0.55 23.16
C ASN B 613 -2.39 -1.80 22.65
N MET B 614 -1.69 -2.60 21.85
CA MET B 614 -2.23 -3.86 21.32
C MET B 614 -2.50 -4.90 22.40
N VAL B 615 -1.58 -5.04 23.34
CA VAL B 615 -1.75 -5.92 24.50
C VAL B 615 -2.97 -5.48 25.31
N GLU B 616 -3.08 -4.19 25.61
CA GLU B 616 -4.23 -3.67 26.34
C GLU B 616 -5.57 -4.00 25.64
N THR B 617 -5.62 -3.75 24.34
CA THR B 617 -6.81 -4.01 23.54
C THR B 617 -7.19 -5.47 23.48
N MET B 618 -6.20 -6.33 23.24
CA MET B 618 -6.39 -7.76 23.12
C MET B 618 -6.64 -8.40 24.47
N ASP B 619 -6.10 -7.81 25.54
CA ASP B 619 -6.49 -8.23 26.90
C ASP B 619 -8.01 -8.03 27.04
N TRP B 620 -8.49 -6.81 26.84
CA TRP B 620 -9.91 -6.49 26.83
C TRP B 620 -10.76 -7.40 25.91
N LEU B 621 -10.33 -7.60 24.68
CA LEU B 621 -11.09 -8.47 23.74
C LEU B 621 -11.13 -9.96 24.09
N THR B 622 -10.01 -10.53 24.51
CA THR B 622 -10.03 -11.93 24.96
C THR B 622 -10.89 -12.11 26.25
N TYR B 623 -10.77 -11.19 27.21
CA TYR B 623 -11.61 -11.20 28.40
C TYR B 623 -13.11 -11.17 28.01
N SER B 624 -13.44 -10.30 27.08
CA SER B 624 -14.81 -10.13 26.65
C SER B 624 -15.31 -11.33 25.84
N ALA B 625 -14.41 -11.93 25.06
CA ALA B 625 -14.75 -13.17 24.32
C ALA B 625 -14.98 -14.38 25.25
N TYR B 626 -14.17 -14.48 26.31
CA TYR B 626 -14.36 -15.50 27.33
C TYR B 626 -15.75 -15.43 27.92
N HIS B 627 -16.16 -14.23 28.32
CA HIS B 627 -17.46 -14.01 28.95
C HIS B 627 -18.66 -14.12 28.02
N LEU B 628 -18.48 -13.82 26.73
CA LEU B 628 -19.55 -14.03 25.76
C LEU B 628 -19.71 -15.50 25.49
N SER B 629 -18.57 -16.18 25.39
CA SER B 629 -18.49 -17.62 25.24
C SER B 629 -19.29 -18.35 26.31
N ARG B 630 -19.23 -17.84 27.55
CA ARG B 630 -20.00 -18.39 28.68
C ARG B 630 -21.48 -18.06 28.59
N GLU B 631 -21.79 -16.82 28.24
CA GLU B 631 -23.17 -16.34 28.08
C GLU B 631 -23.91 -17.14 27.00
N LEU B 632 -23.18 -17.51 25.95
CA LEU B 632 -23.73 -18.32 24.85
C LEU B 632 -23.67 -19.82 25.19
N LYS B 633 -23.14 -20.14 26.37
CA LYS B 633 -22.93 -21.52 26.80
C LYS B 633 -22.16 -22.36 25.78
N LEU B 634 -20.96 -21.89 25.44
CA LEU B 634 -20.04 -22.58 24.55
C LEU B 634 -18.73 -22.71 25.32
N ASN B 635 -18.67 -23.76 26.12
CA ASN B 635 -17.69 -23.85 27.19
C ASN B 635 -16.38 -24.57 26.85
N GLU B 636 -16.35 -25.19 25.67
CA GLU B 636 -15.10 -25.70 25.11
C GLU B 636 -14.30 -24.50 24.59
N HIS B 637 -15.02 -23.55 24.00
CA HIS B 637 -14.40 -22.30 23.54
C HIS B 637 -13.99 -21.48 24.73
N ALA B 638 -14.87 -21.39 25.73
CA ALA B 638 -14.65 -20.56 26.93
C ALA B 638 -13.39 -20.98 27.66
N ASP B 639 -13.17 -22.30 27.75
CA ASP B 639 -11.99 -22.83 28.41
C ASP B 639 -10.70 -22.43 27.69
N LYS B 640 -10.74 -22.43 26.36
CA LYS B 640 -9.59 -21.97 25.55
C LYS B 640 -9.38 -20.46 25.66
N LEU B 641 -10.48 -19.73 25.78
CA LEU B 641 -10.47 -18.27 25.82
C LEU B 641 -10.04 -17.71 27.18
N ARG B 642 -10.32 -18.45 28.26
CA ARG B 642 -9.87 -18.10 29.59
C ARG B 642 -8.35 -18.11 29.71
N ILE B 643 -7.72 -19.19 29.23
CA ILE B 643 -6.26 -19.31 29.27
C ILE B 643 -5.62 -18.28 28.34
N LEU B 644 -6.16 -18.17 27.14
CA LEU B 644 -5.70 -17.17 26.18
C LEU B 644 -5.71 -15.76 26.79
N ASN B 645 -6.82 -15.35 27.42
CA ASN B 645 -6.89 -14.03 28.06
C ASN B 645 -5.79 -13.85 29.09
N LEU B 646 -5.56 -14.89 29.89
CA LEU B 646 -4.53 -14.85 30.94
C LEU B 646 -3.09 -14.82 30.38
N ARG B 647 -2.89 -15.48 29.24
CA ARG B 647 -1.62 -15.45 28.51
C ARG B 647 -1.35 -14.10 27.83
N VAL B 648 -2.39 -13.50 27.27
CA VAL B 648 -2.28 -12.18 26.62
C VAL B 648 -2.09 -11.07 27.66
N ARG B 649 -2.76 -11.22 28.80
CA ARG B 649 -2.70 -10.23 29.86
C ARG B 649 -1.26 -9.89 30.23
N ASP B 650 -0.45 -10.90 30.51
CA ASP B 650 0.90 -10.67 30.99
C ASP B 650 2.02 -11.07 30.01
N GLY B 651 1.65 -11.69 28.90
CA GLY B 651 2.60 -12.15 27.89
C GLY B 651 3.41 -13.36 28.30
N ILE B 652 2.70 -14.42 28.71
CA ILE B 652 3.33 -15.59 29.35
C ILE B 652 2.78 -16.92 28.84
N LYS B 653 3.60 -17.96 28.97
CA LYS B 653 3.16 -19.35 28.79
C LYS B 653 2.29 -19.77 29.98
N GLU B 654 1.36 -20.69 29.72
CA GLU B 654 0.38 -21.12 30.72
C GLU B 654 0.99 -21.48 32.09
N GLU B 655 2.18 -22.07 32.09
CA GLU B 655 2.84 -22.50 33.33
C GLU B 655 3.00 -21.36 34.34
N LEU B 656 3.00 -20.12 33.86
CA LEU B 656 3.30 -18.95 34.68
C LEU B 656 2.07 -18.20 35.19
N LEU B 657 0.87 -18.68 34.86
CA LEU B 657 -0.37 -17.94 35.19
C LEU B 657 -0.53 -17.64 36.69
N GLU B 658 -0.10 -18.58 37.54
CA GLU B 658 -0.25 -18.42 38.97
C GLU B 658 0.67 -17.33 39.52
N LEU B 659 1.94 -17.36 39.10
CA LEU B 659 2.90 -16.34 39.51
C LEU B 659 2.49 -14.91 39.17
N VAL B 660 2.05 -14.66 37.94
CA VAL B 660 1.74 -13.29 37.51
C VAL B 660 0.53 -12.66 38.22
N GLN B 661 -0.22 -13.47 38.98
CA GLN B 661 -1.32 -12.97 39.82
C GLN B 661 -0.81 -11.96 40.86
N ILE B 662 0.40 -12.20 41.37
CA ILE B 662 1.07 -11.31 42.30
C ILE B 662 1.30 -9.94 41.64
N SER B 663 0.86 -8.88 42.30
CA SER B 663 1.16 -7.53 41.85
C SER B 663 2.69 -7.31 41.89
N GLY B 664 3.25 -6.87 40.77
CA GLY B 664 4.69 -6.65 40.65
C GLY B 664 5.46 -7.83 40.08
N VAL B 665 4.75 -8.84 39.57
CA VAL B 665 5.42 -9.94 38.88
C VAL B 665 4.82 -10.10 37.47
N GLY B 666 5.63 -9.74 36.47
CA GLY B 666 5.27 -9.95 35.06
C GLY B 666 6.07 -11.07 34.42
N ARG B 667 6.04 -11.12 33.08
CA ARG B 667 6.70 -12.17 32.29
C ARG B 667 8.15 -12.46 32.66
N LYS B 668 8.91 -11.42 32.97
CA LYS B 668 10.33 -11.59 33.24
C LYS B 668 10.54 -12.16 34.63
N ARG B 669 9.88 -11.56 35.62
CA ARG B 669 10.02 -11.98 37.01
C ARG B 669 9.38 -13.35 37.31
N ALA B 670 8.30 -13.66 36.60
CA ALA B 670 7.64 -14.96 36.75
C ALA B 670 8.56 -16.05 36.21
N ARG B 671 9.17 -15.79 35.06
CA ARG B 671 10.08 -16.74 34.41
C ARG B 671 11.30 -16.97 35.25
N LEU B 672 11.85 -15.90 35.84
CA LEU B 672 13.01 -15.99 36.70
C LEU B 672 12.74 -16.86 37.93
N LEU B 673 11.58 -16.65 38.56
CA LEU B 673 11.14 -17.45 39.70
C LEU B 673 10.86 -18.88 39.29
N TYR B 674 10.08 -19.05 38.23
CA TYR B 674 9.73 -20.38 37.72
C TYR B 674 10.99 -21.19 37.42
N ASN B 675 11.95 -20.58 36.73
CA ASN B 675 13.18 -21.25 36.33
C ASN B 675 14.08 -21.65 37.49
N ASN B 676 13.98 -20.93 38.60
CA ASN B 676 14.70 -21.26 39.82
C ASN B 676 13.82 -21.99 40.83
N GLY B 677 12.89 -22.80 40.32
CA GLY B 677 12.13 -23.74 41.15
C GLY B 677 10.94 -23.18 41.91
N ILE B 678 10.65 -21.90 41.72
CA ILE B 678 9.48 -21.30 42.35
C ILE B 678 8.35 -21.16 41.32
N LYS B 679 7.46 -22.15 41.32
CA LYS B 679 6.45 -22.33 40.28
C LYS B 679 5.05 -21.88 40.71
N GLU B 680 4.67 -22.20 41.94
CA GLU B 680 3.34 -21.86 42.46
C GLU B 680 3.43 -20.71 43.48
N LEU B 681 2.26 -20.23 43.92
CA LEU B 681 2.16 -19.29 45.05
C LEU B 681 2.65 -19.92 46.35
N GLY B 682 2.44 -21.24 46.49
CA GLY B 682 2.88 -22.00 47.65
C GLY B 682 4.38 -21.88 47.83
N ASP B 683 5.10 -21.95 46.72
CA ASP B 683 6.56 -21.85 46.71
C ASP B 683 7.06 -20.47 47.14
N VAL B 684 6.34 -19.42 46.75
CA VAL B 684 6.74 -18.04 47.06
C VAL B 684 6.79 -17.82 48.58
N VAL B 685 5.69 -18.13 49.23
CA VAL B 685 5.53 -17.98 50.67
C VAL B 685 6.45 -18.95 51.44
N MET B 686 6.82 -20.05 50.77
CA MET B 686 7.68 -21.09 51.31
C MET B 686 9.17 -20.81 51.10
N ASN B 687 9.49 -19.82 50.26
CA ASN B 687 10.88 -19.45 49.98
C ASN B 687 11.15 -17.94 50.06
N PRO B 688 10.74 -17.27 51.17
CA PRO B 688 10.78 -15.81 51.25
C PRO B 688 12.12 -15.18 50.86
N ASP B 689 13.20 -15.62 51.51
CA ASP B 689 14.54 -15.06 51.31
C ASP B 689 15.13 -15.37 49.94
N LYS B 690 14.79 -16.54 49.39
CA LYS B 690 15.19 -16.91 48.03
C LYS B 690 14.50 -16.00 47.01
N VAL B 691 13.23 -15.68 47.27
CA VAL B 691 12.46 -14.72 46.46
C VAL B 691 13.07 -13.32 46.59
N LYS B 692 13.46 -12.95 47.82
CA LYS B 692 14.16 -11.69 48.07
C LYS B 692 15.53 -11.63 47.39
N ASN B 693 16.16 -12.79 47.23
CA ASN B 693 17.43 -12.90 46.50
C ASN B 693 17.23 -12.64 45.01
N LEU B 694 16.22 -13.28 44.43
CA LEU B 694 15.98 -13.21 43.00
C LEU B 694 15.34 -11.90 42.58
N LEU B 695 14.43 -11.38 43.41
CA LEU B 695 13.64 -10.21 43.05
C LEU B 695 14.11 -8.89 43.69
N GLY B 696 14.93 -8.99 44.73
CA GLY B 696 15.36 -7.81 45.45
C GLY B 696 14.75 -7.71 46.84
N GLN B 697 15.35 -6.85 47.65
CA GLN B 697 14.99 -6.66 49.06
C GLN B 697 13.52 -6.27 49.30
N LYS B 698 13.14 -5.06 48.88
CA LYS B 698 11.80 -4.52 49.09
C LYS B 698 10.72 -5.28 48.34
N LEU B 699 10.98 -5.54 47.06
CA LEU B 699 10.01 -6.21 46.18
C LEU B 699 9.77 -7.66 46.59
N GLY B 700 10.84 -8.41 46.83
CA GLY B 700 10.74 -9.82 47.23
C GLY B 700 9.83 -10.02 48.43
N GLU B 701 9.82 -9.06 49.34
CA GLU B 701 8.96 -9.10 50.51
C GLU B 701 7.53 -8.64 50.17
N LYS B 702 7.40 -7.68 49.26
CA LYS B 702 6.10 -7.24 48.75
C LYS B 702 5.39 -8.38 48.01
N VAL B 703 6.18 -9.13 47.26
CA VAL B 703 5.72 -10.29 46.50
C VAL B 703 5.28 -11.42 47.44
N VAL B 704 6.12 -11.77 48.40
CA VAL B 704 5.80 -12.78 49.42
C VAL B 704 4.49 -12.44 50.15
N GLN B 705 4.34 -11.15 50.47
CA GLN B 705 3.15 -10.63 51.14
C GLN B 705 1.90 -10.81 50.28
N GLU B 706 1.97 -10.34 49.03
CA GLU B 706 0.87 -10.46 48.05
C GLU B 706 0.46 -11.91 47.75
N ALA B 707 1.44 -12.78 47.54
CA ALA B 707 1.21 -14.21 47.34
C ALA B 707 0.38 -14.83 48.46
N ALA B 708 0.68 -14.44 49.70
CA ALA B 708 -0.08 -14.89 50.87
C ALA B 708 -1.52 -14.39 50.85
N ARG B 709 -1.70 -13.11 50.51
CA ARG B 709 -3.03 -12.50 50.47
C ARG B 709 -3.91 -13.13 49.39
N LEU B 710 -3.28 -13.58 48.30
CA LEU B 710 -3.99 -14.29 47.23
C LEU B 710 -4.37 -15.70 47.66
N LEU B 711 -3.46 -16.39 48.35
CA LEU B 711 -3.70 -17.75 48.85
C LEU B 711 -4.80 -17.85 49.92
N ASN B 712 -5.05 -16.73 50.60
CA ASN B 712 -6.09 -16.67 51.63
C ASN B 712 -7.42 -16.12 51.13
S SO4 C . 7.65 -8.06 -25.41
O1 SO4 C . 7.44 -9.38 -24.83
O2 SO4 C . 6.49 -7.21 -25.12
O3 SO4 C . 8.87 -7.45 -24.89
O4 SO4 C . 7.78 -8.16 -26.85
S SO4 D . 4.52 -11.60 -13.85
O1 SO4 D . 3.21 -12.03 -13.39
O2 SO4 D . 4.35 -10.69 -14.97
O3 SO4 D . 5.22 -10.92 -12.76
O4 SO4 D . 5.31 -12.75 -14.31
S SO4 E . 8.01 -3.92 3.30
O1 SO4 E . 7.35 -4.88 4.19
O2 SO4 E . 7.29 -3.84 2.05
O3 SO4 E . 8.04 -2.63 3.94
O4 SO4 E . 9.38 -4.38 3.04
S SO4 F . -6.20 7.31 25.76
O1 SO4 F . -5.53 8.56 25.41
O2 SO4 F . -7.11 6.88 24.70
O3 SO4 F . -5.15 6.32 25.98
O4 SO4 F . -7.01 7.45 26.97
S SO4 G . 1.11 8.95 15.85
O1 SO4 G . 0.73 10.01 14.90
O2 SO4 G . -0.13 8.32 16.29
O3 SO4 G . 1.93 7.96 15.17
O4 SO4 G . 1.81 9.53 17.00
S SO4 H . 8.46 -8.13 34.66
O1 SO4 H . 8.25 -9.16 35.68
O2 SO4 H . 7.47 -7.07 34.88
O3 SO4 H . 9.81 -7.58 34.76
O4 SO4 H . 8.26 -8.74 33.35
S SO4 I . -0.76 0.23 -0.74
O1 SO4 I . -1.62 0.73 -1.80
O2 SO4 I . -0.34 1.34 0.13
O3 SO4 I . -1.48 -0.78 0.03
O4 SO4 I . 0.40 -0.41 -1.35
#